data_8J5Y
#
_entry.id   8J5Y
#
_cell.length_a   1.00
_cell.length_b   1.00
_cell.length_c   1.00
_cell.angle_alpha   90.00
_cell.angle_beta   90.00
_cell.angle_gamma   90.00
#
_symmetry.space_group_name_H-M   'P 1'
#
loop_
_entity.id
_entity.type
_entity.pdbx_description
1 polymer "Polynucleotide 5'-hydroxyl-kinase GRC3"
2 polymer 'LAS1 isoform 1'
#
loop_
_entity_poly.entity_id
_entity_poly.type
_entity_poly.pdbx_seq_one_letter_code
_entity_poly.pdbx_strand_id
1 'polypeptide(L)'
;MVIDSKQDLPQYTKDSGSESDSDSSNNFIVESPSIPSSKSATVVLNSEEYEDDEGDDLNGLDAELIDNITYEGDEDETMF
VGLKEKQKLHLSGVFRLQVVKGGIVYNNVHYNASREILTFWHPLSQSIPTIDFSHFAGWQDTFFMPRNNRFKIRDEEFKS
FPCVLRVFNSNHTGLLEAGHLYRDVNYLWKPKEPYFPLNERTTYHLLHESDRIQSLSVPGYWSTPLEKLYLSHKNAAYDT
RIMVIGGKNSGKSTFLRLLLEKFTQDIRDSTTSQEELVYLDLDPGQPEYSLPDSISLNKILSSPISLGQHLCQGSNFQTL
LQFYAGSSSPQDEPTSYLNCADKLIDHLEEQAFFGTSLLNLPGWIKGFGMQILNHIIRKYKPTHLLFLETANSKRHLDEL
TIPQSFSTSLRDAYAPEVVRVPAHSLNHTLSSRFHASQLRTFKILALFHKITQFDYDFAPLLKSAPLQISYGKGKSGIKG
IQFPMEFQDLNPQDIKSALEGTVIGIYTYSGEDSLEVKSLNTFPILQSCTSSSKNFITLGLIHSIDTSQQIMNIYVPPCH
TQILDKQPEDAQWIIVRNKTETPFCDFLPSPRTITWDDNIQIPFATFERRKKLEHVWKVRKNVMRRGQFMKR
;
A,B
2 'polypeptide(L)'
;MIPPRIVPWRDFAELEELKLWFYPKSKGTIEDKRQRAVQRVQSYRLKGSQYLPHVVDSTAQITCAVLLDEKEACLGVHQD
SIPIRLSYVMALIRFVNGLLDPTQQSQFAIPLHTLAAKIGLPSWFVDLRHWGTHERDLPGLEMLRWAANEALSWLYDHYW
NDEELEDDRDDDDDDDDTGYGYRRNDKLEKYMESLTKTLDKWKRLRNEFLEYKWVWENANDSLITSSNFSGDNLVNYDAE
KRKSSHASSSETMIRENLRQWQELWKLSIYHNVVLEKFFNNYDPLLLKVLMLNLNNFDWKVIEWVARNYRTQQDDSNITT
ILKRKFNAWKELQKRLLDVIINNLNNKNFKNKWQNWEKLIDENASYLILYFCQSMLAKLETEKITGNSWRNKKRRKQIDS
TVEIEAKLKENIDNLSLRFNEGEIKLYDFIPAEKDSVPLKKEVSPALKADTNDILGDLASLKQRMSSFGTVGKKNKQEEN
RATPVKNWSRVQNWKPKPFGVL
;
C,D
#
# COMPACT_ATOMS: atom_id res chain seq x y z
N LEU A 65 -33.06 49.67 -15.21
CA LEU A 65 -33.60 48.35 -14.88
C LEU A 65 -34.48 47.84 -16.01
N ILE A 66 -34.52 48.59 -17.11
CA ILE A 66 -35.33 48.25 -18.27
C ILE A 66 -34.41 48.12 -19.48
N ASP A 67 -34.56 47.03 -20.23
CA ASP A 67 -33.75 46.80 -21.42
C ASP A 67 -33.99 47.89 -22.46
N ASN A 68 -32.93 48.32 -23.15
CA ASN A 68 -33.02 49.42 -24.09
C ASN A 68 -32.13 49.14 -25.30
N ILE A 69 -32.52 49.71 -26.43
CA ILE A 69 -31.77 49.68 -27.68
C ILE A 69 -31.52 48.24 -28.10
N THR A 70 -32.60 47.47 -28.27
CA THR A 70 -32.50 46.11 -28.81
C THR A 70 -32.56 46.20 -30.33
N TYR A 71 -31.47 46.72 -30.90
CA TYR A 71 -31.43 46.99 -32.33
C TYR A 71 -31.11 45.71 -33.10
N GLU A 72 -31.92 45.43 -34.11
CA GLU A 72 -31.70 44.22 -34.91
C GLU A 72 -30.40 44.30 -35.71
N GLY A 73 -30.21 45.39 -36.44
CA GLY A 73 -28.98 45.58 -37.18
C GLY A 73 -28.70 44.53 -38.24
N ASP A 74 -29.75 44.08 -38.94
CA ASP A 74 -29.73 43.06 -40.01
C ASP A 74 -28.73 41.95 -39.62
N GLU A 75 -27.86 41.51 -40.53
CA GLU A 75 -26.91 40.47 -40.21
C GLU A 75 -25.85 40.98 -39.25
N ASP A 76 -25.31 40.06 -38.45
CA ASP A 76 -24.31 40.13 -37.36
C ASP A 76 -24.92 40.65 -36.06
N GLU A 77 -26.19 41.04 -36.07
CA GLU A 77 -26.91 41.42 -34.86
C GLU A 77 -26.17 42.50 -34.08
N THR A 78 -25.76 43.56 -34.77
CA THR A 78 -25.12 44.68 -34.11
C THR A 78 -26.12 45.41 -33.22
N MET A 79 -25.63 46.00 -32.13
CA MET A 79 -26.48 46.69 -31.19
C MET A 79 -25.70 47.83 -30.55
N PHE A 80 -26.44 48.80 -30.00
CA PHE A 80 -25.86 49.95 -29.34
C PHE A 80 -26.25 49.95 -27.87
N VAL A 81 -25.47 50.67 -27.07
CA VAL A 81 -25.67 50.71 -25.62
C VAL A 81 -25.72 52.16 -25.18
N GLY A 82 -26.56 52.43 -24.18
CA GLY A 82 -26.56 53.71 -23.49
C GLY A 82 -25.42 53.74 -22.48
N LEU A 83 -24.66 54.83 -22.52
CA LEU A 83 -23.37 54.86 -21.82
C LEU A 83 -23.51 55.47 -20.43
N LYS A 84 -24.16 56.62 -20.32
CA LYS A 84 -24.17 57.37 -19.07
C LYS A 84 -25.10 56.74 -18.04
N GLU A 85 -25.83 55.69 -18.44
CA GLU A 85 -26.75 55.03 -17.52
C GLU A 85 -26.00 54.49 -16.30
N LYS A 86 -26.66 54.60 -15.14
CA LYS A 86 -26.07 54.24 -13.87
C LYS A 86 -25.94 52.73 -13.68
N GLN A 87 -26.44 51.93 -14.62
CA GLN A 87 -26.34 50.48 -14.57
C GLN A 87 -25.11 50.03 -15.36
N LYS A 88 -24.23 49.28 -14.71
CA LYS A 88 -23.02 48.81 -15.36
C LYS A 88 -23.37 47.80 -16.44
N LEU A 89 -22.62 47.81 -17.53
CA LEU A 89 -22.85 46.88 -18.62
C LEU A 89 -22.33 45.49 -18.25
N HIS A 90 -23.18 44.49 -18.43
CA HIS A 90 -22.81 43.09 -18.27
C HIS A 90 -23.18 42.35 -19.55
N LEU A 91 -22.21 41.60 -20.07
CA LEU A 91 -22.42 40.97 -21.37
C LEU A 91 -21.57 39.70 -21.42
N SER A 92 -22.06 38.72 -22.17
CA SER A 92 -21.45 37.39 -22.21
C SER A 92 -21.40 36.90 -23.65
N GLY A 93 -20.30 36.24 -24.01
CA GLY A 93 -20.15 35.66 -25.32
C GLY A 93 -18.82 35.99 -25.97
N VAL A 94 -18.71 35.73 -27.27
CA VAL A 94 -17.56 36.12 -28.06
C VAL A 94 -18.02 37.24 -28.98
N PHE A 95 -17.71 38.48 -28.63
CA PHE A 95 -18.18 39.63 -29.40
C PHE A 95 -17.01 40.57 -29.65
N ARG A 96 -17.33 41.74 -30.18
CA ARG A 96 -16.33 42.78 -30.32
C ARG A 96 -17.03 44.13 -30.28
N LEU A 97 -16.44 45.07 -29.56
CA LEU A 97 -17.03 46.40 -29.38
C LEU A 97 -16.07 47.48 -29.85
N GLN A 98 -16.65 48.50 -30.48
CA GLN A 98 -15.97 49.73 -30.82
C GLN A 98 -16.74 50.88 -30.17
N VAL A 99 -16.12 51.50 -29.18
CA VAL A 99 -16.78 52.56 -28.41
C VAL A 99 -16.69 53.88 -29.18
N VAL A 100 -17.80 54.60 -29.20
CA VAL A 100 -17.88 55.85 -29.95
C VAL A 100 -17.37 57.02 -29.11
N LYS A 101 -18.04 57.28 -27.99
CA LYS A 101 -17.66 58.39 -27.12
C LYS A 101 -17.69 57.92 -25.67
N GLY A 102 -16.91 58.58 -24.83
CA GLY A 102 -16.90 58.27 -23.41
C GLY A 102 -15.93 57.16 -23.07
N GLY A 103 -15.43 57.15 -21.84
CA GLY A 103 -14.50 56.12 -21.43
C GLY A 103 -15.18 54.89 -20.89
N ILE A 104 -14.61 53.74 -21.21
CA ILE A 104 -15.09 52.47 -20.67
C ILE A 104 -14.03 51.92 -19.74
N VAL A 105 -14.49 51.14 -18.77
CA VAL A 105 -13.61 50.54 -17.77
C VAL A 105 -13.83 49.04 -17.78
N TYR A 106 -12.82 48.29 -18.19
CA TYR A 106 -12.83 46.84 -18.12
C TYR A 106 -11.76 46.41 -17.11
N ASN A 107 -12.20 45.98 -15.94
CA ASN A 107 -11.30 45.53 -14.88
C ASN A 107 -10.34 46.64 -14.47
N ASN A 108 -10.91 47.75 -13.97
CA ASN A 108 -10.18 48.94 -13.53
C ASN A 108 -9.08 49.35 -14.51
N VAL A 109 -9.35 49.12 -15.81
CA VAL A 109 -8.48 49.59 -16.88
C VAL A 109 -9.29 50.50 -17.78
N HIS A 110 -8.73 51.67 -18.10
CA HIS A 110 -9.43 52.68 -18.87
C HIS A 110 -9.03 52.58 -20.34
N TYR A 111 -10.03 52.50 -21.22
CA TYR A 111 -9.81 52.44 -22.66
C TYR A 111 -10.48 53.66 -23.29
N ASN A 112 -9.71 54.41 -24.06
CA ASN A 112 -10.24 55.60 -24.71
C ASN A 112 -11.15 55.21 -25.88
N ALA A 113 -11.96 56.17 -26.32
CA ALA A 113 -12.94 55.95 -27.37
C ALA A 113 -12.40 56.27 -28.76
N SER A 114 -11.10 56.09 -28.99
CA SER A 114 -10.47 56.51 -30.24
C SER A 114 -10.72 55.47 -31.34
N ARG A 115 -12.01 55.17 -31.54
CA ARG A 115 -12.52 54.35 -32.65
C ARG A 115 -11.61 53.16 -32.98
N GLU A 116 -11.28 52.38 -31.96
CA GLU A 116 -10.51 51.15 -32.14
C GLU A 116 -11.39 49.96 -31.76
N ILE A 117 -11.20 48.84 -32.45
CA ILE A 117 -12.04 47.66 -32.23
C ILE A 117 -11.41 46.80 -31.14
N LEU A 118 -12.25 46.19 -30.30
CA LEU A 118 -11.79 45.36 -29.19
C LEU A 118 -12.58 44.07 -29.19
N THR A 119 -11.88 42.94 -29.37
CA THR A 119 -12.53 41.63 -29.28
C THR A 119 -12.62 41.19 -27.83
N PHE A 120 -13.77 40.63 -27.46
CA PHE A 120 -14.04 40.22 -26.09
C PHE A 120 -14.48 38.77 -26.08
N TRP A 121 -13.86 37.99 -25.21
CA TRP A 121 -14.23 36.60 -24.97
C TRP A 121 -14.75 36.49 -23.53
N HIS A 122 -16.00 36.10 -23.37
CA HIS A 122 -16.64 36.03 -22.05
C HIS A 122 -17.29 34.67 -21.85
N PRO A 123 -16.48 33.64 -21.62
CA PRO A 123 -17.06 32.32 -21.33
C PRO A 123 -17.69 32.28 -19.95
N LEU A 124 -18.67 31.40 -19.79
CA LEU A 124 -19.28 31.23 -18.47
C LEU A 124 -18.41 30.36 -17.56
N SER A 125 -17.35 29.75 -18.12
CA SER A 125 -16.44 28.96 -17.30
C SER A 125 -15.77 29.82 -16.25
N GLN A 126 -15.30 31.00 -16.64
CA GLN A 126 -14.77 31.95 -15.68
C GLN A 126 -15.81 33.02 -15.38
N SER A 127 -15.71 33.60 -14.20
CA SER A 127 -16.57 34.70 -13.83
C SER A 127 -16.41 35.86 -14.79
N ILE A 128 -17.54 36.35 -15.30
CA ILE A 128 -17.58 37.31 -16.40
C ILE A 128 -17.50 38.72 -15.83
N PRO A 129 -16.49 39.50 -16.17
CA PRO A 129 -16.39 40.88 -15.67
C PRO A 129 -17.36 41.82 -16.37
N THR A 130 -17.89 42.76 -15.59
CA THR A 130 -18.77 43.78 -16.14
C THR A 130 -17.95 44.88 -16.81
N ILE A 131 -18.62 45.64 -17.67
CA ILE A 131 -18.02 46.79 -18.35
C ILE A 131 -18.62 48.04 -17.76
N ASP A 132 -17.80 48.89 -17.18
CA ASP A 132 -18.24 50.09 -16.51
C ASP A 132 -18.11 51.29 -17.43
N PHE A 133 -18.85 52.35 -17.12
CA PHE A 133 -18.72 53.62 -17.83
C PHE A 133 -18.00 54.63 -16.95
N SER A 134 -17.28 55.54 -17.60
CA SER A 134 -16.54 56.57 -16.89
C SER A 134 -16.33 57.75 -17.83
N HIS A 135 -16.19 58.93 -17.24
CA HIS A 135 -15.94 60.16 -17.98
C HIS A 135 -14.59 60.07 -18.69
N PHE A 136 -14.47 60.73 -19.84
CA PHE A 136 -15.52 61.54 -20.46
C PHE A 136 -15.41 61.45 -21.98
N ALA A 137 -16.52 61.62 -22.71
CA ALA A 137 -17.86 61.80 -22.18
C ALA A 137 -18.86 61.15 -23.13
N GLY A 138 -19.79 60.36 -22.59
CA GLY A 138 -20.75 59.66 -23.41
C GLY A 138 -22.15 59.71 -22.84
N TRP A 139 -23.12 59.79 -23.76
CA TRP A 139 -24.55 59.70 -23.41
C TRP A 139 -24.96 60.73 -22.36
N LEU A 165 -19.31 51.08 -33.41
CA LEU A 165 -20.38 50.13 -33.73
C LEU A 165 -20.92 49.49 -32.47
N ARG A 166 -20.38 49.89 -31.32
CA ARG A 166 -20.74 49.32 -30.01
C ARG A 166 -20.50 47.82 -30.11
N VAL A 167 -21.35 46.98 -29.54
CA VAL A 167 -21.11 45.54 -29.47
C VAL A 167 -21.73 44.88 -30.70
N PHE A 168 -20.95 44.01 -31.36
CA PHE A 168 -21.46 43.23 -32.47
C PHE A 168 -20.71 41.90 -32.56
N ASN A 169 -21.29 40.98 -33.31
CA ASN A 169 -20.81 39.60 -33.34
C ASN A 169 -19.37 39.53 -33.87
N SER A 170 -18.56 38.70 -33.20
CA SER A 170 -17.23 38.41 -33.68
C SER A 170 -17.29 37.46 -34.87
N ASN A 171 -16.23 37.48 -35.68
CA ASN A 171 -16.17 36.66 -36.89
C ASN A 171 -15.74 35.22 -36.57
N HIS A 172 -16.56 34.57 -35.73
CA HIS A 172 -16.37 33.17 -35.37
C HIS A 172 -17.66 32.43 -35.68
N THR A 173 -17.73 31.82 -36.87
CA THR A 173 -18.98 31.26 -37.34
C THR A 173 -19.35 29.98 -36.60
N GLY A 174 -18.38 29.08 -36.40
CA GLY A 174 -18.69 27.77 -35.89
C GLY A 174 -18.42 27.55 -34.42
N LEU A 175 -17.82 28.54 -33.76
CA LEU A 175 -17.46 28.37 -32.35
C LEU A 175 -18.68 28.19 -31.47
N LEU A 176 -19.78 28.89 -31.79
CA LEU A 176 -20.95 28.86 -30.94
C LEU A 176 -21.77 27.59 -31.09
N GLU A 177 -21.54 26.81 -32.14
CA GLU A 177 -22.31 25.59 -32.39
C GLU A 177 -21.67 24.35 -31.79
N ALA A 178 -20.60 24.51 -31.00
CA ALA A 178 -19.91 23.36 -30.42
C ALA A 178 -20.86 22.53 -29.56
N GLY A 179 -21.92 23.15 -29.02
CA GLY A 179 -22.87 22.41 -28.23
C GLY A 179 -23.53 21.29 -28.99
N HIS A 180 -23.62 21.43 -30.31
CA HIS A 180 -24.19 20.36 -31.12
C HIS A 180 -23.32 19.12 -31.08
N LEU A 181 -22.00 19.29 -30.97
CA LEU A 181 -21.11 18.14 -30.92
C LEU A 181 -20.82 17.71 -29.48
N TYR A 182 -20.47 18.65 -28.62
CA TYR A 182 -20.23 18.38 -27.21
C TYR A 182 -21.40 18.93 -26.41
N ARG A 183 -22.17 18.03 -25.80
CA ARG A 183 -23.39 18.43 -25.11
C ARG A 183 -23.09 19.26 -23.88
N ASP A 184 -21.96 19.00 -23.21
CA ASP A 184 -21.67 19.66 -21.94
C ASP A 184 -21.35 21.14 -22.14
N VAL A 185 -20.73 21.50 -23.26
CA VAL A 185 -20.22 22.85 -23.45
C VAL A 185 -21.29 23.67 -24.17
N ASN A 186 -22.51 23.13 -24.24
CA ASN A 186 -23.58 23.80 -24.97
C ASN A 186 -23.93 25.15 -24.35
N TYR A 187 -23.59 25.33 -23.07
CA TYR A 187 -23.98 26.51 -22.33
C TYR A 187 -22.78 27.37 -21.95
N LEU A 188 -21.66 27.23 -22.66
CA LEU A 188 -20.43 27.94 -22.31
C LEU A 188 -20.56 29.44 -22.54
N TRP A 189 -21.28 29.84 -23.59
CA TRP A 189 -21.40 31.25 -23.92
C TRP A 189 -22.76 31.83 -23.56
N LYS A 190 -23.79 30.99 -23.44
CA LYS A 190 -25.13 31.44 -23.10
C LYS A 190 -25.61 30.69 -21.86
N PRO A 191 -26.40 31.32 -20.99
CA PRO A 191 -26.91 30.61 -19.82
C PRO A 191 -27.99 29.61 -20.18
N LYS A 192 -28.32 28.74 -19.22
CA LYS A 192 -29.29 27.68 -19.46
C LYS A 192 -30.69 28.24 -19.67
N GLU A 193 -31.26 28.87 -18.65
CA GLU A 193 -32.51 29.60 -18.77
C GLU A 193 -32.17 31.06 -18.52
N PRO A 194 -32.27 31.92 -19.53
CA PRO A 194 -31.64 33.24 -19.43
C PRO A 194 -32.55 34.34 -18.94
N TYR A 195 -33.85 34.06 -18.80
CA TYR A 195 -34.85 35.08 -18.52
C TYR A 195 -34.77 36.21 -19.57
N PHE A 196 -34.48 35.81 -20.80
CA PHE A 196 -34.22 36.72 -21.91
C PHE A 196 -34.53 36.00 -23.21
N PRO A 197 -35.09 36.69 -24.19
CA PRO A 197 -35.39 36.05 -25.49
C PRO A 197 -34.10 35.69 -26.21
N LEU A 198 -33.81 34.40 -26.26
CA LEU A 198 -32.57 33.94 -26.89
C LEU A 198 -32.67 34.02 -28.40
N ASN A 199 -31.62 34.52 -29.03
CA ASN A 199 -31.53 34.60 -30.48
C ASN A 199 -30.33 33.80 -30.95
N GLU A 200 -30.55 32.90 -31.92
CA GLU A 200 -29.47 32.04 -32.38
C GLU A 200 -28.45 32.81 -33.21
N ARG A 201 -28.81 34.01 -33.66
CA ARG A 201 -27.94 34.79 -34.55
C ARG A 201 -27.00 35.72 -33.80
N THR A 202 -27.03 35.73 -32.47
CA THR A 202 -26.18 36.62 -31.67
C THR A 202 -25.16 35.78 -30.91
N THR A 203 -23.88 36.16 -31.00
CA THR A 203 -22.86 35.49 -30.22
C THR A 203 -22.76 36.08 -28.82
N TYR A 204 -23.43 37.20 -28.57
CA TYR A 204 -23.44 37.88 -27.29
C TYR A 204 -24.82 37.83 -26.68
N HIS A 205 -24.88 37.77 -25.35
CA HIS A 205 -26.14 37.72 -24.61
C HIS A 205 -26.05 38.60 -23.37
N LEU A 206 -27.15 39.28 -23.07
CA LEU A 206 -27.22 40.23 -21.97
C LEU A 206 -27.77 39.53 -20.73
N LEU A 207 -27.10 39.74 -19.59
CA LEU A 207 -27.50 39.13 -18.33
C LEU A 207 -27.60 40.22 -17.27
N HIS A 208 -28.74 40.27 -16.56
CA HIS A 208 -29.00 41.30 -15.56
C HIS A 208 -29.59 40.67 -14.29
N GLU A 209 -28.71 40.19 -13.41
CA GLU A 209 -29.07 39.82 -12.04
C GLU A 209 -30.10 38.71 -11.95
N SER A 210 -30.53 38.17 -13.10
CA SER A 210 -31.60 37.17 -13.08
C SER A 210 -31.02 35.76 -13.07
N ASP A 211 -29.89 35.55 -13.74
CA ASP A 211 -29.32 34.22 -13.87
C ASP A 211 -28.44 33.89 -12.67
N ARG A 212 -28.10 32.59 -12.56
CA ARG A 212 -27.38 32.10 -11.39
C ARG A 212 -25.96 32.64 -11.32
N ILE A 213 -25.41 33.06 -12.47
CA ILE A 213 -24.00 33.43 -12.51
C ILE A 213 -23.77 34.72 -11.75
N GLN A 214 -22.50 34.99 -11.44
CA GLN A 214 -22.08 36.21 -10.75
C GLN A 214 -20.92 36.85 -11.49
N SER A 215 -20.79 38.17 -11.35
CA SER A 215 -19.71 38.93 -11.96
C SER A 215 -18.70 39.25 -10.87
N LEU A 216 -17.43 38.93 -11.11
CA LEU A 216 -16.42 39.07 -10.07
C LEU A 216 -16.07 40.53 -9.82
N SER A 217 -16.18 41.37 -10.83
CA SER A 217 -15.69 42.75 -10.81
C SER A 217 -14.19 42.66 -10.54
N VAL A 218 -13.64 43.44 -9.60
CA VAL A 218 -12.25 43.32 -9.20
C VAL A 218 -12.19 43.40 -7.67
N PRO A 219 -11.54 42.45 -7.00
CA PRO A 219 -11.46 42.52 -5.54
C PRO A 219 -10.56 43.66 -5.09
N GLY A 220 -10.95 44.30 -3.99
CA GLY A 220 -10.13 45.36 -3.44
C GLY A 220 -8.81 44.84 -2.88
N TYR A 221 -8.82 43.62 -2.35
CA TYR A 221 -7.61 43.06 -1.76
C TYR A 221 -6.51 42.86 -2.80
N TRP A 222 -6.86 42.36 -3.99
CA TRP A 222 -5.86 42.18 -5.04
C TRP A 222 -5.48 43.51 -5.67
N SER A 223 -6.29 44.54 -5.46
CA SER A 223 -6.08 45.80 -6.17
C SER A 223 -4.73 46.43 -5.84
N THR A 224 -4.44 46.60 -4.55
CA THR A 224 -3.24 47.34 -4.16
C THR A 224 -1.94 46.73 -4.68
N PRO A 225 -1.65 45.42 -4.52
CA PRO A 225 -0.43 44.87 -5.10
C PRO A 225 -0.42 44.99 -6.62
N LEU A 226 -1.59 44.89 -7.22
CA LEU A 226 -1.70 44.99 -8.67
C LEU A 226 -1.36 46.39 -9.15
N GLU A 227 -1.87 47.42 -8.45
CA GLU A 227 -1.59 48.79 -8.88
C GLU A 227 -0.17 49.19 -8.52
N LYS A 228 0.41 48.56 -7.50
CA LYS A 228 1.83 48.73 -7.26
C LYS A 228 2.67 48.10 -8.36
N LEU A 229 2.27 46.91 -8.83
CA LEU A 229 3.02 46.25 -9.90
C LEU A 229 2.80 46.97 -11.23
N TYR A 230 1.75 47.79 -11.33
CA TYR A 230 1.70 48.77 -12.41
C TYR A 230 2.92 49.67 -12.39
N LEU A 231 3.25 50.22 -11.22
CA LEU A 231 4.30 51.23 -11.13
C LEU A 231 5.69 50.68 -11.39
N SER A 232 5.88 49.36 -11.32
CA SER A 232 7.19 48.77 -11.51
C SER A 232 7.46 48.38 -12.95
N HIS A 233 6.63 48.84 -13.89
CA HIS A 233 6.89 48.57 -15.29
C HIS A 233 7.65 49.74 -15.94
N LYS A 234 7.06 50.94 -15.90
CA LYS A 234 7.71 52.09 -16.51
C LYS A 234 8.92 52.54 -15.70
N ASN A 235 8.80 52.58 -14.37
CA ASN A 235 9.87 53.11 -13.54
C ASN A 235 11.03 52.12 -13.42
N ALA A 236 10.81 50.86 -13.82
CA ALA A 236 11.88 49.88 -13.74
C ALA A 236 13.03 50.21 -14.68
N ALA A 237 12.70 50.66 -15.91
CA ALA A 237 13.66 50.97 -16.97
C ALA A 237 14.50 49.76 -17.37
N TYR A 238 14.09 48.56 -16.98
CA TYR A 238 14.82 47.34 -17.32
C TYR A 238 13.82 46.21 -17.50
N ASP A 239 14.33 45.05 -17.90
CA ASP A 239 13.48 43.87 -18.07
C ASP A 239 12.84 43.48 -16.75
N THR A 240 11.52 43.33 -16.77
CA THR A 240 10.74 42.99 -15.59
C THR A 240 9.98 41.70 -15.87
N ARG A 241 10.48 40.60 -15.34
CA ARG A 241 9.89 39.28 -15.57
C ARG A 241 9.12 38.85 -14.32
N ILE A 242 7.85 38.52 -14.49
CA ILE A 242 6.94 38.25 -13.39
C ILE A 242 6.60 36.77 -13.42
N MET A 243 6.81 36.10 -12.29
CA MET A 243 6.43 34.71 -12.11
C MET A 243 5.42 34.60 -10.98
N VAL A 244 4.29 33.97 -11.26
CA VAL A 244 3.15 33.95 -10.36
C VAL A 244 2.80 32.50 -10.04
N ILE A 245 2.68 32.19 -8.75
CA ILE A 245 2.37 30.84 -8.29
C ILE A 245 1.06 30.87 -7.53
N GLY A 246 0.22 29.88 -7.79
CA GLY A 246 -1.04 29.74 -7.07
C GLY A 246 -1.70 28.44 -7.45
N GLY A 247 -2.37 27.84 -6.48
CA GLY A 247 -3.00 26.55 -6.70
C GLY A 247 -4.22 26.66 -7.59
N LYS A 248 -4.70 25.50 -8.05
CA LYS A 248 -5.92 25.47 -8.83
C LYS A 248 -7.08 25.96 -7.98
N ASN A 249 -7.95 26.75 -8.61
CA ASN A 249 -9.11 27.44 -8.04
C ASN A 249 -8.68 28.65 -7.21
N SER A 250 -7.37 28.91 -7.07
CA SER A 250 -6.94 30.12 -6.38
C SER A 250 -7.09 31.35 -7.26
N GLY A 251 -6.89 31.19 -8.56
CA GLY A 251 -7.07 32.27 -9.50
C GLY A 251 -5.80 32.90 -10.04
N LYS A 252 -4.76 32.11 -10.31
CA LYS A 252 -3.56 32.68 -10.93
C LYS A 252 -3.84 33.12 -12.36
N SER A 253 -4.71 32.40 -13.07
CA SER A 253 -4.99 32.73 -14.46
C SER A 253 -5.61 34.11 -14.58
N THR A 254 -6.59 34.43 -13.74
CA THR A 254 -7.23 35.74 -13.77
C THR A 254 -6.26 36.87 -13.46
N PHE A 255 -5.44 36.73 -12.42
CA PHE A 255 -4.46 37.75 -12.08
C PHE A 255 -3.48 37.94 -13.24
N LEU A 256 -3.01 36.84 -13.82
CA LEU A 256 -2.04 36.97 -14.90
C LEU A 256 -2.66 37.62 -16.12
N ARG A 257 -3.94 37.31 -16.39
CA ARG A 257 -4.63 38.02 -17.47
C ARG A 257 -4.69 39.52 -17.19
N LEU A 258 -5.30 39.91 -16.06
CA LEU A 258 -5.29 41.31 -15.63
C LEU A 258 -3.93 41.96 -15.86
N LEU A 259 -2.87 41.29 -15.44
CA LEU A 259 -1.52 41.82 -15.61
C LEU A 259 -1.18 41.95 -17.09
N LEU A 260 -1.60 40.99 -17.90
CA LEU A 260 -1.24 40.98 -19.32
C LEU A 260 -1.90 42.11 -20.09
N GLU A 261 -3.21 42.31 -19.90
CA GLU A 261 -3.85 43.46 -20.54
C GLU A 261 -3.36 44.77 -19.95
N LYS A 262 -3.00 44.78 -18.68
CA LYS A 262 -2.45 45.99 -18.09
C LYS A 262 -1.15 46.41 -18.79
N PHE A 263 -0.28 45.44 -19.05
CA PHE A 263 0.95 45.72 -19.76
C PHE A 263 0.69 46.06 -21.23
N THR A 264 -0.25 45.36 -21.87
CA THR A 264 -0.52 45.63 -23.28
C THR A 264 -1.05 47.05 -23.47
N GLN A 265 -1.92 47.50 -22.57
CA GLN A 265 -2.40 48.87 -22.64
C GLN A 265 -1.26 49.86 -22.50
N ASP A 266 -0.34 49.59 -21.58
CA ASP A 266 0.82 50.48 -21.40
C ASP A 266 1.70 50.46 -22.65
N ILE A 267 1.80 49.31 -23.32
CA ILE A 267 2.58 49.22 -24.54
C ILE A 267 1.96 50.08 -25.63
N ARG A 268 0.64 50.01 -25.79
CA ARG A 268 0.01 50.74 -26.89
C ARG A 268 0.19 52.25 -26.76
N ASP A 269 -0.02 52.79 -25.56
CA ASP A 269 -0.03 54.24 -25.39
C ASP A 269 1.34 54.82 -25.07
N SER A 270 2.39 53.99 -25.05
CA SER A 270 3.75 54.45 -24.83
C SER A 270 4.54 54.30 -26.11
N THR A 271 5.24 55.36 -26.51
CA THR A 271 6.05 55.37 -27.71
C THR A 271 7.47 55.81 -27.36
N THR A 272 8.46 55.06 -27.83
CA THR A 272 8.23 53.83 -28.56
C THR A 272 8.41 52.62 -27.66
N SER A 273 7.33 51.85 -27.46
CA SER A 273 7.36 50.66 -26.61
C SER A 273 7.33 49.43 -27.50
N GLN A 274 8.51 48.86 -27.74
CA GLN A 274 8.64 47.65 -28.54
C GLN A 274 8.92 46.41 -27.70
N GLU A 275 8.62 46.44 -26.40
CA GLU A 275 8.85 45.32 -25.50
C GLU A 275 7.56 44.50 -25.37
N GLU A 276 7.19 43.84 -26.46
CA GLU A 276 5.98 43.03 -26.47
C GLU A 276 6.11 41.86 -25.51
N LEU A 277 5.02 41.56 -24.83
CA LEU A 277 5.00 40.51 -23.82
C LEU A 277 5.32 39.16 -24.44
N VAL A 278 6.02 38.33 -23.68
CA VAL A 278 6.23 36.93 -24.04
C VAL A 278 5.70 36.05 -22.91
N TYR A 279 4.50 35.51 -23.10
CA TYR A 279 3.91 34.63 -22.11
C TYR A 279 4.63 33.29 -22.10
N LEU A 280 4.64 32.66 -20.93
CA LEU A 280 5.35 31.41 -20.71
C LEU A 280 4.43 30.46 -19.94
N ASP A 281 3.64 29.69 -20.69
CA ASP A 281 2.69 28.75 -20.11
C ASP A 281 3.44 27.46 -19.83
N LEU A 282 3.79 27.24 -18.56
CA LEU A 282 4.35 25.97 -18.11
C LEU A 282 3.30 25.10 -17.42
N ASP A 283 2.03 25.47 -17.49
CA ASP A 283 0.97 24.69 -16.87
C ASP A 283 0.21 23.91 -17.92
N PRO A 284 0.32 22.59 -17.95
CA PRO A 284 -0.52 21.77 -18.84
C PRO A 284 -1.86 21.38 -18.25
N GLY A 285 -2.08 21.59 -16.95
CA GLY A 285 -3.34 21.24 -16.32
C GLY A 285 -4.49 22.11 -16.76
N GLN A 286 -4.32 23.42 -16.64
CA GLN A 286 -5.29 24.40 -17.15
C GLN A 286 -4.55 25.39 -18.03
N PRO A 287 -4.17 24.96 -19.23
CA PRO A 287 -3.29 25.79 -20.06
C PRO A 287 -4.03 26.94 -20.69
N GLU A 288 -3.37 28.09 -20.74
CA GLU A 288 -3.82 29.23 -21.50
C GLU A 288 -2.71 29.63 -22.45
N TYR A 289 -3.06 29.81 -23.73
CA TYR A 289 -2.20 30.19 -24.84
C TYR A 289 -1.42 29.02 -25.42
N SER A 290 -1.71 27.77 -25.05
CA SER A 290 -0.91 26.65 -25.50
C SER A 290 -1.78 25.50 -25.96
N LEU A 291 -1.15 24.53 -26.62
CA LEU A 291 -1.86 23.36 -27.12
C LEU A 291 -2.26 22.46 -25.96
N PRO A 292 -3.23 21.56 -26.15
CA PRO A 292 -3.63 20.66 -25.06
C PRO A 292 -2.48 19.82 -24.53
N ASP A 293 -2.37 19.71 -23.21
CA ASP A 293 -1.30 18.95 -22.55
C ASP A 293 0.06 19.34 -23.09
N SER A 294 0.29 20.63 -23.25
CA SER A 294 1.51 21.14 -23.84
C SER A 294 2.03 22.32 -23.03
N ILE A 295 3.28 22.69 -23.32
CA ILE A 295 3.99 23.77 -22.66
C ILE A 295 4.48 24.71 -23.75
N SER A 296 4.43 26.03 -23.50
CA SER A 296 4.76 26.92 -24.61
C SER A 296 5.30 28.26 -24.13
N LEU A 297 6.35 28.72 -24.80
CA LEU A 297 6.78 30.12 -24.72
C LEU A 297 6.32 30.81 -26.00
N ASN A 298 5.46 31.82 -25.85
CA ASN A 298 4.80 32.41 -27.01
C ASN A 298 4.65 33.91 -26.82
N LYS A 299 4.96 34.65 -27.88
CA LYS A 299 4.85 36.10 -27.86
C LYS A 299 3.39 36.54 -27.82
N ILE A 300 3.14 37.65 -27.15
CA ILE A 300 1.79 38.21 -27.01
C ILE A 300 1.72 39.45 -27.88
N LEU A 301 0.75 39.47 -28.79
CA LEU A 301 0.62 40.58 -29.73
C LEU A 301 -0.17 41.71 -29.08
N SER A 302 0.34 42.94 -29.22
CA SER A 302 -0.33 44.09 -28.64
C SER A 302 -1.69 44.33 -29.28
N SER A 303 -1.77 44.18 -30.60
CA SER A 303 -3.00 44.36 -31.35
C SER A 303 -3.20 43.17 -32.27
N PRO A 304 -4.46 42.79 -32.55
CA PRO A 304 -5.72 43.41 -32.11
C PRO A 304 -6.05 43.16 -30.64
N ILE A 305 -6.98 43.94 -30.10
CA ILE A 305 -7.26 43.91 -28.67
C ILE A 305 -8.14 42.70 -28.35
N SER A 306 -7.77 41.94 -27.32
CA SER A 306 -8.57 40.80 -26.87
C SER A 306 -8.58 40.78 -25.35
N LEU A 307 -9.77 40.66 -24.77
CA LEU A 307 -9.91 40.53 -23.32
C LEU A 307 -11.06 39.58 -23.02
N GLY A 308 -10.87 38.72 -22.03
CA GLY A 308 -9.56 38.46 -21.47
C GLY A 308 -9.16 37.00 -21.64
N GLN A 309 -10.14 36.11 -21.50
CA GLN A 309 -9.91 34.68 -21.47
C GLN A 309 -10.66 34.02 -22.62
N HIS A 310 -9.90 33.48 -23.58
CA HIS A 310 -10.46 32.98 -24.82
C HIS A 310 -10.36 31.47 -24.96
N LEU A 311 -10.00 30.76 -23.88
CA LEU A 311 -9.89 29.30 -23.91
C LEU A 311 -8.92 28.81 -24.97
N CYS A 312 -7.78 29.49 -25.11
CA CYS A 312 -6.72 29.19 -26.06
C CYS A 312 -7.16 29.37 -27.51
N GLN A 313 -8.37 29.84 -27.76
CA GLN A 313 -8.87 30.06 -29.11
C GLN A 313 -8.59 31.46 -29.62
N GLY A 314 -7.94 32.30 -28.81
CA GLY A 314 -7.70 33.67 -29.24
C GLY A 314 -6.60 33.76 -30.28
N SER A 315 -6.61 34.86 -31.01
CA SER A 315 -5.61 35.12 -32.04
C SER A 315 -4.58 36.18 -31.63
N ASN A 316 -4.51 36.51 -30.35
CA ASN A 316 -3.64 37.57 -29.86
C ASN A 316 -2.24 37.09 -29.50
N PHE A 317 -1.96 35.79 -29.65
CA PHE A 317 -0.66 35.24 -29.29
C PHE A 317 -0.10 34.45 -30.46
N GLN A 318 1.22 34.52 -30.63
CA GLN A 318 1.94 33.75 -31.63
C GLN A 318 2.95 32.85 -30.94
N THR A 319 2.88 31.55 -31.24
CA THR A 319 3.70 30.57 -30.55
C THR A 319 5.14 30.63 -31.06
N LEU A 320 6.09 30.85 -30.14
CA LEU A 320 7.50 30.83 -30.49
C LEU A 320 8.10 29.44 -30.34
N LEU A 321 7.81 28.76 -29.24
CA LEU A 321 8.33 27.43 -29.01
C LEU A 321 7.34 26.66 -28.15
N GLN A 322 7.20 25.38 -28.42
CA GLN A 322 6.29 24.55 -27.65
C GLN A 322 6.87 23.16 -27.51
N PHE A 323 6.42 22.47 -26.46
CA PHE A 323 6.83 21.12 -26.15
C PHE A 323 5.60 20.35 -25.70
N TYR A 324 5.62 19.04 -25.92
CA TYR A 324 4.48 18.18 -25.64
C TYR A 324 4.74 17.45 -24.35
N ALA A 325 4.26 18.01 -23.24
CA ALA A 325 4.31 17.28 -21.97
C ALA A 325 3.49 16.00 -22.05
N GLY A 326 2.33 16.07 -22.69
CA GLY A 326 1.52 14.90 -22.93
C GLY A 326 0.72 14.41 -21.74
N SER A 327 0.76 15.12 -20.62
CA SER A 327 0.03 14.72 -19.43
C SER A 327 -0.71 15.93 -18.87
N SER A 328 -1.83 15.65 -18.21
CA SER A 328 -2.58 16.72 -17.55
C SER A 328 -1.78 17.31 -16.39
N SER A 329 -0.88 16.53 -15.82
CA SER A 329 -0.06 16.96 -14.69
C SER A 329 1.41 16.72 -14.99
N PRO A 330 2.29 17.62 -14.57
CA PRO A 330 3.72 17.38 -14.73
C PRO A 330 4.24 16.20 -13.91
N GLN A 331 3.54 15.82 -12.84
CA GLN A 331 4.07 14.82 -11.92
C GLN A 331 4.31 13.49 -12.60
N ASP A 332 3.65 13.25 -13.73
CA ASP A 332 3.88 12.00 -14.46
C ASP A 332 5.31 11.92 -14.97
N GLU A 333 5.85 13.03 -15.47
CA GLU A 333 7.20 13.08 -16.02
C GLU A 333 7.93 14.30 -15.47
N PRO A 334 8.26 14.30 -14.18
CA PRO A 334 8.86 15.51 -13.59
C PRO A 334 10.18 15.91 -14.23
N THR A 335 11.18 15.01 -14.24
CA THR A 335 12.49 15.39 -14.79
C THR A 335 12.37 15.77 -16.25
N SER A 336 11.54 15.06 -17.01
CA SER A 336 11.27 15.50 -18.38
C SER A 336 10.64 16.89 -18.40
N TYR A 337 9.60 17.09 -17.58
CA TYR A 337 8.93 18.39 -17.55
C TYR A 337 9.92 19.50 -17.24
N LEU A 338 10.73 19.33 -16.19
CA LEU A 338 11.74 20.32 -15.87
C LEU A 338 12.69 20.53 -17.06
N ASN A 339 13.11 19.44 -17.70
CA ASN A 339 13.91 19.61 -18.91
C ASN A 339 13.13 20.38 -19.96
N CYS A 340 11.86 20.01 -20.16
CA CYS A 340 11.02 20.76 -21.08
C CYS A 340 10.89 22.22 -20.64
N ALA A 341 10.94 22.47 -19.34
CA ALA A 341 10.98 23.85 -18.87
C ALA A 341 12.33 24.49 -19.16
N ASP A 342 13.43 23.76 -18.90
CA ASP A 342 14.76 24.34 -19.04
C ASP A 342 15.02 24.77 -20.46
N LYS A 343 14.52 24.01 -21.44
CA LYS A 343 14.70 24.38 -22.84
C LYS A 343 13.90 25.63 -23.21
N LEU A 344 12.79 25.89 -22.53
CA LEU A 344 12.02 27.10 -22.85
C LEU A 344 12.75 28.35 -22.37
N ILE A 345 13.19 28.35 -21.11
CA ILE A 345 13.79 29.54 -20.53
C ILE A 345 15.00 29.98 -21.35
N ASP A 346 15.86 29.03 -21.72
CA ASP A 346 17.04 29.35 -22.51
C ASP A 346 16.68 30.04 -23.82
N HIS A 347 15.56 29.64 -24.43
CA HIS A 347 15.14 30.28 -25.67
C HIS A 347 14.98 31.78 -25.50
N LEU A 348 14.55 32.20 -24.31
CA LEU A 348 14.35 33.63 -24.06
C LEU A 348 15.68 34.38 -24.15
N GLU A 349 16.78 33.76 -23.72
CA GLU A 349 18.08 34.39 -23.90
C GLU A 349 18.55 34.30 -25.34
N GLU A 350 18.09 33.28 -26.07
CA GLU A 350 18.51 33.12 -27.46
C GLU A 350 18.02 34.28 -28.32
N GLN A 351 16.79 34.74 -28.07
CA GLN A 351 16.27 35.93 -28.73
C GLN A 351 16.91 37.21 -28.20
N ALA A 352 17.65 37.14 -27.09
CA ALA A 352 18.18 38.31 -26.41
C ALA A 352 17.04 39.27 -26.03
N PHE A 353 15.93 38.68 -25.61
CA PHE A 353 14.72 39.46 -25.34
C PHE A 353 14.92 40.34 -24.11
N PHE A 354 14.55 41.60 -24.25
CA PHE A 354 14.57 42.56 -23.15
C PHE A 354 13.20 43.21 -23.04
N GLY A 355 12.61 43.11 -21.86
CA GLY A 355 11.28 43.66 -21.63
C GLY A 355 10.48 42.74 -20.72
N THR A 356 9.20 43.04 -20.60
CA THR A 356 8.35 42.30 -19.68
C THR A 356 8.09 40.89 -20.19
N SER A 357 8.12 39.94 -19.27
CA SER A 357 7.77 38.55 -19.55
C SER A 357 6.94 38.01 -18.40
N LEU A 358 6.10 37.03 -18.68
CA LEU A 358 5.17 36.49 -17.70
C LEU A 358 5.38 34.99 -17.58
N LEU A 359 4.83 34.39 -16.53
CA LEU A 359 4.99 32.97 -16.28
C LEU A 359 3.99 32.51 -15.22
N ASN A 360 3.40 31.33 -15.44
CA ASN A 360 2.59 30.67 -14.43
C ASN A 360 2.99 29.20 -14.34
N LEU A 361 3.40 28.79 -13.15
CA LEU A 361 3.65 27.39 -12.87
C LEU A 361 2.37 26.69 -12.42
N PRO A 362 2.32 25.36 -12.51
CA PRO A 362 1.19 24.64 -11.92
C PRO A 362 1.12 24.86 -10.43
N GLY A 363 -0.10 24.82 -9.89
CA GLY A 363 -0.31 25.20 -8.51
C GLY A 363 0.54 24.39 -7.54
N TRP A 364 0.22 23.11 -7.39
CA TRP A 364 0.99 22.20 -6.53
C TRP A 364 1.13 22.77 -5.12
N ILE A 365 0.03 23.30 -4.58
CA ILE A 365 0.08 23.92 -3.26
C ILE A 365 0.40 22.87 -2.19
N LYS A 366 -0.22 21.70 -2.28
CA LYS A 366 0.03 20.62 -1.34
C LYS A 366 0.51 19.39 -2.10
N GLY A 367 1.80 19.11 -1.99
CA GLY A 367 2.39 18.00 -2.72
C GLY A 367 3.83 18.23 -3.13
N PHE A 368 4.22 17.65 -4.27
CA PHE A 368 5.61 17.72 -4.75
C PHE A 368 6.05 19.14 -5.07
N GLY A 369 5.10 20.08 -5.23
CA GLY A 369 5.42 21.35 -5.84
C GLY A 369 6.54 22.11 -5.16
N MET A 370 6.66 21.95 -3.84
CA MET A 370 7.66 22.70 -3.08
C MET A 370 9.06 22.46 -3.63
N GLN A 371 9.28 21.32 -4.29
CA GLN A 371 10.57 21.05 -4.89
C GLN A 371 10.64 21.52 -6.34
N ILE A 372 9.56 21.34 -7.11
CA ILE A 372 9.65 21.56 -8.55
C ILE A 372 9.94 23.02 -8.85
N LEU A 373 9.23 23.94 -8.18
CA LEU A 373 9.51 25.36 -8.34
C LEU A 373 10.97 25.66 -8.06
N ASN A 374 11.55 24.99 -7.06
CA ASN A 374 12.93 25.26 -6.67
C ASN A 374 13.91 25.00 -7.80
N HIS A 375 13.52 24.22 -8.82
CA HIS A 375 14.43 24.01 -9.94
C HIS A 375 14.55 25.24 -10.82
N ILE A 376 13.46 25.99 -11.01
CA ILE A 376 13.46 27.09 -11.98
C ILE A 376 13.32 28.46 -11.33
N ILE A 377 13.05 28.53 -10.03
CA ILE A 377 13.11 29.83 -9.36
C ILE A 377 14.52 30.41 -9.47
N ARG A 378 15.53 29.54 -9.36
CA ARG A 378 16.89 29.96 -9.62
C ARG A 378 17.16 30.10 -11.12
N LYS A 379 16.35 29.46 -11.97
CA LYS A 379 16.59 29.49 -13.41
C LYS A 379 15.83 30.63 -14.08
N TYR A 380 14.57 30.86 -13.68
CA TYR A 380 13.76 31.86 -14.36
C TYR A 380 14.18 33.29 -14.00
N LYS A 381 14.82 33.49 -12.85
CA LYS A 381 15.23 34.79 -12.32
C LYS A 381 14.03 35.68 -12.04
N PRO A 382 13.02 35.24 -11.30
CA PRO A 382 11.80 36.04 -11.16
C PRO A 382 12.05 37.33 -10.40
N THR A 383 11.85 38.46 -11.07
CA THR A 383 12.02 39.75 -10.42
C THR A 383 10.85 40.04 -9.49
N HIS A 384 9.64 39.61 -9.86
CA HIS A 384 8.45 39.81 -9.05
C HIS A 384 7.76 38.46 -8.84
N LEU A 385 8.20 37.73 -7.84
CA LEU A 385 7.52 36.50 -7.46
C LEU A 385 6.28 36.84 -6.66
N LEU A 386 5.20 36.10 -6.92
CA LEU A 386 3.93 36.34 -6.25
C LEU A 386 3.40 35.05 -5.65
N PHE A 387 2.67 35.19 -4.55
CA PHE A 387 1.97 34.09 -3.92
C PHE A 387 0.51 34.46 -3.75
N LEU A 388 -0.34 33.44 -3.77
CA LEU A 388 -1.77 33.63 -3.89
C LEU A 388 -2.59 32.92 -2.81
N GLU A 389 -2.04 31.89 -2.18
CA GLU A 389 -2.86 30.93 -1.44
C GLU A 389 -3.47 31.53 -0.18
N THR A 390 -2.64 32.22 0.63
CA THR A 390 -3.08 32.77 1.92
C THR A 390 -3.72 31.69 2.78
N ALA A 391 -5.05 31.68 2.88
CA ALA A 391 -5.76 30.71 3.71
C ALA A 391 -6.09 29.45 2.90
N ASN A 392 -5.05 28.88 2.27
CA ASN A 392 -5.22 27.66 1.50
C ASN A 392 -5.40 26.42 2.40
N SER A 393 -4.59 26.23 3.45
CA SER A 393 -3.62 27.15 4.04
C SER A 393 -2.25 27.22 3.36
N LYS A 394 -1.50 28.25 3.70
CA LYS A 394 -0.18 28.55 3.16
C LYS A 394 0.92 27.77 3.87
N ARG A 395 0.53 26.78 4.70
CA ARG A 395 1.49 26.08 5.55
C ARG A 395 2.55 25.35 4.72
N HIS A 396 2.29 25.14 3.42
CA HIS A 396 3.21 24.36 2.62
C HIS A 396 4.22 25.24 1.89
N LEU A 397 3.76 26.35 1.32
CA LEU A 397 4.63 27.18 0.47
C LEU A 397 5.30 28.27 1.29
N ASP A 398 5.96 27.85 2.37
CA ASP A 398 6.75 28.78 3.16
C ASP A 398 8.23 28.40 3.19
N GLU A 399 8.54 27.15 3.52
CA GLU A 399 9.93 26.76 3.72
C GLU A 399 10.65 26.59 2.39
N LEU A 400 9.96 26.10 1.35
CA LEU A 400 10.61 25.83 0.09
C LEU A 400 10.90 27.12 -0.68
N THR A 401 9.94 28.05 -0.70
CA THR A 401 10.14 29.30 -1.41
C THR A 401 11.29 30.10 -0.82
N ILE A 402 11.38 30.13 0.52
CA ILE A 402 12.53 30.76 1.16
C ILE A 402 13.82 30.07 0.78
N PRO A 403 13.95 28.74 0.85
CA PRO A 403 15.19 28.10 0.39
C PRO A 403 15.48 28.33 -1.08
N GLN A 404 14.44 28.41 -1.92
CA GLN A 404 14.65 28.60 -3.35
C GLN A 404 15.11 30.02 -3.65
N SER A 405 14.60 31.00 -2.91
CA SER A 405 14.92 32.39 -3.19
C SER A 405 16.41 32.66 -3.01
N PHE A 406 16.96 33.47 -3.90
CA PHE A 406 18.38 33.81 -3.86
C PHE A 406 18.53 35.32 -3.85
N SER A 407 19.59 35.79 -3.20
CA SER A 407 19.79 37.22 -3.02
C SER A 407 19.97 37.93 -4.36
N THR A 408 20.78 37.37 -5.26
CA THR A 408 21.03 37.98 -6.54
C THR A 408 21.45 36.91 -7.53
N SER A 409 20.55 36.60 -8.46
CA SER A 409 20.80 35.61 -9.49
C SER A 409 21.16 36.23 -10.84
N LEU A 410 21.28 37.56 -10.88
CA LEU A 410 21.68 38.25 -12.11
C LEU A 410 22.37 39.55 -11.77
N ARG A 411 23.23 40.04 -12.67
CA ARG A 411 23.95 41.28 -12.42
C ARG A 411 23.01 42.48 -12.41
N ASP A 412 22.05 42.51 -13.32
CA ASP A 412 21.19 43.68 -13.46
C ASP A 412 20.13 43.73 -12.37
N ALA A 413 19.33 42.67 -12.25
CA ALA A 413 18.23 42.65 -11.28
C ALA A 413 18.75 42.75 -9.85
N TYR A 414 19.50 41.73 -9.42
CA TYR A 414 20.12 41.69 -8.09
C TYR A 414 19.10 41.96 -6.99
N ALA A 415 17.90 41.40 -7.16
CA ALA A 415 16.82 41.62 -6.21
C ALA A 415 15.78 40.53 -6.38
N PRO A 416 14.89 40.44 -5.38
CA PRO A 416 13.77 39.52 -5.42
C PRO A 416 12.64 40.10 -4.58
N GLU A 417 11.41 39.82 -5.02
CA GLU A 417 10.22 40.35 -4.38
C GLU A 417 9.28 39.22 -3.98
N VAL A 418 8.58 39.44 -2.87
CA VAL A 418 7.62 38.48 -2.32
C VAL A 418 6.38 39.26 -1.89
N VAL A 419 5.20 38.73 -2.22
CA VAL A 419 3.95 39.33 -1.82
C VAL A 419 2.90 38.24 -1.70
N ARG A 420 1.95 38.43 -0.78
CA ARG A 420 0.87 37.49 -0.56
C ARG A 420 -0.47 38.21 -0.64
N VAL A 421 -1.42 37.57 -1.31
CA VAL A 421 -2.75 38.14 -1.53
C VAL A 421 -3.80 37.06 -1.34
N PRO A 422 -5.05 37.45 -1.10
CA PRO A 422 -6.10 36.44 -0.92
C PRO A 422 -6.34 35.62 -2.18
N ALA A 423 -6.96 34.45 -1.99
CA ALA A 423 -7.15 33.49 -3.07
C ALA A 423 -8.61 33.25 -3.42
N HIS A 424 -9.55 33.91 -2.74
CA HIS A 424 -10.98 33.62 -2.90
C HIS A 424 -11.42 34.09 -4.28
N SER A 425 -11.50 33.14 -5.22
CA SER A 425 -11.94 33.42 -6.57
C SER A 425 -12.33 32.11 -7.24
N LEU A 426 -13.59 32.03 -7.67
CA LEU A 426 -14.57 33.09 -7.47
C LEU A 426 -15.29 32.94 -6.14
N ASN A 427 -16.19 33.88 -5.84
CA ASN A 427 -16.96 33.81 -4.61
C ASN A 427 -17.81 32.55 -4.56
N HIS A 428 -18.44 32.19 -5.68
CA HIS A 428 -19.19 30.96 -5.77
C HIS A 428 -18.25 29.78 -5.99
N THR A 429 -18.84 28.63 -6.32
CA THR A 429 -18.05 27.43 -6.59
C THR A 429 -17.13 27.66 -7.78
N LEU A 430 -15.90 27.15 -7.68
CA LEU A 430 -14.92 27.35 -8.73
C LEU A 430 -15.33 26.63 -10.01
N SER A 431 -15.98 25.48 -9.88
CA SER A 431 -16.40 24.72 -11.06
C SER A 431 -17.43 25.52 -11.88
N SER A 432 -18.46 26.04 -11.23
CA SER A 432 -19.53 26.78 -11.90
C SER A 432 -20.11 25.97 -13.05
N ARG A 433 -20.33 24.67 -12.81
CA ARG A 433 -20.81 23.69 -13.76
C ARG A 433 -19.82 23.47 -14.90
N PHE A 434 -18.57 23.92 -14.75
CA PHE A 434 -17.54 23.75 -15.76
C PHE A 434 -16.25 23.29 -15.06
N HIS A 435 -16.10 21.98 -14.94
CA HIS A 435 -14.91 21.41 -14.31
C HIS A 435 -13.70 21.60 -15.21
N ALA A 436 -12.51 21.49 -14.62
CA ALA A 436 -11.28 21.58 -15.40
C ALA A 436 -11.20 20.46 -16.43
N SER A 437 -11.56 19.24 -16.02
CA SER A 437 -11.57 18.12 -16.96
C SER A 437 -12.67 18.26 -18.00
N GLN A 438 -13.77 18.95 -17.66
CA GLN A 438 -14.83 19.19 -18.62
C GLN A 438 -14.45 20.26 -19.64
N LEU A 439 -13.51 21.13 -19.28
CA LEU A 439 -13.13 22.22 -20.18
C LEU A 439 -11.92 21.84 -21.01
N ARG A 440 -11.04 21.00 -20.47
CA ARG A 440 -9.91 20.50 -21.23
C ARG A 440 -10.39 19.68 -22.43
N THR A 441 -11.45 18.89 -22.23
CA THR A 441 -12.06 18.18 -23.33
C THR A 441 -12.60 19.12 -24.39
N PHE A 442 -13.21 20.22 -24.01
CA PHE A 442 -13.67 21.19 -25.00
C PHE A 442 -12.50 21.78 -25.77
N LYS A 443 -11.40 22.09 -25.07
CA LYS A 443 -10.24 22.64 -25.76
C LYS A 443 -9.67 21.65 -26.78
N ILE A 444 -9.54 20.38 -26.38
CA ILE A 444 -9.04 19.36 -27.31
C ILE A 444 -9.99 19.24 -28.49
N LEU A 445 -11.30 19.22 -28.22
CA LEU A 445 -12.29 19.08 -29.28
C LEU A 445 -12.24 20.26 -30.25
N ALA A 446 -12.13 21.48 -29.73
CA ALA A 446 -12.12 22.66 -30.58
C ALA A 446 -10.83 22.76 -31.38
N LEU A 447 -9.75 22.18 -30.88
CA LEU A 447 -8.50 22.17 -31.65
C LEU A 447 -8.68 21.43 -32.97
N PHE A 448 -9.30 20.24 -32.93
CA PHE A 448 -9.35 19.40 -34.11
C PHE A 448 -10.39 19.91 -35.10
N HIS A 449 -11.27 20.80 -34.67
CA HIS A 449 -12.30 21.38 -35.52
C HIS A 449 -12.00 22.83 -35.89
N LYS A 450 -10.80 23.32 -35.59
CA LYS A 450 -10.42 24.70 -35.88
C LYS A 450 -9.90 24.76 -37.31
N ILE A 451 -10.74 25.24 -38.22
CA ILE A 451 -10.39 25.23 -39.63
C ILE A 451 -9.31 26.25 -39.95
N THR A 452 -9.50 27.50 -39.51
CA THR A 452 -8.59 28.60 -39.83
C THR A 452 -8.39 29.44 -38.58
N GLN A 453 -7.94 30.68 -38.77
CA GLN A 453 -7.68 31.56 -37.64
C GLN A 453 -8.92 31.75 -36.78
N PHE A 454 -10.07 31.98 -37.40
CA PHE A 454 -11.31 32.28 -36.68
C PHE A 454 -12.54 31.59 -37.24
N ASP A 455 -12.38 30.49 -37.98
CA ASP A 455 -13.51 29.73 -38.50
C ASP A 455 -13.45 28.31 -37.97
N TYR A 456 -14.58 27.82 -37.47
CA TYR A 456 -14.67 26.48 -36.89
C TYR A 456 -15.75 25.69 -37.63
N ASP A 457 -15.47 24.42 -37.88
CA ASP A 457 -16.44 23.49 -38.46
C ASP A 457 -16.60 22.32 -37.51
N PHE A 458 -17.68 22.34 -36.73
CA PHE A 458 -17.87 21.39 -35.64
C PHE A 458 -18.66 20.15 -36.06
N ALA A 459 -18.63 19.80 -37.33
CA ALA A 459 -19.10 18.48 -37.74
C ALA A 459 -18.13 17.42 -37.22
N PRO A 460 -18.62 16.22 -36.94
CA PRO A 460 -17.74 15.19 -36.36
C PRO A 460 -16.56 14.87 -37.28
N LEU A 461 -15.43 14.52 -36.66
CA LEU A 461 -14.21 14.29 -37.42
C LEU A 461 -14.37 13.19 -38.46
N LEU A 462 -15.22 12.19 -38.16
CA LEU A 462 -15.35 11.05 -39.05
C LEU A 462 -15.84 11.46 -40.44
N LYS A 463 -16.60 12.55 -40.54
CA LYS A 463 -16.96 13.08 -41.85
C LYS A 463 -15.74 13.64 -42.57
N SER A 464 -14.86 14.32 -41.84
CA SER A 464 -13.65 14.89 -42.42
C SER A 464 -12.71 13.78 -42.85
N ALA A 465 -11.97 14.03 -43.91
CA ALA A 465 -11.05 13.03 -44.44
C ALA A 465 -9.70 13.14 -43.77
N PRO A 466 -9.26 12.14 -43.02
CA PRO A 466 -7.92 12.17 -42.44
C PRO A 466 -6.86 12.00 -43.51
N LEU A 467 -5.70 12.60 -43.25
CA LEU A 467 -4.58 12.52 -44.17
C LEU A 467 -3.60 11.44 -43.75
N GLN A 468 -2.75 11.03 -44.69
CA GLN A 468 -1.98 9.80 -44.55
C GLN A 468 -0.48 10.06 -44.71
N ILE A 469 0.32 9.31 -43.96
CA ILE A 469 1.77 9.32 -44.06
C ILE A 469 2.27 7.88 -44.06
N SER A 470 3.30 7.63 -44.85
CA SER A 470 3.82 6.28 -45.06
C SER A 470 4.99 6.03 -44.12
N TYR A 471 4.70 5.45 -42.96
CA TYR A 471 5.76 5.00 -42.07
C TYR A 471 6.39 3.73 -42.62
N GLY A 472 7.72 3.69 -42.65
CA GLY A 472 8.37 2.61 -43.36
C GLY A 472 9.69 2.21 -42.75
N LYS A 473 10.48 1.49 -43.56
CA LYS A 473 11.76 0.96 -43.10
C LYS A 473 12.83 2.05 -43.03
N GLY A 474 12.81 2.99 -43.97
CA GLY A 474 13.87 3.99 -44.04
C GLY A 474 13.96 4.86 -42.81
N LYS A 475 12.98 5.74 -42.62
CA LYS A 475 11.91 5.96 -43.58
C LYS A 475 11.75 7.43 -43.93
N SER A 476 10.92 7.70 -44.94
CA SER A 476 10.59 9.06 -45.34
C SER A 476 9.36 9.59 -44.63
N GLY A 477 8.39 8.72 -44.35
CA GLY A 477 7.18 9.17 -43.67
C GLY A 477 7.39 9.33 -42.17
N ILE A 478 7.64 8.24 -41.47
CA ILE A 478 7.88 8.26 -40.03
C ILE A 478 9.19 7.55 -39.74
N LYS A 479 10.06 8.17 -38.97
CA LYS A 479 11.27 7.55 -38.47
C LYS A 479 11.11 7.43 -36.95
N GLY A 480 10.45 6.36 -36.53
CA GLY A 480 10.34 6.06 -35.11
C GLY A 480 9.04 6.54 -34.48
N ILE A 481 8.57 5.77 -33.51
CA ILE A 481 7.42 6.11 -32.68
C ILE A 481 7.86 6.03 -31.22
N GLN A 482 7.60 7.09 -30.47
CA GLN A 482 8.05 7.20 -29.10
C GLN A 482 6.91 6.90 -28.14
N PHE A 483 7.23 6.17 -27.07
CA PHE A 483 6.37 5.78 -25.97
C PHE A 483 7.03 6.20 -24.66
N PRO A 484 6.27 6.27 -23.56
CA PRO A 484 6.90 6.55 -22.26
C PRO A 484 7.88 5.45 -21.87
N MET A 485 8.53 5.65 -20.72
CA MET A 485 9.55 4.69 -20.30
C MET A 485 8.94 3.31 -20.11
N GLU A 486 7.77 3.23 -19.49
CA GLU A 486 7.03 1.98 -19.45
C GLU A 486 6.43 1.68 -20.82
N PHE A 487 5.76 0.53 -20.93
CA PHE A 487 5.17 0.03 -22.17
C PHE A 487 6.25 -0.30 -23.20
N GLN A 488 7.48 -0.57 -22.76
CA GLN A 488 8.56 -0.82 -23.71
C GLN A 488 8.53 -2.26 -24.24
N ASP A 489 7.98 -3.19 -23.47
CA ASP A 489 7.77 -4.54 -23.98
C ASP A 489 6.47 -4.69 -24.75
N LEU A 490 5.92 -3.60 -25.25
CA LEU A 490 4.73 -3.70 -26.09
C LEU A 490 5.05 -4.51 -27.34
N ASN A 491 4.53 -5.74 -27.39
CA ASN A 491 5.01 -6.70 -28.36
C ASN A 491 4.56 -6.30 -29.78
N PRO A 492 5.31 -6.75 -30.80
CA PRO A 492 5.07 -6.21 -32.15
C PRO A 492 3.67 -6.43 -32.69
N GLN A 493 3.00 -7.52 -32.32
CA GLN A 493 1.74 -7.84 -33.00
C GLN A 493 0.55 -7.13 -32.37
N ASP A 494 0.76 -6.48 -31.23
CA ASP A 494 -0.33 -5.76 -30.56
C ASP A 494 -0.11 -4.24 -30.54
N ILE A 495 0.88 -3.73 -31.27
CA ILE A 495 1.11 -2.29 -31.31
C ILE A 495 -0.03 -1.58 -32.04
N LYS A 496 -0.48 -2.15 -33.15
CA LYS A 496 -1.36 -1.43 -34.07
C LYS A 496 -2.66 -1.01 -33.39
N SER A 497 -3.36 -1.96 -32.78
CA SER A 497 -4.64 -1.63 -32.13
C SER A 497 -4.44 -0.70 -30.94
N ALA A 498 -3.21 -0.60 -30.44
CA ALA A 498 -2.95 0.34 -29.35
C ALA A 498 -2.96 1.77 -29.86
N LEU A 499 -2.48 1.99 -31.09
CA LEU A 499 -2.32 3.36 -31.56
C LEU A 499 -3.65 3.98 -32.00
N GLU A 500 -4.53 3.18 -32.60
CA GLU A 500 -5.73 3.72 -33.22
C GLU A 500 -6.65 4.37 -32.20
N GLY A 501 -7.15 5.55 -32.54
CA GLY A 501 -8.07 6.27 -31.67
C GLY A 501 -7.42 7.06 -30.57
N THR A 502 -6.11 7.24 -30.59
CA THR A 502 -5.37 7.88 -29.51
C THR A 502 -4.77 9.19 -29.99
N VAL A 503 -4.87 10.23 -29.16
CA VAL A 503 -4.27 11.51 -29.49
C VAL A 503 -2.77 11.45 -29.29
N ILE A 504 -2.03 11.95 -30.27
CA ILE A 504 -0.57 11.84 -30.32
C ILE A 504 0.02 13.22 -30.61
N GLY A 505 1.33 13.32 -30.43
CA GLY A 505 2.04 14.55 -30.72
C GLY A 505 3.04 14.40 -31.85
N ILE A 506 2.87 15.19 -32.90
CA ILE A 506 3.74 15.06 -34.07
C ILE A 506 5.00 15.89 -33.87
N TYR A 507 6.14 15.31 -34.25
CA TYR A 507 7.45 15.89 -34.02
C TYR A 507 8.24 15.88 -35.31
N THR A 508 9.10 16.88 -35.48
CA THR A 508 10.09 16.91 -36.55
C THR A 508 11.47 16.70 -35.94
N TYR A 509 12.26 15.84 -36.58
CA TYR A 509 13.61 15.57 -36.10
C TYR A 509 14.58 16.53 -36.77
N SER A 510 15.28 17.32 -35.96
CA SER A 510 16.20 18.31 -36.48
C SER A 510 17.47 17.65 -37.01
N GLY A 511 18.47 18.48 -37.32
CA GLY A 511 19.75 18.01 -37.80
C GLY A 511 20.27 16.81 -37.04
N GLU A 512 20.43 15.69 -37.74
CA GLU A 512 20.63 14.40 -37.12
C GLU A 512 22.05 13.91 -37.33
N ASP A 513 22.73 13.58 -36.23
CA ASP A 513 24.01 12.88 -36.34
C ASP A 513 23.81 11.46 -36.81
N SER A 514 22.76 10.79 -36.33
CA SER A 514 22.41 9.45 -36.76
C SER A 514 20.97 9.16 -36.31
N LEU A 515 20.40 8.11 -36.88
CA LEU A 515 19.04 7.71 -36.53
C LEU A 515 19.05 6.64 -35.45
N GLU A 516 17.95 6.58 -34.68
CA GLU A 516 17.79 5.61 -33.59
C GLU A 516 16.38 5.02 -33.71
N VAL A 517 16.29 3.79 -34.21
CA VAL A 517 15.02 3.15 -34.52
C VAL A 517 15.14 1.65 -34.29
N LYS A 518 14.05 1.05 -33.79
CA LYS A 518 13.92 -0.40 -33.68
C LYS A 518 12.60 -0.80 -34.31
N SER A 519 12.65 -1.74 -35.25
CA SER A 519 11.48 -2.12 -36.04
C SER A 519 10.79 -3.31 -35.41
N LEU A 520 9.52 -3.13 -35.03
CA LEU A 520 8.70 -4.20 -34.47
C LEU A 520 7.43 -4.30 -35.28
N ASN A 521 7.29 -5.40 -36.05
CA ASN A 521 6.15 -5.60 -36.94
C ASN A 521 5.97 -4.42 -37.88
N THR A 522 7.08 -3.95 -38.46
CA THR A 522 7.17 -2.80 -39.37
C THR A 522 6.83 -1.49 -38.67
N PHE A 523 6.65 -1.49 -37.35
CA PHE A 523 6.45 -0.24 -36.63
C PHE A 523 7.79 0.26 -36.11
N PRO A 524 8.25 1.42 -36.55
CA PRO A 524 9.50 1.96 -36.02
C PRO A 524 9.31 2.60 -34.66
N ILE A 525 10.06 2.15 -33.65
CA ILE A 525 9.87 2.58 -32.27
C ILE A 525 11.22 3.02 -31.72
N LEU A 526 11.24 4.17 -31.02
CA LEU A 526 12.44 4.67 -30.37
C LEU A 526 12.76 3.80 -29.17
N GLN A 527 13.80 2.98 -29.29
CA GLN A 527 14.12 2.01 -28.25
C GLN A 527 14.73 2.68 -27.02
N SER A 528 15.58 3.68 -27.23
CA SER A 528 16.30 4.32 -26.14
C SER A 528 15.72 5.68 -25.75
N CYS A 529 14.65 6.11 -26.43
CA CYS A 529 14.00 7.40 -26.17
C CYS A 529 15.05 8.49 -26.36
N THR A 530 15.26 9.38 -25.39
CA THR A 530 16.22 10.49 -25.49
C THR A 530 15.83 11.33 -26.69
N SER A 531 16.73 11.62 -27.63
CA SER A 531 16.42 12.41 -28.82
C SER A 531 15.78 13.75 -28.44
N SER A 532 16.56 14.59 -27.75
CA SER A 532 16.03 15.87 -27.29
C SER A 532 16.00 16.93 -28.37
N SER A 533 16.56 16.64 -29.55
CA SER A 533 16.66 17.68 -30.58
C SER A 533 15.36 17.82 -31.38
N LYS A 534 14.42 16.90 -31.22
CA LYS A 534 13.16 16.99 -31.95
C LYS A 534 12.34 18.17 -31.48
N ASN A 535 11.53 18.71 -32.37
CA ASN A 535 10.64 19.82 -32.04
C ASN A 535 9.19 19.46 -32.35
N PHE A 536 8.31 19.90 -31.43
CA PHE A 536 6.89 19.57 -31.44
C PHE A 536 6.17 20.49 -32.42
N ILE A 537 5.27 19.93 -33.22
CA ILE A 537 4.50 20.71 -34.19
C ILE A 537 3.02 20.80 -33.81
N THR A 538 2.33 19.66 -33.74
CA THR A 538 0.90 19.70 -33.49
C THR A 538 0.45 18.38 -32.91
N LEU A 539 -0.73 18.39 -32.30
CA LEU A 539 -1.38 17.16 -31.87
C LEU A 539 -2.02 16.45 -33.05
N GLY A 540 -2.19 15.14 -32.91
CA GLY A 540 -2.81 14.34 -33.93
C GLY A 540 -3.61 13.22 -33.33
N LEU A 541 -4.58 12.74 -34.09
CA LEU A 541 -5.48 11.68 -33.66
C LEU A 541 -5.44 10.55 -34.67
N ILE A 542 -4.86 9.42 -34.29
CA ILE A 542 -4.68 8.32 -35.23
C ILE A 542 -6.02 7.66 -35.49
N HIS A 543 -6.36 7.49 -36.77
CA HIS A 543 -7.62 6.88 -37.14
C HIS A 543 -7.48 5.40 -37.46
N SER A 544 -6.53 5.05 -38.32
CA SER A 544 -6.34 3.67 -38.72
C SER A 544 -4.90 3.49 -39.16
N ILE A 545 -4.48 2.23 -39.23
CA ILE A 545 -3.13 1.87 -39.66
C ILE A 545 -3.25 0.71 -40.63
N ASP A 546 -2.56 0.80 -41.76
CA ASP A 546 -2.53 -0.27 -42.75
C ASP A 546 -1.12 -0.85 -42.75
N THR A 547 -0.99 -2.06 -42.19
CA THR A 547 0.33 -2.67 -42.08
C THR A 547 0.89 -3.06 -43.44
N SER A 548 0.01 -3.40 -44.38
CA SER A 548 0.45 -3.78 -45.72
C SER A 548 1.03 -2.59 -46.47
N GLN A 549 0.23 -1.54 -46.68
CA GLN A 549 0.70 -0.38 -47.40
C GLN A 549 1.60 0.51 -46.55
N GLN A 550 1.71 0.20 -45.26
CA GLN A 550 2.58 0.95 -44.34
C GLN A 550 2.18 2.42 -44.25
N ILE A 551 0.88 2.69 -44.36
CA ILE A 551 0.37 4.06 -44.26
C ILE A 551 -0.32 4.22 -42.92
N MET A 552 -0.55 5.48 -42.55
CA MET A 552 -1.03 5.87 -41.22
C MET A 552 -2.06 6.97 -41.41
N ASN A 553 -3.33 6.59 -41.54
CA ASN A 553 -4.40 7.57 -41.57
C ASN A 553 -4.47 8.29 -40.21
N ILE A 554 -4.57 9.61 -40.25
CA ILE A 554 -4.42 10.42 -39.06
C ILE A 554 -5.14 11.74 -39.28
N TYR A 555 -5.74 12.26 -38.21
CA TYR A 555 -6.36 13.57 -38.20
C TYR A 555 -5.44 14.59 -37.56
N VAL A 556 -5.29 15.72 -38.21
CA VAL A 556 -4.56 16.86 -37.63
C VAL A 556 -5.51 18.05 -37.68
N PRO A 557 -5.37 19.02 -36.78
CA PRO A 557 -6.20 20.22 -36.86
C PRO A 557 -5.97 20.93 -38.18
N PRO A 558 -7.05 21.28 -38.90
CA PRO A 558 -6.87 21.96 -40.18
C PRO A 558 -6.21 23.32 -40.05
N CYS A 559 -6.17 23.90 -38.85
CA CYS A 559 -5.50 25.18 -38.67
C CYS A 559 -4.02 25.07 -38.98
N HIS A 560 -3.37 23.99 -38.54
CA HIS A 560 -1.94 23.83 -38.78
C HIS A 560 -1.64 23.63 -40.27
N THR A 561 -2.44 22.81 -40.95
CA THR A 561 -2.29 22.68 -42.40
C THR A 561 -2.36 24.07 -43.04
N GLN A 562 -1.37 24.40 -43.85
CA GLN A 562 -0.34 23.46 -44.30
C GLN A 562 1.03 23.60 -43.65
N ILE A 563 1.10 23.93 -42.35
CA ILE A 563 2.40 24.08 -41.69
C ILE A 563 3.20 22.79 -41.82
N LEU A 564 2.51 21.66 -41.81
CA LEU A 564 3.19 20.38 -42.04
C LEU A 564 3.83 20.34 -43.42
N ASP A 565 3.23 21.02 -44.40
CA ASP A 565 3.76 21.00 -45.76
C ASP A 565 4.98 21.93 -45.89
N LYS A 566 5.03 23.00 -45.10
CA LYS A 566 6.19 23.90 -45.17
C LYS A 566 7.47 23.18 -44.77
N GLN A 567 7.37 22.14 -43.95
CA GLN A 567 8.56 21.42 -43.52
C GLN A 567 9.19 20.71 -44.71
N PRO A 568 10.53 20.62 -44.76
CA PRO A 568 11.19 19.98 -45.90
C PRO A 568 10.83 18.50 -45.98
N GLU A 569 10.85 17.98 -47.22
CA GLU A 569 10.56 16.57 -47.42
C GLU A 569 11.62 15.69 -46.77
N ASP A 570 12.88 16.15 -46.75
CA ASP A 570 13.95 15.36 -46.16
C ASP A 570 13.81 15.26 -44.65
N ALA A 571 12.99 16.13 -44.04
CA ALA A 571 12.84 16.12 -42.60
C ALA A 571 12.17 14.83 -42.12
N GLN A 572 12.69 14.28 -41.03
CA GLN A 572 12.11 13.09 -40.44
C GLN A 572 10.93 13.45 -39.56
N TRP A 573 10.04 12.48 -39.35
CA TRP A 573 8.83 12.67 -38.58
C TRP A 573 8.78 11.66 -37.45
N ILE A 574 8.34 12.10 -36.28
CA ILE A 574 8.27 11.26 -35.08
C ILE A 574 6.85 11.35 -34.54
N ILE A 575 6.31 10.22 -34.12
CA ILE A 575 4.97 10.14 -33.55
C ILE A 575 5.11 9.77 -32.08
N VAL A 576 4.72 10.67 -31.19
CA VAL A 576 4.89 10.48 -29.75
C VAL A 576 3.53 10.18 -29.14
N ARG A 577 3.44 9.09 -28.38
CA ARG A 577 2.22 8.71 -27.69
C ARG A 577 2.39 8.99 -26.21
N ASN A 578 1.46 9.77 -25.65
CA ASN A 578 1.45 10.06 -24.23
C ASN A 578 0.00 10.09 -23.77
N LYS A 579 -0.20 10.12 -22.45
CA LYS A 579 -1.54 9.96 -21.88
C LYS A 579 -2.36 11.24 -22.08
N THR A 580 -2.83 11.40 -23.32
CA THR A 580 -3.80 12.43 -23.68
C THR A 580 -5.12 11.77 -24.05
N GLU A 581 -6.20 12.32 -23.51
CA GLU A 581 -7.52 11.72 -23.63
C GLU A 581 -8.21 12.24 -24.88
N THR A 582 -8.48 11.35 -25.82
CA THR A 582 -9.26 11.72 -26.99
C THR A 582 -10.69 12.04 -26.57
N PRO A 583 -11.32 13.07 -27.14
CA PRO A 583 -12.71 13.37 -26.78
C PRO A 583 -13.63 12.22 -27.17
N PHE A 584 -14.60 11.94 -26.30
CA PHE A 584 -15.48 10.80 -26.52
C PHE A 584 -16.37 11.00 -27.74
N CYS A 585 -16.87 12.23 -27.94
CA CYS A 585 -17.77 12.48 -29.06
C CYS A 585 -17.06 12.30 -30.40
N ASP A 586 -15.80 12.71 -30.48
CA ASP A 586 -15.02 12.49 -31.69
C ASP A 586 -14.80 11.00 -31.94
N PHE A 587 -14.49 10.25 -30.89
CA PHE A 587 -14.14 8.84 -31.07
C PHE A 587 -15.32 8.07 -31.65
N LEU A 588 -16.51 8.29 -31.10
CA LEU A 588 -17.75 7.73 -31.65
C LEU A 588 -18.81 8.82 -31.64
N PRO A 589 -19.25 9.31 -32.80
CA PRO A 589 -20.29 10.33 -32.81
C PRO A 589 -21.67 9.75 -32.53
N SER A 590 -22.59 10.64 -32.22
CA SER A 590 -23.98 10.23 -32.03
C SER A 590 -24.53 9.69 -33.34
N PRO A 591 -25.42 8.68 -33.29
CA PRO A 591 -25.94 8.10 -34.54
C PRO A 591 -26.68 9.10 -35.40
N ARG A 592 -27.28 10.13 -34.80
CA ARG A 592 -27.98 11.15 -35.59
C ARG A 592 -27.00 11.96 -36.42
N THR A 593 -25.80 12.22 -35.89
CA THR A 593 -24.83 13.03 -36.63
C THR A 593 -24.34 12.32 -37.89
N ILE A 594 -23.93 11.06 -37.77
CA ILE A 594 -23.39 10.30 -38.88
C ILE A 594 -24.13 8.98 -38.98
N THR A 595 -24.57 8.64 -40.20
CA THR A 595 -25.25 7.38 -40.48
C THR A 595 -24.23 6.41 -41.08
N TRP A 596 -24.05 5.26 -40.43
CA TRP A 596 -23.16 4.22 -40.91
C TRP A 596 -23.97 3.07 -41.48
N ASP A 597 -23.32 2.27 -42.32
CA ASP A 597 -23.92 1.01 -42.74
C ASP A 597 -24.04 0.08 -41.54
N ASP A 598 -25.19 -0.56 -41.42
CA ASP A 598 -25.47 -1.35 -40.21
C ASP A 598 -24.53 -2.53 -40.09
N ASN A 599 -24.05 -3.06 -41.21
CA ASN A 599 -23.14 -4.21 -41.17
C ASN A 599 -21.76 -3.80 -40.69
N ILE A 600 -21.43 -2.51 -40.77
CA ILE A 600 -20.10 -2.06 -40.40
C ILE A 600 -19.92 -2.17 -38.89
N GLN A 601 -18.89 -2.90 -38.47
CA GLN A 601 -18.61 -3.06 -37.05
C GLN A 601 -17.78 -1.90 -36.52
N ILE A 602 -18.16 -1.41 -35.35
CA ILE A 602 -17.42 -0.36 -34.66
C ILE A 602 -16.34 -1.03 -33.82
N PRO A 603 -15.05 -0.85 -34.13
CA PRO A 603 -14.03 -1.69 -33.50
C PRO A 603 -13.89 -1.49 -32.00
N PHE A 604 -13.60 -0.28 -31.55
CA PHE A 604 -13.12 -0.08 -30.19
C PHE A 604 -14.21 0.29 -29.21
N ALA A 605 -15.47 0.08 -29.57
CA ALA A 605 -16.60 0.39 -28.71
C ALA A 605 -17.55 -0.80 -28.67
N THR A 606 -18.19 -0.98 -27.52
CA THR A 606 -19.12 -2.07 -27.32
C THR A 606 -20.42 -1.53 -26.75
N PHE A 607 -21.52 -2.20 -27.08
CA PHE A 607 -22.85 -1.73 -26.73
C PHE A 607 -23.49 -2.58 -25.64
N GLU A 608 -22.90 -3.72 -25.30
CA GLU A 608 -23.46 -4.59 -24.27
C GLU A 608 -23.36 -3.92 -22.90
N ARG A 609 -24.33 -4.21 -22.04
CA ARG A 609 -24.26 -3.74 -20.66
C ARG A 609 -23.03 -4.31 -19.97
N ARG A 610 -22.36 -3.48 -19.18
CA ARG A 610 -21.12 -3.92 -18.56
C ARG A 610 -21.41 -4.98 -17.51
N LYS A 611 -20.68 -6.08 -17.58
CA LYS A 611 -20.87 -7.19 -16.66
C LYS A 611 -20.49 -6.79 -15.25
N LYS A 612 -21.21 -7.31 -14.27
CA LYS A 612 -20.80 -7.15 -12.88
C LYS A 612 -19.63 -8.10 -12.59
N LEU A 613 -18.52 -7.53 -12.16
CA LEU A 613 -18.40 -6.10 -11.92
C LEU A 613 -17.17 -5.48 -12.59
N GLU A 614 -17.31 -5.07 -13.84
CA GLU A 614 -16.25 -4.35 -14.55
C GLU A 614 -16.54 -2.86 -14.45
N HIS A 615 -15.82 -2.17 -13.56
CA HIS A 615 -15.95 -0.74 -13.39
C HIS A 615 -14.56 -0.15 -13.35
N VAL A 616 -14.42 1.04 -13.93
CA VAL A 616 -13.11 1.68 -14.02
C VAL A 616 -12.79 2.30 -12.66
N TRP A 617 -11.63 1.96 -12.12
CA TRP A 617 -11.21 2.53 -10.85
C TRP A 617 -11.02 4.03 -10.99
N LYS A 618 -11.63 4.78 -10.08
CA LYS A 618 -11.51 6.24 -10.10
C LYS A 618 -11.33 6.78 -8.70
N ILE B 2 -29.01 2.40 -23.66
CA ILE B 2 -27.67 2.05 -23.19
C ILE B 2 -26.63 2.81 -24.00
N PRO B 3 -25.94 3.75 -23.36
CA PRO B 3 -24.90 4.50 -24.06
C PRO B 3 -23.65 3.68 -24.24
N PRO B 4 -23.04 3.73 -25.42
CA PRO B 4 -21.80 2.97 -25.65
C PRO B 4 -20.68 3.43 -24.73
N ARG B 5 -19.83 2.49 -24.35
CA ARG B 5 -18.65 2.76 -23.54
C ARG B 5 -17.41 2.42 -24.36
N ILE B 6 -16.35 3.20 -24.16
CA ILE B 6 -15.09 2.92 -24.83
C ILE B 6 -14.38 1.79 -24.11
N VAL B 7 -14.00 0.76 -24.86
CA VAL B 7 -13.25 -0.36 -24.30
C VAL B 7 -12.01 -0.57 -25.16
N PRO B 8 -10.85 -0.84 -24.55
CA PRO B 8 -9.62 -0.96 -25.35
C PRO B 8 -9.65 -2.09 -26.38
N TRP B 9 -10.35 -3.19 -26.10
CA TRP B 9 -10.29 -4.34 -26.99
C TRP B 9 -11.09 -4.10 -28.27
N ARG B 10 -10.54 -4.58 -29.38
CA ARG B 10 -11.13 -4.31 -30.69
C ARG B 10 -12.42 -5.09 -30.90
N ASP B 11 -12.70 -6.04 -30.03
CA ASP B 11 -13.87 -6.90 -30.17
C ASP B 11 -14.09 -7.67 -28.88
N PHE B 12 -15.26 -8.30 -28.77
CA PHE B 12 -15.51 -9.17 -27.63
C PHE B 12 -14.71 -10.47 -27.76
N ALA B 13 -14.44 -10.89 -28.99
CA ALA B 13 -13.57 -12.05 -29.20
C ALA B 13 -12.20 -11.82 -28.59
N GLU B 14 -11.72 -10.58 -28.59
CA GLU B 14 -10.46 -10.26 -27.95
C GLU B 14 -10.54 -10.48 -26.45
N LEU B 15 -11.69 -10.18 -25.84
CA LEU B 15 -11.84 -10.42 -24.41
C LEU B 15 -11.93 -11.91 -24.10
N GLU B 16 -12.61 -12.67 -24.97
CA GLU B 16 -12.60 -14.13 -24.81
C GLU B 16 -11.18 -14.68 -24.89
N GLU B 17 -10.40 -14.13 -25.83
CA GLU B 17 -9.02 -14.57 -26.01
C GLU B 17 -8.18 -14.25 -24.78
N LEU B 18 -8.39 -13.07 -24.18
CA LEU B 18 -7.73 -12.77 -22.91
C LEU B 18 -8.16 -13.75 -21.81
N LYS B 19 -9.44 -14.11 -21.78
CA LYS B 19 -9.90 -15.05 -20.77
C LYS B 19 -9.19 -16.39 -20.90
N LEU B 20 -9.06 -16.88 -22.13
CA LEU B 20 -8.34 -18.14 -22.35
C LEU B 20 -6.87 -17.98 -21.99
N TRP B 21 -6.28 -16.83 -22.31
CA TRP B 21 -4.86 -16.61 -22.09
C TRP B 21 -4.50 -16.56 -20.62
N PHE B 22 -5.25 -15.81 -19.81
CA PHE B 22 -4.92 -15.70 -18.40
C PHE B 22 -5.05 -17.04 -17.68
N TYR B 23 -6.07 -17.82 -18.03
CA TYR B 23 -6.38 -19.08 -17.34
C TYR B 23 -6.22 -20.24 -18.30
N PRO B 24 -5.05 -20.84 -18.38
CA PRO B 24 -4.82 -21.90 -19.37
C PRO B 24 -5.72 -23.10 -19.12
N LYS B 25 -6.09 -23.78 -20.20
CA LYS B 25 -6.99 -24.92 -20.08
C LYS B 25 -6.20 -26.23 -20.02
N SER B 26 -6.07 -26.76 -18.81
CA SER B 26 -5.54 -28.11 -18.57
C SER B 26 -4.08 -28.28 -18.99
N LYS B 27 -3.40 -27.18 -19.29
CA LYS B 27 -1.99 -27.24 -19.68
C LYS B 27 -1.32 -25.90 -19.42
N GLY B 28 -0.21 -25.93 -18.68
CA GLY B 28 0.54 -24.75 -18.36
C GLY B 28 2.05 -24.86 -18.52
N THR B 29 2.54 -25.85 -19.26
CA THR B 29 3.99 -26.02 -19.38
C THR B 29 4.56 -25.14 -20.47
N ILE B 30 4.17 -25.37 -21.72
CA ILE B 30 4.72 -24.65 -22.86
C ILE B 30 3.67 -23.68 -23.38
N GLU B 31 2.40 -24.00 -23.13
CA GLU B 31 1.28 -23.16 -23.53
C GLU B 31 0.81 -22.26 -22.39
N ASP B 32 1.74 -21.81 -21.53
CA ASP B 32 1.36 -20.94 -20.42
C ASP B 32 0.72 -19.66 -20.92
N LYS B 33 1.42 -18.93 -21.78
CA LYS B 33 0.86 -17.80 -22.52
C LYS B 33 0.18 -16.79 -21.60
N ARG B 34 0.81 -16.50 -20.46
CA ARG B 34 0.37 -15.41 -19.60
C ARG B 34 1.29 -14.20 -19.66
N GLN B 35 2.52 -14.35 -20.12
CA GLN B 35 3.35 -13.19 -20.39
C GLN B 35 2.74 -12.34 -21.49
N ARG B 36 2.22 -12.99 -22.52
CA ARG B 36 1.72 -12.25 -23.68
C ARG B 36 0.36 -11.64 -23.39
N ALA B 37 -0.46 -12.27 -22.56
CA ALA B 37 -1.71 -11.65 -22.13
C ALA B 37 -1.43 -10.41 -21.27
N VAL B 38 -0.42 -10.49 -20.41
CA VAL B 38 0.03 -9.32 -19.68
C VAL B 38 0.52 -8.24 -20.63
N GLN B 39 1.26 -8.62 -21.68
CA GLN B 39 1.70 -7.64 -22.67
C GLN B 39 0.52 -7.00 -23.38
N ARG B 40 -0.56 -7.75 -23.60
CA ARG B 40 -1.77 -7.22 -24.20
C ARG B 40 -2.43 -6.18 -23.30
N VAL B 41 -2.61 -6.52 -22.03
CA VAL B 41 -3.20 -5.55 -21.10
C VAL B 41 -2.27 -4.36 -20.93
N GLN B 42 -0.97 -4.55 -21.17
CA GLN B 42 -0.06 -3.42 -21.17
C GLN B 42 -0.38 -2.42 -22.28
N SER B 43 -0.79 -2.93 -23.45
CA SER B 43 -1.28 -2.03 -24.51
C SER B 43 -2.62 -1.42 -24.15
N TYR B 44 -3.47 -2.20 -23.48
CA TYR B 44 -4.75 -1.65 -23.04
C TYR B 44 -4.54 -0.47 -22.10
N ARG B 45 -3.52 -0.55 -21.25
CA ARG B 45 -3.15 0.59 -20.43
C ARG B 45 -2.65 1.74 -21.28
N LEU B 46 -1.90 1.42 -22.34
CA LEU B 46 -1.34 2.47 -23.20
C LEU B 46 -2.42 3.28 -23.88
N LYS B 47 -3.44 2.61 -24.43
CA LYS B 47 -4.51 3.33 -25.12
C LYS B 47 -5.22 4.27 -24.16
N GLY B 48 -5.67 3.74 -23.02
CA GLY B 48 -6.24 4.56 -21.98
C GLY B 48 -6.48 3.76 -20.72
N SER B 49 -5.96 4.24 -19.60
CA SER B 49 -6.18 3.55 -18.33
C SER B 49 -7.59 3.76 -17.82
N GLN B 50 -8.18 4.92 -18.14
CA GLN B 50 -9.55 5.21 -17.72
C GLN B 50 -10.55 4.36 -18.49
N TYR B 51 -10.11 3.71 -19.57
CA TYR B 51 -11.01 2.86 -20.34
C TYR B 51 -11.01 1.43 -19.80
N LEU B 52 -9.88 1.00 -19.26
CA LEU B 52 -9.72 -0.40 -18.88
C LEU B 52 -10.49 -0.70 -17.60
N PRO B 53 -11.30 -1.75 -17.58
CA PRO B 53 -11.98 -2.13 -16.33
C PRO B 53 -10.97 -2.55 -15.28
N HIS B 54 -11.37 -2.38 -14.01
CA HIS B 54 -10.43 -2.66 -12.93
C HIS B 54 -10.15 -4.15 -12.81
N VAL B 55 -11.14 -5.00 -13.08
CA VAL B 55 -10.95 -6.43 -12.92
C VAL B 55 -9.91 -6.96 -13.91
N VAL B 56 -9.95 -6.47 -15.16
CA VAL B 56 -8.93 -6.85 -16.13
C VAL B 56 -7.57 -6.34 -15.71
N ASP B 57 -7.52 -5.10 -15.20
CA ASP B 57 -6.27 -4.54 -14.73
C ASP B 57 -5.67 -5.39 -13.60
N SER B 58 -6.50 -5.80 -12.65
CA SER B 58 -6.01 -6.60 -11.53
C SER B 58 -5.63 -8.01 -11.96
N THR B 59 -6.40 -8.63 -12.85
CA THR B 59 -6.00 -9.92 -13.39
C THR B 59 -4.65 -9.84 -14.07
N ALA B 60 -4.39 -8.78 -14.83
CA ALA B 60 -3.09 -8.59 -15.45
C ALA B 60 -1.99 -8.34 -14.43
N GLN B 61 -2.28 -7.56 -13.38
CA GLN B 61 -1.22 -7.16 -12.44
C GLN B 61 -0.82 -8.32 -11.53
N ILE B 62 -1.80 -9.07 -11.03
CA ILE B 62 -1.51 -10.24 -10.21
C ILE B 62 -0.72 -11.25 -11.03
N THR B 63 -1.10 -11.42 -12.30
CA THR B 63 -0.34 -12.32 -13.17
C THR B 63 1.05 -11.77 -13.47
N CYS B 64 1.20 -10.44 -13.53
CA CYS B 64 2.53 -9.85 -13.61
C CYS B 64 3.40 -10.35 -12.47
N ALA B 65 2.89 -10.24 -11.25
CA ALA B 65 3.67 -10.63 -10.08
C ALA B 65 3.92 -12.15 -10.06
N VAL B 66 2.90 -12.94 -10.40
CA VAL B 66 3.04 -14.39 -10.42
C VAL B 66 4.07 -14.84 -11.44
N LEU B 67 4.09 -14.22 -12.62
CA LEU B 67 5.15 -14.52 -13.58
C LEU B 67 6.48 -13.94 -13.13
N LEU B 68 6.45 -12.90 -12.30
CA LEU B 68 7.68 -12.34 -11.79
C LEU B 68 8.42 -13.34 -10.91
N ASP B 69 7.71 -14.04 -10.03
CA ASP B 69 8.43 -14.87 -9.07
C ASP B 69 9.06 -16.10 -9.70
N GLU B 70 8.77 -16.38 -10.98
CA GLU B 70 9.32 -17.55 -11.67
C GLU B 70 10.60 -17.17 -12.41
N LYS B 71 11.70 -17.14 -11.66
CA LYS B 71 13.03 -16.96 -12.23
C LYS B 71 14.00 -17.88 -11.50
N GLU B 72 14.42 -18.96 -12.17
CA GLU B 72 15.28 -19.97 -11.57
C GLU B 72 16.43 -20.36 -12.48
N ALA B 73 17.08 -19.40 -13.13
CA ALA B 73 18.14 -19.70 -14.09
C ALA B 73 19.42 -18.95 -13.74
N CYS B 74 20.55 -19.61 -13.98
CA CYS B 74 21.86 -18.99 -13.84
C CYS B 74 22.05 -17.91 -14.91
N LEU B 75 22.85 -16.90 -14.61
CA LEU B 75 23.59 -16.74 -13.35
C LEU B 75 22.68 -16.17 -12.25
N GLY B 76 23.04 -16.45 -11.00
CA GLY B 76 22.26 -16.00 -9.86
C GLY B 76 22.05 -14.50 -9.81
N VAL B 77 20.80 -14.08 -9.67
CA VAL B 77 20.48 -12.66 -9.69
C VAL B 77 20.65 -12.07 -8.29
N HIS B 78 20.91 -10.76 -8.23
CA HIS B 78 21.07 -10.08 -6.96
C HIS B 78 19.81 -10.15 -6.10
N GLN B 79 18.66 -10.35 -6.73
CA GLN B 79 17.39 -10.25 -6.01
C GLN B 79 17.36 -11.19 -4.80
N ASP B 80 16.97 -10.63 -3.66
CA ASP B 80 16.89 -11.37 -2.40
C ASP B 80 15.45 -11.74 -2.04
N SER B 81 14.58 -11.91 -3.03
CA SER B 81 13.20 -12.38 -2.85
C SER B 81 12.32 -11.39 -2.13
N ILE B 82 12.84 -10.22 -1.74
CA ILE B 82 11.98 -9.16 -1.24
C ILE B 82 11.23 -8.46 -2.37
N PRO B 83 11.80 -8.27 -3.58
CA PRO B 83 11.00 -7.60 -4.62
C PRO B 83 9.72 -8.33 -4.98
N ILE B 84 9.73 -9.66 -4.96
CA ILE B 84 8.51 -10.43 -5.19
C ILE B 84 7.50 -10.15 -4.08
N ARG B 85 7.98 -10.15 -2.84
CA ARG B 85 7.13 -9.84 -1.70
C ARG B 85 6.66 -8.40 -1.75
N LEU B 86 7.48 -7.50 -2.30
CA LEU B 86 7.04 -6.13 -2.48
C LEU B 86 5.95 -6.05 -3.54
N SER B 87 6.09 -6.85 -4.61
CA SER B 87 5.18 -6.77 -5.76
C SER B 87 3.81 -7.34 -5.44
N TYR B 88 3.76 -8.52 -4.80
CA TYR B 88 2.47 -9.10 -4.42
C TYR B 88 1.61 -8.15 -3.59
N VAL B 89 2.24 -7.38 -2.70
CA VAL B 89 1.44 -6.59 -1.76
C VAL B 89 0.63 -5.52 -2.50
N MET B 90 1.26 -4.73 -3.36
CA MET B 90 0.51 -3.81 -4.21
C MET B 90 -0.38 -4.51 -5.23
N ALA B 91 0.04 -5.64 -5.80
CA ALA B 91 -0.87 -6.33 -6.70
C ALA B 91 -2.19 -6.60 -6.01
N LEU B 92 -2.13 -7.20 -4.82
CA LEU B 92 -3.34 -7.60 -4.11
C LEU B 92 -4.07 -6.43 -3.48
N ILE B 93 -3.34 -5.44 -2.96
CA ILE B 93 -4.00 -4.29 -2.34
C ILE B 93 -4.70 -3.44 -3.39
N ARG B 94 -4.06 -3.20 -4.54
CA ARG B 94 -4.70 -2.48 -5.62
C ARG B 94 -5.91 -3.26 -6.09
N PHE B 95 -5.78 -4.58 -6.17
CA PHE B 95 -6.94 -5.41 -6.47
C PHE B 95 -8.10 -5.17 -5.51
N VAL B 96 -7.87 -5.29 -4.21
CA VAL B 96 -8.98 -5.22 -3.28
C VAL B 96 -9.51 -3.80 -3.17
N ASN B 97 -8.66 -2.80 -3.41
CA ASN B 97 -9.11 -1.41 -3.28
C ASN B 97 -9.92 -0.98 -4.48
N GLY B 98 -9.60 -1.50 -5.67
CA GLY B 98 -10.36 -1.10 -6.84
C GLY B 98 -11.71 -1.76 -6.92
N LEU B 99 -12.00 -2.68 -6.00
CA LEU B 99 -13.34 -3.25 -5.92
C LEU B 99 -14.20 -2.50 -4.92
N LEU B 100 -13.58 -2.02 -3.83
CA LEU B 100 -14.34 -1.39 -2.77
C LEU B 100 -14.48 0.12 -2.99
N ASP B 101 -13.39 0.79 -3.33
CA ASP B 101 -13.37 2.25 -3.40
C ASP B 101 -14.19 2.79 -4.57
N PRO B 102 -13.87 2.49 -5.83
CA PRO B 102 -14.43 3.25 -6.94
C PRO B 102 -15.89 2.92 -7.23
N THR B 103 -16.51 3.83 -7.99
CA THR B 103 -17.91 3.72 -8.40
C THR B 103 -18.84 3.33 -7.26
N GLN B 104 -18.96 4.17 -6.24
CA GLN B 104 -18.21 5.42 -6.09
C GLN B 104 -18.02 5.75 -4.63
N GLN B 105 -16.80 6.13 -4.25
CA GLN B 105 -16.55 6.57 -2.89
C GLN B 105 -17.15 7.95 -2.64
N SER B 106 -17.83 8.10 -1.51
CA SER B 106 -18.56 9.33 -1.21
C SER B 106 -18.49 9.62 0.28
N GLN B 107 -19.13 10.73 0.66
CA GLN B 107 -19.19 11.09 2.08
C GLN B 107 -19.94 10.03 2.88
N PHE B 108 -21.00 9.46 2.32
CA PHE B 108 -21.70 8.32 2.91
C PHE B 108 -21.15 7.07 2.24
N ALA B 109 -20.57 6.17 3.05
CA ALA B 109 -19.96 4.97 2.50
C ALA B 109 -20.37 3.78 3.36
N ILE B 110 -20.86 2.75 2.68
CA ILE B 110 -21.21 1.49 3.35
C ILE B 110 -19.93 0.83 3.83
N PRO B 111 -19.90 0.24 5.04
CA PRO B 111 -18.64 -0.29 5.57
C PRO B 111 -18.03 -1.38 4.70
N LEU B 112 -16.70 -1.49 4.76
CA LEU B 112 -15.95 -2.25 3.77
C LEU B 112 -16.28 -3.74 3.82
N HIS B 113 -16.42 -4.31 5.03
CA HIS B 113 -16.69 -5.74 5.13
C HIS B 113 -17.99 -6.12 4.46
N THR B 114 -19.06 -5.36 4.70
CA THR B 114 -20.32 -5.69 4.05
C THR B 114 -20.31 -5.31 2.57
N LEU B 115 -19.44 -4.39 2.17
CA LEU B 115 -19.21 -4.19 0.74
C LEU B 115 -18.64 -5.46 0.11
N ALA B 116 -17.65 -6.06 0.76
CA ALA B 116 -17.09 -7.32 0.27
C ALA B 116 -18.15 -8.41 0.24
N ALA B 117 -18.98 -8.47 1.28
CA ALA B 117 -20.08 -9.43 1.30
C ALA B 117 -21.06 -9.19 0.16
N LYS B 118 -21.32 -7.92 -0.16
CA LYS B 118 -22.28 -7.60 -1.20
C LYS B 118 -21.76 -7.97 -2.58
N ILE B 119 -20.52 -7.59 -2.90
CA ILE B 119 -19.99 -7.88 -4.23
C ILE B 119 -19.61 -9.35 -4.34
N GLY B 120 -19.60 -10.06 -3.22
CA GLY B 120 -19.22 -11.46 -3.19
C GLY B 120 -17.81 -11.73 -2.75
N LEU B 121 -17.02 -10.70 -2.48
CA LEU B 121 -15.65 -10.88 -2.05
C LEU B 121 -15.62 -11.44 -0.63
N PRO B 122 -14.92 -12.55 -0.38
CA PRO B 122 -14.83 -13.06 0.98
C PRO B 122 -14.09 -12.09 1.91
N SER B 123 -14.58 -12.01 3.14
CA SER B 123 -14.22 -10.95 4.06
C SER B 123 -12.75 -10.95 4.46
N TRP B 124 -12.00 -12.00 4.16
CA TRP B 124 -10.57 -12.01 4.44
C TRP B 124 -9.77 -11.19 3.44
N PHE B 125 -10.37 -10.78 2.32
CA PHE B 125 -9.68 -9.87 1.41
C PHE B 125 -9.75 -8.42 1.90
N VAL B 126 -10.68 -8.13 2.80
CA VAL B 126 -10.77 -6.77 3.33
C VAL B 126 -9.51 -6.47 4.12
N ASP B 127 -8.93 -7.51 4.73
CA ASP B 127 -7.84 -7.29 5.68
C ASP B 127 -6.51 -7.03 5.01
N LEU B 128 -6.30 -7.48 3.77
CA LEU B 128 -4.93 -7.40 3.27
C LEU B 128 -4.59 -6.01 2.78
N ARG B 129 -5.51 -5.06 2.89
CA ARG B 129 -5.15 -3.66 2.70
C ARG B 129 -4.13 -3.22 3.74
N HIS B 130 -4.41 -3.48 5.02
CA HIS B 130 -3.50 -3.16 6.12
C HIS B 130 -2.62 -4.34 6.52
N TRP B 131 -2.84 -5.51 5.92
CA TRP B 131 -1.97 -6.66 6.16
C TRP B 131 -0.54 -6.40 5.70
N GLY B 132 -0.37 -5.66 4.60
CA GLY B 132 0.96 -5.40 4.08
C GLY B 132 1.51 -4.02 4.36
N THR B 133 0.67 -2.99 4.28
CA THR B 133 1.16 -1.61 4.40
C THR B 133 1.42 -1.24 5.86
N HIS B 134 0.63 -1.76 6.79
CA HIS B 134 0.73 -1.32 8.17
C HIS B 134 1.52 -2.30 9.03
N GLU B 135 1.58 -3.56 8.62
CA GLU B 135 2.37 -4.54 9.38
C GLU B 135 3.85 -4.24 9.23
N ARG B 136 4.61 -4.53 10.30
CA ARG B 136 6.04 -4.20 10.30
C ARG B 136 6.78 -4.98 9.22
N ASP B 137 6.61 -6.29 9.18
CA ASP B 137 7.33 -7.13 8.24
C ASP B 137 6.38 -7.66 7.19
N LEU B 138 6.88 -7.73 5.97
CA LEU B 138 6.08 -8.19 4.84
C LEU B 138 5.67 -9.64 5.06
N PRO B 139 4.51 -10.04 4.54
CA PRO B 139 4.06 -11.41 4.71
C PRO B 139 4.97 -12.39 4.00
N GLY B 140 4.92 -13.64 4.46
CA GLY B 140 5.73 -14.67 3.86
C GLY B 140 5.38 -14.87 2.39
N LEU B 141 6.39 -15.29 1.64
CA LEU B 141 6.20 -15.49 0.21
C LEU B 141 5.11 -16.53 -0.04
N GLU B 142 5.01 -17.53 0.83
CA GLU B 142 4.00 -18.56 0.67
C GLU B 142 2.59 -18.02 0.88
N MET B 143 2.42 -17.18 1.91
CA MET B 143 1.09 -16.64 2.17
C MET B 143 0.64 -15.72 1.05
N LEU B 144 1.55 -14.90 0.52
CA LEU B 144 1.25 -14.07 -0.63
C LEU B 144 0.94 -14.90 -1.86
N ARG B 145 1.69 -15.97 -2.10
CA ARG B 145 1.40 -16.84 -3.23
C ARG B 145 0.01 -17.43 -3.10
N TRP B 146 -0.34 -17.87 -1.89
CA TRP B 146 -1.66 -18.44 -1.63
C TRP B 146 -2.75 -17.41 -1.90
N ALA B 147 -2.53 -16.18 -1.44
CA ALA B 147 -3.52 -15.13 -1.66
C ALA B 147 -3.67 -14.78 -3.14
N ALA B 148 -2.56 -14.74 -3.89
CA ALA B 148 -2.64 -14.41 -5.30
C ALA B 148 -3.35 -15.50 -6.09
N ASN B 149 -3.01 -16.76 -5.82
CA ASN B 149 -3.67 -17.86 -6.51
C ASN B 149 -5.13 -18.00 -6.09
N GLU B 150 -5.52 -17.53 -4.90
CA GLU B 150 -6.91 -17.44 -4.53
C GLU B 150 -7.64 -16.29 -5.22
N ALA B 151 -6.98 -15.13 -5.33
CA ALA B 151 -7.60 -13.97 -5.96
C ALA B 151 -7.84 -14.22 -7.43
N LEU B 152 -6.88 -14.83 -8.13
CA LEU B 152 -7.08 -15.09 -9.56
C LEU B 152 -8.27 -16.02 -9.78
N SER B 153 -8.40 -17.05 -8.94
CA SER B 153 -9.56 -17.92 -9.02
C SER B 153 -10.84 -17.16 -8.72
N TRP B 154 -10.78 -16.22 -7.76
CA TRP B 154 -11.96 -15.41 -7.47
C TRP B 154 -12.40 -14.60 -8.67
N LEU B 155 -11.44 -13.97 -9.36
CA LEU B 155 -11.80 -13.17 -10.53
C LEU B 155 -12.32 -14.05 -11.66
N TYR B 156 -11.74 -15.23 -11.83
CA TYR B 156 -12.28 -16.14 -12.84
C TYR B 156 -13.70 -16.54 -12.52
N ASP B 157 -14.00 -16.77 -11.24
CA ASP B 157 -15.33 -17.22 -10.87
C ASP B 157 -16.36 -16.09 -10.93
N HIS B 158 -15.94 -14.86 -10.63
CA HIS B 158 -16.87 -13.76 -10.43
C HIS B 158 -16.99 -12.83 -11.63
N TYR B 159 -15.90 -12.62 -12.37
CA TYR B 159 -15.95 -11.76 -13.55
C TYR B 159 -15.73 -12.50 -14.86
N TRP B 160 -14.61 -13.22 -14.99
CA TRP B 160 -14.24 -13.78 -16.28
C TRP B 160 -15.25 -14.83 -16.75
N ASN B 161 -15.72 -15.67 -15.84
CA ASN B 161 -16.63 -16.75 -16.19
C ASN B 161 -18.03 -16.57 -15.62
N ASP B 162 -18.36 -15.37 -15.16
CA ASP B 162 -19.70 -15.06 -14.67
C ASP B 162 -20.33 -14.00 -15.55
N GLU B 163 -21.56 -14.27 -16.00
CA GLU B 163 -22.22 -13.42 -16.99
C GLU B 163 -23.32 -12.55 -16.40
N GLU B 164 -23.23 -12.17 -15.12
CA GLU B 164 -24.16 -11.21 -14.56
C GLU B 164 -23.89 -9.82 -15.15
N LEU B 165 -24.94 -9.18 -15.68
CA LEU B 165 -24.80 -7.92 -16.37
C LEU B 165 -25.37 -6.74 -15.61
N GLU B 166 -25.70 -6.90 -14.33
CA GLU B 166 -26.38 -5.83 -13.59
C GLU B 166 -25.43 -4.66 -13.33
N ASP B 167 -24.34 -4.91 -12.63
CA ASP B 167 -23.41 -3.86 -12.19
C ASP B 167 -24.14 -2.79 -11.38
N ILE C 2 18.08 4.44 31.31
CA ILE C 2 18.84 3.89 30.19
C ILE C 2 18.88 2.36 30.23
N PRO C 3 17.75 1.73 29.90
CA PRO C 3 17.70 0.27 29.86
C PRO C 3 18.35 -0.26 28.61
N PRO C 4 19.05 -1.38 28.69
CA PRO C 4 19.70 -1.93 27.50
C PRO C 4 18.69 -2.32 26.43
N ARG C 5 19.12 -2.18 25.18
CA ARG C 5 18.31 -2.51 24.01
C ARG C 5 19.01 -3.57 23.20
N ILE C 6 18.25 -4.52 22.67
CA ILE C 6 18.80 -5.48 21.73
C ILE C 6 18.87 -4.85 20.35
N VAL C 7 20.04 -4.91 19.74
CA VAL C 7 20.23 -4.42 18.37
C VAL C 7 20.95 -5.50 17.58
N PRO C 8 20.55 -5.74 16.33
CA PRO C 8 21.17 -6.84 15.57
C PRO C 8 22.66 -6.65 15.34
N TRP C 9 23.14 -5.43 15.16
CA TRP C 9 24.56 -5.22 14.94
C TRP C 9 25.33 -5.38 16.25
N ARG C 10 26.53 -5.93 16.15
CA ARG C 10 27.32 -6.21 17.34
C ARG C 10 27.80 -4.96 18.05
N ASP C 11 28.14 -3.91 17.30
CA ASP C 11 28.63 -2.68 17.91
C ASP C 11 28.47 -1.54 16.91
N PHE C 12 28.91 -0.35 17.31
CA PHE C 12 28.79 0.82 16.45
C PHE C 12 29.64 0.70 15.19
N ALA C 13 30.80 0.05 15.27
CA ALA C 13 31.66 -0.13 14.11
C ALA C 13 31.01 -0.99 13.03
N GLU C 14 29.96 -1.72 13.36
CA GLU C 14 29.24 -2.52 12.38
C GLU C 14 28.06 -1.77 11.79
N LEU C 15 27.57 -0.74 12.47
CA LEU C 15 26.58 0.17 11.91
C LEU C 15 27.20 1.41 11.28
N GLU C 16 28.38 1.83 11.73
CA GLU C 16 29.08 2.92 11.06
C GLU C 16 29.43 2.56 9.62
N GLU C 17 29.89 1.32 9.40
CA GLU C 17 30.22 0.91 8.04
C GLU C 17 28.96 0.69 7.21
N LEU C 18 27.84 0.41 7.87
CA LEU C 18 26.58 0.27 7.13
C LEU C 18 26.16 1.60 6.50
N LYS C 19 26.37 2.70 7.23
CA LYS C 19 26.08 4.02 6.66
C LYS C 19 26.98 4.30 5.46
N LEU C 20 28.27 3.97 5.57
CA LEU C 20 29.17 4.18 4.44
C LEU C 20 28.76 3.35 3.24
N TRP C 21 28.35 2.11 3.47
CA TRP C 21 27.92 1.25 2.37
C TRP C 21 26.67 1.80 1.70
N PHE C 22 25.73 2.31 2.50
CA PHE C 22 24.47 2.79 1.94
C PHE C 22 24.66 4.03 1.07
N TYR C 23 25.62 4.88 1.42
CA TYR C 23 25.89 6.13 0.71
C TYR C 23 27.36 6.19 0.32
N PRO C 24 27.75 5.43 -0.70
CA PRO C 24 29.19 5.33 -1.00
C PRO C 24 29.74 6.52 -1.77
N LYS C 25 28.89 7.21 -2.54
CA LYS C 25 29.23 8.26 -3.49
C LYS C 25 29.98 7.71 -4.70
N SER C 26 30.00 6.39 -4.91
CA SER C 26 30.67 5.77 -6.04
C SER C 26 29.63 5.15 -6.96
N LYS C 27 29.83 5.32 -8.27
CA LYS C 27 28.85 4.83 -9.24
C LYS C 27 28.83 3.31 -9.31
N GLY C 28 30.00 2.69 -9.46
CA GLY C 28 30.08 1.26 -9.70
C GLY C 28 31.45 0.72 -9.33
N THR C 29 31.70 -0.51 -9.80
CA THR C 29 32.99 -1.22 -9.68
C THR C 29 33.17 -1.63 -8.21
N ILE C 30 34.40 -1.65 -7.69
CA ILE C 30 34.64 -2.23 -6.37
C ILE C 30 34.18 -1.30 -5.26
N GLU C 31 34.31 0.01 -5.46
CA GLU C 31 34.01 0.95 -4.39
C GLU C 31 32.53 0.93 -4.01
N ASP C 32 31.66 0.66 -4.99
CA ASP C 32 30.24 0.52 -4.69
C ASP C 32 29.98 -0.78 -3.95
N LYS C 33 29.44 -0.67 -2.73
CA LYS C 33 29.10 -1.83 -1.90
C LYS C 33 27.70 -1.62 -1.33
N ARG C 34 26.78 -1.16 -2.18
CA ARG C 34 25.41 -0.89 -1.77
C ARG C 34 24.52 -2.13 -1.80
N GLN C 35 24.87 -3.13 -2.60
CA GLN C 35 24.18 -4.42 -2.53
C GLN C 35 24.50 -5.12 -1.22
N ARG C 36 25.74 -4.97 -0.75
CA ARG C 36 26.16 -5.62 0.48
C ARG C 36 25.42 -5.07 1.68
N ALA C 37 25.13 -3.76 1.69
CA ALA C 37 24.37 -3.18 2.79
C ALA C 37 22.98 -3.79 2.88
N VAL C 38 22.32 -3.98 1.74
CA VAL C 38 21.02 -4.64 1.74
C VAL C 38 21.15 -6.11 2.15
N GLN C 39 22.16 -6.82 1.67
CA GLN C 39 22.36 -8.21 2.08
C GLN C 39 22.68 -8.34 3.56
N ARG C 40 23.17 -7.29 4.20
CA ARG C 40 23.42 -7.31 5.63
C ARG C 40 22.19 -6.93 6.45
N VAL C 41 21.42 -5.93 6.01
CA VAL C 41 20.15 -5.68 6.67
C VAL C 41 19.20 -6.86 6.50
N GLN C 42 19.34 -7.63 5.42
CA GLN C 42 18.59 -8.87 5.26
C GLN C 42 18.95 -9.91 6.31
N SER C 43 20.19 -9.94 6.78
CA SER C 43 20.57 -10.78 7.90
C SER C 43 20.11 -10.21 9.23
N TYR C 44 20.02 -8.88 9.32
CA TYR C 44 19.44 -8.26 10.51
C TYR C 44 17.99 -8.66 10.68
N ARG C 45 17.25 -8.82 9.58
CA ARG C 45 15.87 -9.27 9.66
C ARG C 45 15.76 -10.71 10.14
N LEU C 46 16.83 -11.49 10.00
CA LEU C 46 16.82 -12.86 10.48
C LEU C 46 16.72 -12.91 12.00
N LYS C 47 17.60 -12.18 12.69
CA LYS C 47 17.51 -12.13 14.14
C LYS C 47 16.28 -11.37 14.61
N GLY C 48 15.91 -10.32 13.88
CA GLY C 48 14.72 -9.58 14.21
C GLY C 48 13.45 -10.31 13.78
N SER C 49 12.48 -9.53 13.30
CA SER C 49 12.68 -8.09 13.18
C SER C 49 11.85 -7.36 14.21
N GLN C 50 12.37 -7.28 15.42
CA GLN C 50 11.85 -6.44 16.50
C GLN C 50 12.94 -5.52 17.04
N TYR C 51 14.19 -5.89 16.79
CA TYR C 51 15.32 -5.07 17.22
C TYR C 51 15.68 -4.06 16.15
N LEU C 52 15.43 -4.40 14.88
CA LEU C 52 15.85 -3.55 13.77
C LEU C 52 14.98 -2.30 13.71
N PRO C 53 15.57 -1.11 13.81
CA PRO C 53 14.77 0.11 13.69
C PRO C 53 14.17 0.22 12.30
N HIS C 54 13.00 0.85 12.24
CA HIS C 54 12.34 1.03 10.95
C HIS C 54 13.12 2.00 10.07
N VAL C 55 13.87 2.91 10.67
CA VAL C 55 14.66 3.85 9.89
C VAL C 55 15.78 3.14 9.13
N VAL C 56 16.19 1.96 9.58
CA VAL C 56 17.16 1.14 8.85
C VAL C 56 16.47 0.14 7.93
N ASP C 57 15.34 -0.44 8.36
CA ASP C 57 14.57 -1.34 7.51
C ASP C 57 14.12 -0.65 6.24
N SER C 58 13.63 0.59 6.34
CA SER C 58 13.21 1.33 5.16
C SER C 58 14.38 1.83 4.34
N THR C 59 15.47 2.26 4.97
CA THR C 59 16.68 2.58 4.22
C THR C 59 17.16 1.41 3.38
N ALA C 60 17.04 0.19 3.89
CA ALA C 60 17.38 -0.99 3.13
C ALA C 60 16.35 -1.34 2.06
N GLN C 61 15.05 -1.20 2.34
CA GLN C 61 14.06 -1.54 1.32
C GLN C 61 14.10 -0.57 0.14
N ILE C 62 14.20 0.73 0.41
CA ILE C 62 14.26 1.71 -0.67
C ILE C 62 15.51 1.48 -1.51
N THR C 63 16.64 1.24 -0.85
CA THR C 63 17.87 0.94 -1.56
C THR C 63 17.79 -0.36 -2.35
N CYS C 64 17.09 -1.37 -1.82
CA CYS C 64 16.93 -2.61 -2.57
C CYS C 64 16.12 -2.38 -3.83
N ALA C 65 15.06 -1.57 -3.75
CA ALA C 65 14.32 -1.23 -4.96
C ALA C 65 15.16 -0.43 -5.95
N VAL C 66 15.95 0.54 -5.44
CA VAL C 66 16.82 1.33 -6.30
C VAL C 66 17.83 0.45 -7.01
N LEU C 67 18.43 -0.49 -6.30
CA LEU C 67 19.29 -1.48 -6.94
C LEU C 67 18.52 -2.38 -7.88
N LEU C 68 17.23 -2.62 -7.61
CA LEU C 68 16.45 -3.48 -8.47
C LEU C 68 16.26 -2.86 -9.85
N ASP C 69 15.99 -1.56 -9.93
CA ASP C 69 15.73 -1.00 -11.25
C ASP C 69 17.00 -0.79 -12.05
N GLU C 70 18.17 -0.96 -11.44
CA GLU C 70 19.44 -0.77 -12.14
C GLU C 70 19.97 -2.13 -12.62
N LYS C 71 19.31 -2.66 -13.64
CA LYS C 71 19.75 -3.86 -14.33
C LYS C 71 19.84 -3.54 -15.82
N GLU C 72 21.02 -3.72 -16.40
CA GLU C 72 21.32 -3.20 -17.73
C GLU C 72 21.95 -4.24 -18.66
N ALA C 73 21.75 -5.53 -18.41
CA ALA C 73 22.31 -6.58 -19.26
C ALA C 73 21.20 -7.56 -19.67
N CYS C 74 20.45 -7.18 -20.71
CA CYS C 74 19.48 -8.05 -21.39
C CYS C 74 18.63 -8.87 -20.42
N LEU C 75 18.40 -8.33 -19.23
CA LEU C 75 17.68 -9.05 -18.19
C LEU C 75 17.09 -8.05 -17.20
N GLY C 76 16.13 -8.55 -16.41
CA GLY C 76 15.64 -7.78 -15.29
C GLY C 76 14.55 -6.79 -15.66
N VAL C 77 14.93 -5.51 -15.69
CA VAL C 77 13.92 -4.44 -15.68
C VAL C 77 13.70 -3.89 -17.08
N HIS C 78 14.74 -3.87 -17.91
CA HIS C 78 14.62 -3.28 -19.24
C HIS C 78 13.64 -4.07 -20.10
N GLN C 79 13.39 -5.34 -19.76
CA GLN C 79 12.38 -6.09 -20.48
C GLN C 79 10.97 -5.69 -20.05
N ASP C 80 10.75 -5.47 -18.76
CA ASP C 80 9.43 -5.10 -18.23
C ASP C 80 9.61 -4.28 -16.97
N SER C 81 8.91 -3.14 -16.91
CA SER C 81 9.14 -2.13 -15.87
C SER C 81 7.89 -1.98 -14.99
N ILE C 82 7.02 -2.98 -15.01
CA ILE C 82 5.91 -3.02 -14.06
C ILE C 82 6.36 -3.46 -12.66
N PRO C 83 7.36 -4.34 -12.48
CA PRO C 83 7.78 -4.66 -11.10
C PRO C 83 8.35 -3.47 -10.36
N ILE C 84 9.08 -2.60 -11.06
CA ILE C 84 9.81 -1.52 -10.39
C ILE C 84 8.85 -0.53 -9.77
N ARG C 85 7.78 -0.19 -10.48
CA ARG C 85 6.81 0.74 -9.93
C ARG C 85 6.18 0.18 -8.66
N LEU C 86 5.84 -1.10 -8.67
CA LEU C 86 5.25 -1.74 -7.50
C LEU C 86 6.24 -1.76 -6.33
N SER C 87 7.51 -2.02 -6.61
CA SER C 87 8.52 -2.08 -5.57
C SER C 87 8.79 -0.72 -4.94
N TYR C 88 8.92 0.32 -5.78
CA TYR C 88 9.02 1.69 -5.27
C TYR C 88 7.80 2.07 -4.45
N VAL C 89 6.60 1.73 -4.91
CA VAL C 89 5.41 2.06 -4.15
C VAL C 89 5.46 1.40 -2.78
N MET C 90 5.84 0.12 -2.73
CA MET C 90 5.97 -0.56 -1.44
C MET C 90 7.01 0.09 -0.55
N ALA C 91 8.22 0.29 -1.07
CA ALA C 91 9.27 0.87 -0.24
C ALA C 91 8.87 2.23 0.30
N LEU C 92 8.33 3.10 -0.54
CA LEU C 92 7.97 4.44 -0.09
C LEU C 92 6.79 4.42 0.88
N ILE C 93 5.76 3.60 0.61
CA ILE C 93 4.61 3.55 1.51
C ILE C 93 5.02 3.03 2.87
N ARG C 94 5.80 1.95 2.93
CA ARG C 94 6.23 1.44 4.23
C ARG C 94 7.14 2.42 4.94
N PHE C 95 8.03 3.09 4.21
CA PHE C 95 8.87 4.12 4.81
C PHE C 95 8.03 5.22 5.44
N VAL C 96 7.03 5.70 4.72
CA VAL C 96 6.18 6.75 5.25
C VAL C 96 5.39 6.24 6.45
N ASN C 97 4.83 5.04 6.35
CA ASN C 97 3.96 4.53 7.40
C ASN C 97 4.70 4.29 8.70
N GLY C 98 5.91 3.73 8.62
CA GLY C 98 6.66 3.40 9.81
C GLY C 98 6.97 4.59 10.69
N LEU C 99 7.21 5.75 10.07
CA LEU C 99 7.47 6.96 10.86
C LEU C 99 6.16 7.68 11.20
N LEU C 100 5.27 7.83 10.23
CA LEU C 100 4.11 8.69 10.41
C LEU C 100 3.05 8.05 11.29
N ASP C 101 2.80 6.75 11.11
CA ASP C 101 1.70 6.12 11.82
C ASP C 101 2.16 4.87 12.56
N PRO C 102 3.04 5.00 13.57
CA PRO C 102 3.19 3.89 14.52
C PRO C 102 2.12 3.93 15.61
N THR C 103 1.70 5.13 16.01
CA THR C 103 0.68 5.37 17.02
C THR C 103 1.12 4.90 18.41
N GLN C 104 2.39 4.51 18.55
CA GLN C 104 2.89 4.13 19.87
C GLN C 104 3.86 5.17 20.43
N GLN C 105 4.93 5.49 19.68
CA GLN C 105 5.94 6.41 20.20
C GLN C 105 5.37 7.80 20.38
N SER C 106 4.57 8.29 19.43
CA SER C 106 3.99 9.62 19.48
C SER C 106 2.54 9.53 19.95
N GLN C 107 1.99 10.68 20.32
CA GLN C 107 0.62 10.73 20.79
C GLN C 107 -0.36 10.39 19.66
N PHE C 108 -1.39 9.62 20.01
CA PHE C 108 -2.36 9.17 19.03
C PHE C 108 -3.35 10.27 18.66
N ALA C 109 -4.07 10.05 17.57
CA ALA C 109 -5.16 10.87 17.03
C ALA C 109 -4.68 12.21 16.51
N ILE C 110 -3.43 12.59 16.71
CA ILE C 110 -2.90 13.83 16.13
C ILE C 110 -2.76 13.66 14.63
N PRO C 111 -3.17 14.63 13.82
CA PRO C 111 -3.15 14.43 12.36
C PRO C 111 -1.74 14.20 11.83
N LEU C 112 -1.68 13.47 10.70
CA LEU C 112 -0.41 13.00 10.16
C LEU C 112 0.51 14.15 9.80
N HIS C 113 -0.04 15.25 9.27
CA HIS C 113 0.80 16.38 8.89
C HIS C 113 1.50 16.98 10.09
N THR C 114 0.86 16.97 11.26
CA THR C 114 1.50 17.48 12.47
C THR C 114 2.70 16.63 12.86
N LEU C 115 2.56 15.30 12.80
CA LEU C 115 3.72 14.44 13.08
C LEU C 115 4.80 14.64 12.05
N ALA C 116 4.43 14.81 10.78
CA ALA C 116 5.42 15.10 9.76
C ALA C 116 6.16 16.39 10.05
N ALA C 117 5.45 17.38 10.62
CA ALA C 117 6.12 18.59 11.07
C ALA C 117 7.04 18.32 12.25
N LYS C 118 6.61 17.48 13.19
CA LYS C 118 7.41 17.22 14.38
C LYS C 118 8.71 16.50 14.05
N ILE C 119 8.63 15.41 13.27
CA ILE C 119 9.83 14.67 12.92
C ILE C 119 10.58 15.29 11.75
N GLY C 120 10.07 16.40 11.20
CA GLY C 120 10.73 17.07 10.11
C GLY C 120 10.47 16.52 8.74
N LEU C 121 9.54 15.58 8.60
CA LEU C 121 9.26 14.99 7.29
C LEU C 121 8.64 16.03 6.36
N PRO C 122 9.10 16.12 5.12
CA PRO C 122 8.39 16.91 4.12
C PRO C 122 6.89 16.60 4.13
N SER C 123 6.10 17.65 3.92
CA SER C 123 4.65 17.50 3.96
C SER C 123 4.15 16.60 2.84
N TRP C 124 4.87 16.58 1.71
CA TRP C 124 4.41 15.79 0.57
C TRP C 124 4.63 14.29 0.76
N PHE C 125 5.44 13.88 1.74
CA PHE C 125 5.57 12.47 2.03
C PHE C 125 4.28 11.91 2.62
N VAL C 126 3.45 12.77 3.20
CA VAL C 126 2.17 12.32 3.73
C VAL C 126 1.28 11.81 2.60
N ASP C 127 1.22 12.56 1.50
CA ASP C 127 0.41 12.15 0.36
C ASP C 127 1.01 10.98 -0.38
N LEU C 128 2.23 10.58 -0.02
CA LEU C 128 2.86 9.42 -0.63
C LEU C 128 2.23 8.12 -0.14
N ARG C 129 1.34 8.20 0.83
CA ARG C 129 0.66 7.00 1.31
C ARG C 129 -0.32 6.46 0.28
N HIS C 130 -1.18 7.33 -0.28
CA HIS C 130 -2.15 6.85 -1.25
C HIS C 130 -1.48 6.49 -2.56
N TRP C 131 -0.90 7.48 -3.24
CA TRP C 131 0.16 7.31 -4.23
C TRP C 131 -0.07 6.18 -5.23
N GLY C 132 -0.06 4.94 -4.76
CA GLY C 132 -0.26 3.80 -5.64
C GLY C 132 -1.31 2.86 -5.09
N THR C 133 -1.88 3.23 -3.95
CA THR C 133 -2.87 2.41 -3.26
C THR C 133 -4.30 2.85 -3.58
N HIS C 134 -4.54 4.17 -3.64
CA HIS C 134 -5.88 4.70 -3.83
C HIS C 134 -5.99 5.47 -5.14
N GLU C 135 -5.19 5.11 -6.15
CA GLU C 135 -5.33 5.71 -7.46
C GLU C 135 -5.30 4.61 -8.52
N ARG C 136 -5.98 4.88 -9.64
CA ARG C 136 -6.16 3.85 -10.67
C ARG C 136 -4.82 3.40 -11.24
N ASP C 137 -3.95 4.35 -11.55
CA ASP C 137 -2.69 4.06 -12.20
C ASP C 137 -1.51 4.37 -11.29
N LEU C 138 -0.48 3.52 -11.37
CA LEU C 138 0.69 3.71 -10.54
C LEU C 138 1.44 4.97 -10.98
N PRO C 139 2.18 5.60 -10.09
CA PRO C 139 2.93 6.81 -10.46
C PRO C 139 3.99 6.48 -11.51
N GLY C 140 4.38 7.52 -12.24
CA GLY C 140 5.36 7.37 -13.30
C GLY C 140 6.68 6.84 -12.77
N LEU C 141 7.41 6.13 -13.61
CA LEU C 141 8.63 5.47 -13.16
C LEU C 141 9.66 6.47 -12.66
N GLU C 142 9.86 7.59 -13.36
CA GLU C 142 10.87 8.55 -12.94
C GLU C 142 10.37 9.36 -11.75
N MET C 143 9.06 9.58 -11.66
CA MET C 143 8.49 10.22 -10.49
C MET C 143 8.77 9.39 -9.25
N LEU C 144 8.79 8.06 -9.39
CA LEU C 144 9.16 7.18 -8.30
C LEU C 144 10.65 7.24 -8.00
N ARG C 145 11.49 7.29 -9.04
CA ARG C 145 12.93 7.35 -8.79
C ARG C 145 13.31 8.60 -8.03
N TRP C 146 12.76 9.75 -8.43
CA TRP C 146 13.16 10.99 -7.78
C TRP C 146 12.65 11.06 -6.35
N ALA C 147 11.51 10.41 -6.06
CA ALA C 147 10.99 10.34 -4.69
C ALA C 147 11.78 9.35 -3.83
N ALA C 148 12.20 8.23 -4.40
CA ALA C 148 13.02 7.28 -3.64
C ALA C 148 14.37 7.90 -3.29
N ASN C 149 14.99 8.59 -4.24
CA ASN C 149 16.25 9.27 -3.93
C ASN C 149 16.04 10.36 -2.89
N GLU C 150 14.92 11.08 -2.97
CA GLU C 150 14.63 12.10 -1.97
C GLU C 150 14.44 11.48 -0.58
N ALA C 151 13.75 10.34 -0.51
CA ALA C 151 13.56 9.68 0.77
C ALA C 151 14.89 9.20 1.34
N LEU C 152 15.75 8.64 0.50
CA LEU C 152 17.07 8.22 0.98
C LEU C 152 17.88 9.40 1.48
N SER C 153 17.84 10.52 0.75
CA SER C 153 18.57 11.71 1.19
C SER C 153 18.02 12.22 2.52
N TRP C 154 16.70 12.22 2.67
CA TRP C 154 16.09 12.67 3.92
C TRP C 154 16.49 11.77 5.07
N LEU C 155 16.48 10.45 4.84
CA LEU C 155 16.89 9.52 5.88
C LEU C 155 18.34 9.73 6.27
N TYR C 156 19.21 9.97 5.28
CA TYR C 156 20.61 10.17 5.58
C TYR C 156 20.82 11.46 6.37
N ASP C 157 20.06 12.50 6.02
CA ASP C 157 20.23 13.80 6.67
C ASP C 157 19.67 13.80 8.09
N HIS C 158 18.54 13.13 8.31
CA HIS C 158 17.83 13.28 9.57
C HIS C 158 18.04 12.10 10.51
N TYR C 159 18.61 11.00 10.02
CA TYR C 159 18.92 9.89 10.91
C TYR C 159 20.40 9.52 10.92
N TRP C 160 21.00 9.30 9.76
CA TRP C 160 22.36 8.75 9.73
C TRP C 160 23.40 9.81 10.08
N ASN C 161 23.00 11.08 10.13
CA ASN C 161 23.91 12.16 10.48
C ASN C 161 23.63 12.82 11.82
N ASP C 162 22.38 12.98 12.22
CA ASP C 162 22.06 13.82 13.36
C ASP C 162 22.56 13.22 14.66
N GLU C 163 22.91 14.09 15.61
CA GLU C 163 23.37 13.68 16.93
C GLU C 163 22.28 13.81 17.99
N GLU C 164 21.02 13.89 17.59
CA GLU C 164 19.93 13.93 18.56
C GLU C 164 19.66 12.53 19.09
N LEU C 165 19.64 12.40 20.42
CA LEU C 165 19.37 11.14 21.08
C LEU C 165 18.12 11.17 21.95
N GLU C 166 17.22 12.12 21.74
CA GLU C 166 16.05 12.24 22.61
C GLU C 166 15.02 11.15 22.31
N ASP C 167 14.52 11.14 21.09
CA ASP C 167 13.44 10.23 20.69
C ASP C 167 12.23 10.36 21.61
N LEU D 65 -15.58 -16.45 55.96
CA LEU D 65 -15.43 -17.77 56.56
C LEU D 65 -14.16 -17.84 57.39
N ILE D 66 -14.25 -18.52 58.53
CA ILE D 66 -13.09 -18.66 59.42
C ILE D 66 -12.11 -19.65 58.82
N ASP D 67 -10.84 -19.25 58.76
CA ASP D 67 -9.80 -20.12 58.22
C ASP D 67 -9.61 -21.34 59.10
N ASN D 68 -9.22 -22.45 58.48
CA ASN D 68 -9.01 -23.68 59.22
C ASN D 68 -7.71 -23.61 60.01
N ILE D 69 -7.44 -24.67 60.77
CA ILE D 69 -6.22 -24.77 61.56
C ILE D 69 -5.03 -24.87 60.62
N THR D 70 -3.83 -24.55 61.13
CA THR D 70 -2.61 -24.61 60.35
C THR D 70 -1.67 -25.64 60.96
N TYR D 71 -1.19 -26.56 60.13
CA TYR D 71 -0.25 -27.60 60.55
C TYR D 71 1.09 -27.38 59.87
N GLU D 72 2.04 -26.82 60.61
CA GLU D 72 3.36 -26.61 60.05
C GLU D 72 4.20 -27.88 60.20
N GLY D 73 4.98 -28.18 59.17
CA GLY D 73 5.85 -29.34 59.19
C GLY D 73 5.09 -30.63 58.95
N ASP D 74 5.85 -31.73 58.88
CA ASP D 74 7.31 -31.70 58.94
C ASP D 74 7.91 -31.25 57.61
N GLU D 75 7.25 -31.61 56.52
CA GLU D 75 7.66 -31.18 55.19
C GLU D 75 6.41 -30.86 54.38
N ASP D 76 6.59 -30.01 53.37
CA ASP D 76 5.59 -29.57 52.41
C ASP D 76 4.59 -28.59 53.03
N GLU D 77 4.64 -28.35 54.34
CA GLU D 77 3.69 -27.49 55.03
C GLU D 77 2.25 -27.85 54.64
N THR D 78 1.92 -29.13 54.78
CA THR D 78 0.59 -29.58 54.41
C THR D 78 -0.46 -28.88 55.28
N MET D 79 -1.55 -28.47 54.64
CA MET D 79 -2.64 -27.77 55.30
C MET D 79 -3.91 -28.61 55.19
N PHE D 80 -4.69 -28.60 56.26
CA PHE D 80 -5.99 -29.26 56.32
C PHE D 80 -7.08 -28.20 56.35
N VAL D 81 -8.09 -28.38 55.50
CA VAL D 81 -9.14 -27.39 55.31
C VAL D 81 -10.49 -28.01 55.66
N GLY D 82 -11.34 -27.23 56.33
CA GLY D 82 -12.70 -27.63 56.64
C GLY D 82 -13.66 -26.48 56.35
N LEU D 83 -14.67 -26.78 55.54
CA LEU D 83 -15.66 -25.79 55.12
C LEU D 83 -17.03 -26.19 55.66
N LYS D 84 -17.70 -25.27 56.33
CA LYS D 84 -19.04 -25.52 56.82
C LYS D 84 -20.03 -25.59 55.66
N GLU D 85 -20.83 -26.66 55.65
CA GLU D 85 -21.78 -26.93 54.58
C GLU D 85 -20.99 -27.02 53.28
N LYS D 86 -21.39 -26.33 52.20
CA LYS D 86 -20.66 -26.33 50.95
C LYS D 86 -20.09 -24.94 50.72
N GLN D 87 -18.77 -24.87 50.51
CA GLN D 87 -18.10 -23.60 50.29
C GLN D 87 -17.15 -23.74 49.12
N LYS D 88 -16.99 -22.65 48.37
CA LYS D 88 -16.08 -22.61 47.23
C LYS D 88 -14.67 -22.37 47.74
N LEU D 89 -13.79 -23.35 47.58
CA LEU D 89 -12.41 -23.20 48.00
C LEU D 89 -11.59 -22.55 46.89
N HIS D 90 -10.97 -21.42 47.24
CA HIS D 90 -10.12 -20.68 46.30
C HIS D 90 -8.67 -20.92 46.70
N LEU D 91 -7.96 -21.70 45.90
CA LEU D 91 -6.55 -21.97 46.15
C LEU D 91 -5.78 -21.81 44.85
N SER D 92 -4.67 -21.07 44.90
CA SER D 92 -3.88 -20.78 43.72
C SER D 92 -2.49 -21.36 43.86
N GLY D 93 -1.90 -21.73 42.73
CA GLY D 93 -0.58 -22.34 42.73
C GLY D 93 -0.62 -23.80 42.35
N VAL D 94 0.56 -24.42 42.39
CA VAL D 94 0.67 -25.85 42.14
C VAL D 94 0.61 -26.60 43.46
N PHE D 95 -0.29 -27.58 43.55
CA PHE D 95 -0.45 -28.30 44.81
C PHE D 95 -1.06 -29.68 44.61
N ARG D 96 -0.81 -30.61 45.53
CA ARG D 96 -1.31 -31.97 45.42
C ARG D 96 -2.34 -32.25 46.49
N LEU D 97 -3.47 -32.84 46.09
CA LEU D 97 -4.56 -33.19 46.97
C LEU D 97 -4.64 -34.70 47.16
N GLN D 98 -4.94 -35.11 48.39
CA GLN D 98 -5.28 -36.50 48.71
C GLN D 98 -6.50 -36.44 49.63
N VAL D 99 -7.68 -36.51 49.03
CA VAL D 99 -8.93 -36.31 49.75
C VAL D 99 -9.33 -37.62 50.43
N VAL D 100 -9.27 -37.65 51.76
CA VAL D 100 -9.58 -38.87 52.50
C VAL D 100 -11.07 -39.16 52.48
N LYS D 101 -11.90 -38.13 52.69
CA LYS D 101 -13.34 -38.31 52.78
C LYS D 101 -14.05 -37.17 52.05
N GLY D 102 -15.26 -37.47 51.59
CA GLY D 102 -16.06 -36.47 50.91
C GLY D 102 -15.84 -36.47 49.41
N GLY D 103 -16.73 -35.75 48.73
CA GLY D 103 -16.67 -35.67 47.28
C GLY D 103 -16.22 -34.31 46.78
N ILE D 104 -15.26 -34.31 45.87
CA ILE D 104 -14.72 -33.08 45.31
C ILE D 104 -15.43 -32.79 44.00
N VAL D 105 -15.86 -31.54 43.82
CA VAL D 105 -16.49 -31.12 42.58
C VAL D 105 -15.67 -30.01 41.95
N TYR D 106 -14.86 -30.36 40.95
CA TYR D 106 -14.09 -29.38 40.21
C TYR D 106 -14.75 -29.15 38.85
N ASN D 107 -15.51 -28.05 38.74
CA ASN D 107 -16.26 -27.72 37.53
C ASN D 107 -17.28 -28.82 37.20
N ASN D 108 -18.25 -29.00 38.09
CA ASN D 108 -19.40 -29.90 37.91
C ASN D 108 -18.98 -31.29 37.43
N VAL D 109 -17.92 -31.81 38.02
CA VAL D 109 -17.52 -33.19 37.83
C VAL D 109 -17.29 -33.80 39.21
N HIS D 110 -17.33 -35.13 39.26
CA HIS D 110 -17.19 -35.86 40.51
C HIS D 110 -15.81 -36.49 40.59
N TYR D 111 -15.07 -36.16 41.64
CA TYR D 111 -13.73 -36.71 41.88
C TYR D 111 -13.74 -37.36 43.26
N ASN D 112 -14.21 -38.60 43.33
CA ASN D 112 -14.10 -39.36 44.56
C ASN D 112 -12.67 -39.84 44.72
N ALA D 113 -12.04 -39.46 45.83
CA ALA D 113 -10.62 -39.70 46.04
C ALA D 113 -10.44 -40.67 47.19
N SER D 114 -9.63 -41.71 46.97
CA SER D 114 -9.30 -42.69 47.98
C SER D 114 -7.81 -43.01 47.86
N ARG D 115 -6.99 -42.30 48.66
CA ARG D 115 -5.55 -42.51 48.72
C ARG D 115 -4.86 -42.28 47.38
N GLU D 116 -5.38 -41.36 46.57
CA GLU D 116 -4.83 -41.05 45.25
C GLU D 116 -4.40 -39.59 45.24
N ILE D 117 -3.23 -39.33 44.67
CA ILE D 117 -2.70 -37.97 44.63
C ILE D 117 -3.16 -37.27 43.36
N LEU D 118 -3.57 -36.01 43.51
CA LEU D 118 -4.08 -35.22 42.40
C LEU D 118 -3.29 -33.92 42.32
N THR D 119 -2.52 -33.74 41.26
CA THR D 119 -1.75 -32.51 41.09
C THR D 119 -2.60 -31.46 40.41
N PHE D 120 -2.60 -30.25 40.97
CA PHE D 120 -3.36 -29.13 40.47
C PHE D 120 -2.44 -27.97 40.11
N TRP D 121 -2.71 -27.38 38.96
CA TRP D 121 -2.00 -26.20 38.49
C TRP D 121 -3.01 -25.07 38.34
N HIS D 122 -2.84 -24.00 39.10
CA HIS D 122 -3.77 -22.87 39.10
C HIS D 122 -3.00 -21.56 38.91
N PRO D 123 -2.57 -21.28 37.68
CA PRO D 123 -1.96 -19.98 37.40
C PRO D 123 -2.99 -18.86 37.43
N LEU D 124 -2.52 -17.66 37.72
CA LEU D 124 -3.40 -16.50 37.69
C LEU D 124 -3.74 -16.08 36.26
N SER D 125 -3.06 -16.68 35.27
CA SER D 125 -3.33 -16.34 33.88
C SER D 125 -4.77 -16.66 33.51
N GLN D 126 -5.26 -17.82 33.93
CA GLN D 126 -6.65 -18.17 33.72
C GLN D 126 -7.44 -18.09 35.03
N SER D 127 -8.75 -18.14 34.90
CA SER D 127 -9.62 -18.19 36.07
C SER D 127 -9.48 -19.53 36.76
N ILE D 128 -9.18 -19.51 38.05
CA ILE D 128 -8.90 -20.72 38.82
C ILE D 128 -10.23 -21.41 39.10
N PRO D 129 -10.39 -22.68 38.72
CA PRO D 129 -11.58 -23.43 39.12
C PRO D 129 -11.60 -23.64 40.63
N THR D 130 -12.63 -23.10 41.28
CA THR D 130 -12.76 -23.31 42.71
C THR D 130 -13.10 -24.78 43.00
N ILE D 131 -12.71 -25.23 44.19
CA ILE D 131 -12.94 -26.60 44.63
C ILE D 131 -14.17 -26.60 45.52
N ASP D 132 -15.20 -27.33 45.11
CA ASP D 132 -16.44 -27.41 45.85
C ASP D 132 -16.53 -28.71 46.62
N PHE D 133 -17.21 -28.65 47.77
CA PHE D 133 -17.43 -29.83 48.60
C PHE D 133 -18.82 -30.40 48.29
N SER D 134 -18.89 -31.72 48.19
CA SER D 134 -20.15 -32.42 47.97
C SER D 134 -20.16 -33.75 48.69
N HIS D 135 -21.36 -34.24 48.97
CA HIS D 135 -21.58 -35.53 49.58
C HIS D 135 -21.13 -36.65 48.65
N PHE D 136 -20.65 -37.76 49.22
CA PHE D 136 -20.58 -37.99 50.66
C PHE D 136 -19.30 -38.77 50.99
N ALA D 137 -18.78 -38.68 52.21
CA ALA D 137 -19.31 -37.81 53.28
C ALA D 137 -18.15 -37.20 54.06
N GLY D 138 -18.20 -35.89 54.27
CA GLY D 138 -17.16 -35.21 55.02
C GLY D 138 -17.67 -34.11 55.92
N TRP D 139 -16.81 -33.61 56.80
CA TRP D 139 -17.15 -32.51 57.70
C TRP D 139 -18.38 -32.81 58.55
N LEU D 165 -3.12 -36.53 53.88
CA LEU D 165 -2.51 -35.25 53.54
C LEU D 165 -3.39 -34.48 52.56
N ARG D 166 -3.48 -33.17 52.76
CA ARG D 166 -4.28 -32.32 51.89
C ARG D 166 -3.44 -31.11 51.49
N VAL D 167 -3.69 -30.62 50.28
CA VAL D 167 -3.01 -29.50 49.63
C VAL D 167 -1.52 -29.52 49.94
N PHE D 168 -0.90 -30.70 49.90
CA PHE D 168 0.53 -30.83 50.13
C PHE D 168 1.30 -30.07 49.06
N ASN D 169 2.54 -29.69 49.38
CA ASN D 169 3.30 -28.82 48.52
C ASN D 169 3.73 -29.53 47.24
N SER D 170 4.08 -28.73 46.24
CA SER D 170 4.46 -29.25 44.93
C SER D 170 5.81 -29.95 44.99
N ASN D 171 5.99 -30.94 44.13
CA ASN D 171 7.30 -31.57 43.99
C ASN D 171 8.26 -30.66 43.22
N HIS D 172 7.73 -29.73 42.44
CA HIS D 172 8.57 -28.80 41.70
C HIS D 172 9.29 -27.86 42.65
N THR D 173 10.58 -27.62 42.37
CA THR D 173 11.40 -26.88 43.33
C THR D 173 11.64 -25.45 42.88
N GLY D 174 12.07 -25.24 41.64
CA GLY D 174 12.49 -23.93 41.21
C GLY D 174 11.54 -23.23 40.27
N LEU D 175 10.28 -23.65 40.24
CA LEU D 175 9.32 -23.00 39.36
C LEU D 175 8.95 -21.62 39.86
N LEU D 176 8.71 -21.48 41.17
CA LEU D 176 8.31 -20.20 41.72
C LEU D 176 9.41 -19.15 41.55
N GLU D 177 10.66 -19.52 41.79
CA GLU D 177 11.76 -18.58 41.60
C GLU D 177 11.88 -18.14 40.15
N ALA D 178 11.00 -18.64 39.27
CA ALA D 178 10.87 -18.08 37.93
C ALA D 178 10.56 -16.60 37.95
N GLY D 179 9.95 -16.09 39.02
CA GLY D 179 9.75 -14.66 39.13
C GLY D 179 11.05 -13.87 39.22
N HIS D 180 12.12 -14.52 39.66
CA HIS D 180 13.41 -13.83 39.82
C HIS D 180 13.99 -13.43 38.48
N LEU D 181 14.08 -14.37 37.54
CA LEU D 181 14.69 -14.08 36.25
C LEU D 181 13.82 -13.15 35.41
N TYR D 182 12.55 -13.50 35.24
CA TYR D 182 11.62 -12.75 34.41
C TYR D 182 10.58 -12.14 35.32
N ARG D 183 10.65 -10.83 35.52
CA ARG D 183 9.92 -10.18 36.61
C ARG D 183 8.51 -9.77 36.20
N ASP D 184 8.10 -10.08 34.98
CA ASP D 184 6.72 -9.91 34.57
C ASP D 184 5.86 -11.12 34.88
N VAL D 185 6.46 -12.20 35.38
CA VAL D 185 5.74 -13.42 35.71
C VAL D 185 5.84 -13.75 37.20
N ASN D 186 6.29 -12.79 38.02
CA ASN D 186 6.46 -13.04 39.45
C ASN D 186 5.13 -13.26 40.17
N TYR D 187 4.01 -12.84 39.59
CA TYR D 187 2.72 -12.91 40.25
C TYR D 187 1.79 -13.91 39.59
N LEU D 188 2.35 -14.85 38.83
CA LEU D 188 1.53 -15.84 38.12
C LEU D 188 1.01 -16.91 39.07
N TRP D 189 1.78 -17.24 40.11
CA TRP D 189 1.35 -18.30 41.02
C TRP D 189 0.71 -17.72 42.27
N LYS D 190 1.11 -16.53 42.68
CA LYS D 190 0.58 -15.87 43.87
C LYS D 190 0.16 -14.46 43.50
N PRO D 191 -0.83 -13.90 44.21
CA PRO D 191 -1.24 -12.52 43.92
C PRO D 191 -0.21 -11.51 44.41
N LYS D 192 -0.44 -10.25 44.02
CA LYS D 192 0.52 -9.20 44.30
C LYS D 192 0.57 -8.84 45.78
N GLU D 193 -0.54 -8.34 46.32
CA GLU D 193 -0.64 -7.92 47.72
C GLU D 193 -1.85 -8.61 48.35
N PRO D 194 -1.74 -9.90 48.64
CA PRO D 194 -2.89 -10.63 49.17
C PRO D 194 -3.14 -10.30 50.64
N TYR D 195 -4.31 -10.72 51.12
CA TYR D 195 -4.69 -10.53 52.52
C TYR D 195 -4.27 -11.77 53.30
N PHE D 196 -3.02 -12.17 53.08
CA PHE D 196 -2.41 -13.32 53.74
C PHE D 196 -0.90 -13.12 53.72
N PRO D 197 -0.19 -13.64 54.73
CA PRO D 197 1.27 -13.54 54.73
C PRO D 197 1.92 -14.47 53.72
N LEU D 198 2.76 -13.90 52.88
CA LEU D 198 3.47 -14.66 51.86
C LEU D 198 4.53 -15.54 52.51
N ASN D 199 4.78 -16.69 51.90
CA ASN D 199 5.77 -17.63 52.41
C ASN D 199 6.52 -18.24 51.24
N GLU D 200 7.85 -18.27 51.37
CA GLU D 200 8.68 -18.84 50.32
C GLU D 200 8.51 -20.35 50.24
N ARG D 201 8.25 -21.00 51.39
CA ARG D 201 8.05 -22.44 51.40
C ARG D 201 6.76 -22.83 50.69
N THR D 202 5.71 -22.05 50.87
CA THR D 202 4.41 -22.38 50.30
C THR D 202 4.36 -22.06 48.81
N THR D 203 3.92 -23.04 48.02
CA THR D 203 3.65 -22.83 46.61
C THR D 203 2.16 -22.71 46.31
N TYR D 204 1.32 -22.68 47.34
CA TYR D 204 -0.12 -22.48 47.20
C TYR D 204 -0.56 -21.36 48.12
N HIS D 205 -1.63 -20.68 47.73
CA HIS D 205 -2.08 -19.50 48.45
C HIS D 205 -3.61 -19.46 48.47
N LEU D 206 -4.17 -19.16 49.64
CA LEU D 206 -5.61 -19.01 49.76
C LEU D 206 -6.05 -17.62 49.30
N LEU D 207 -7.25 -17.53 48.74
CA LEU D 207 -7.78 -16.29 48.18
C LEU D 207 -9.20 -16.07 48.72
N HIS D 208 -9.31 -15.24 49.77
CA HIS D 208 -10.57 -15.03 50.47
C HIS D 208 -11.29 -13.80 49.93
N GLU D 209 -11.47 -13.78 48.61
CA GLU D 209 -12.31 -12.79 47.93
C GLU D 209 -11.78 -11.36 48.08
N SER D 210 -10.64 -11.20 48.74
CA SER D 210 -10.13 -9.86 49.01
C SER D 210 -9.29 -9.34 47.85
N ASP D 211 -8.68 -10.25 47.09
CA ASP D 211 -7.79 -9.84 46.00
C ASP D 211 -8.59 -9.36 44.79
N ARG D 212 -9.91 -9.57 44.80
CA ARG D 212 -10.80 -9.10 43.74
C ARG D 212 -10.50 -9.77 42.41
N ILE D 213 -9.68 -10.82 42.43
CA ILE D 213 -9.33 -11.52 41.20
C ILE D 213 -10.52 -12.35 40.73
N GLN D 214 -10.46 -12.78 39.47
CA GLN D 214 -11.55 -13.56 38.91
C GLN D 214 -11.41 -15.03 39.27
N SER D 215 -12.49 -15.61 39.78
CA SER D 215 -12.58 -17.05 40.03
C SER D 215 -13.87 -17.62 39.47
N LEU D 216 -14.37 -17.09 38.35
CA LEU D 216 -15.68 -17.44 37.85
C LEU D 216 -15.76 -18.93 37.54
N SER D 217 -16.78 -19.58 38.06
CA SER D 217 -16.92 -21.03 37.94
C SER D 217 -17.60 -21.40 36.63
N VAL D 218 -17.98 -22.66 36.52
CA VAL D 218 -18.62 -23.18 35.30
C VAL D 218 -20.00 -22.56 35.12
N PRO D 219 -20.27 -21.96 33.96
CA PRO D 219 -21.64 -21.54 33.66
C PRO D 219 -22.54 -22.74 33.43
N GLY D 220 -23.81 -22.61 33.81
CA GLY D 220 -24.77 -23.66 33.52
C GLY D 220 -25.01 -23.81 32.02
N TYR D 221 -25.19 -22.69 31.33
CA TYR D 221 -25.46 -22.73 29.90
C TYR D 221 -24.30 -23.34 29.14
N TRP D 222 -23.08 -23.14 29.63
CA TRP D 222 -21.90 -23.72 29.00
C TRP D 222 -21.76 -25.21 29.30
N SER D 223 -22.40 -25.71 30.36
CA SER D 223 -22.24 -27.11 30.73
C SER D 223 -23.06 -28.03 29.83
N THR D 224 -24.26 -27.60 29.44
CA THR D 224 -25.15 -28.47 28.67
C THR D 224 -24.55 -28.96 27.35
N PRO D 225 -23.98 -28.10 26.48
CA PRO D 225 -23.43 -28.65 25.22
C PRO D 225 -22.30 -29.63 25.44
N LEU D 226 -21.44 -29.39 26.41
CA LEU D 226 -20.36 -30.33 26.72
C LEU D 226 -20.88 -31.63 27.31
N GLU D 227 -21.87 -31.56 28.21
CA GLU D 227 -22.44 -32.76 28.80
C GLU D 227 -22.98 -33.70 27.73
N LYS D 228 -23.45 -33.13 26.62
CA LYS D 228 -23.94 -33.94 25.50
C LYS D 228 -22.84 -34.78 24.86
N LEU D 229 -21.60 -34.29 24.81
CA LEU D 229 -20.52 -35.08 24.23
C LEU D 229 -20.22 -36.33 25.06
N TYR D 230 -20.35 -36.25 26.38
CA TYR D 230 -20.03 -37.39 27.21
C TYR D 230 -21.07 -38.50 27.14
N LEU D 231 -22.35 -38.18 26.96
CA LEU D 231 -23.32 -39.22 26.65
C LEU D 231 -23.03 -39.88 25.32
N SER D 232 -22.27 -39.22 24.44
CA SER D 232 -21.84 -39.80 23.19
C SER D 232 -20.44 -40.39 23.25
N HIS D 233 -19.76 -40.29 24.39
CA HIS D 233 -18.40 -40.81 24.49
C HIS D 233 -18.39 -42.32 24.62
N LYS D 234 -19.33 -42.89 25.36
CA LYS D 234 -19.31 -44.31 25.68
C LYS D 234 -20.15 -45.16 24.73
N ASN D 235 -21.27 -44.63 24.24
CA ASN D 235 -22.15 -45.38 23.36
C ASN D 235 -21.82 -45.20 21.87
N ALA D 236 -20.76 -44.45 21.56
CA ALA D 236 -20.40 -44.25 20.17
C ALA D 236 -19.94 -45.54 19.51
N ALA D 237 -19.29 -46.41 20.27
CA ALA D 237 -18.74 -47.69 19.83
C ALA D 237 -17.70 -47.52 18.73
N TYR D 238 -17.10 -46.34 18.61
CA TYR D 238 -16.10 -46.09 17.59
C TYR D 238 -15.21 -44.94 18.05
N ASP D 239 -14.09 -44.78 17.36
CA ASP D 239 -13.17 -43.69 17.68
C ASP D 239 -13.86 -42.35 17.50
N THR D 240 -13.70 -41.48 18.49
CA THR D 240 -14.33 -40.16 18.51
C THR D 240 -13.26 -39.09 18.36
N ARG D 241 -13.38 -38.29 17.31
CA ARG D 241 -12.46 -37.19 17.04
C ARG D 241 -13.19 -35.87 17.24
N ILE D 242 -12.59 -34.97 18.00
CA ILE D 242 -13.21 -33.71 18.36
C ILE D 242 -12.35 -32.56 17.86
N MET D 243 -12.98 -31.59 17.20
CA MET D 243 -12.39 -30.28 16.96
C MET D 243 -13.15 -29.23 17.75
N VAL D 244 -12.45 -28.21 18.19
CA VAL D 244 -13.05 -27.03 18.81
C VAL D 244 -12.51 -25.79 18.12
N ILE D 245 -13.41 -24.85 17.83
CA ILE D 245 -13.06 -23.68 17.04
C ILE D 245 -13.38 -22.42 17.84
N GLY D 246 -12.42 -21.52 17.91
CA GLY D 246 -12.61 -20.27 18.62
C GLY D 246 -11.32 -19.47 18.64
N GLY D 247 -11.46 -18.18 18.41
CA GLY D 247 -10.30 -17.30 18.42
C GLY D 247 -9.79 -17.05 19.82
N LYS D 248 -8.76 -16.22 19.91
CA LYS D 248 -8.31 -15.76 21.21
C LYS D 248 -9.43 -14.99 21.91
N ASN D 249 -9.51 -15.16 23.22
CA ASN D 249 -10.53 -14.63 24.13
C ASN D 249 -11.83 -15.43 24.07
N SER D 250 -11.87 -16.54 23.32
CA SER D 250 -13.12 -17.30 23.20
C SER D 250 -13.30 -18.26 24.37
N GLY D 251 -12.20 -18.82 24.87
CA GLY D 251 -12.30 -19.84 25.91
C GLY D 251 -12.19 -21.26 25.41
N LYS D 252 -11.51 -21.47 24.28
CA LYS D 252 -11.34 -22.81 23.72
C LYS D 252 -10.51 -23.70 24.62
N SER D 253 -9.43 -23.16 25.18
CA SER D 253 -8.49 -23.96 25.97
C SER D 253 -9.17 -24.53 27.22
N THR D 254 -10.01 -23.72 27.87
CA THR D 254 -10.71 -24.21 29.05
C THR D 254 -11.65 -25.35 28.70
N PHE D 255 -12.35 -25.24 27.58
CA PHE D 255 -13.27 -26.30 27.16
C PHE D 255 -12.51 -27.59 26.91
N LEU D 256 -11.39 -27.52 26.19
CA LEU D 256 -10.62 -28.73 25.96
C LEU D 256 -10.05 -29.28 27.27
N ARG D 257 -9.61 -28.40 28.17
CA ARG D 257 -9.13 -28.89 29.46
C ARG D 257 -10.21 -29.69 30.16
N LEU D 258 -11.43 -29.15 30.25
CA LEU D 258 -12.52 -29.83 30.93
C LEU D 258 -12.82 -31.18 30.27
N LEU D 259 -12.86 -31.20 28.94
CA LEU D 259 -12.98 -32.47 28.24
C LEU D 259 -11.90 -33.43 28.67
N LEU D 260 -10.66 -32.96 28.78
CA LEU D 260 -9.55 -33.82 29.14
C LEU D 260 -9.73 -34.42 30.53
N GLU D 261 -10.02 -33.57 31.53
CA GLU D 261 -10.10 -34.15 32.87
C GLU D 261 -11.24 -35.14 32.95
N LYS D 262 -12.41 -34.81 32.39
CA LYS D 262 -13.52 -35.71 32.64
C LYS D 262 -13.40 -36.97 31.77
N PHE D 263 -12.74 -36.87 30.61
CA PHE D 263 -12.40 -38.06 29.83
C PHE D 263 -11.46 -38.98 30.60
N THR D 264 -10.43 -38.40 31.23
CA THR D 264 -9.47 -39.22 31.96
C THR D 264 -10.10 -39.80 33.22
N GLN D 265 -11.06 -39.09 33.80
CA GLN D 265 -11.84 -39.67 34.89
C GLN D 265 -12.67 -40.84 34.40
N ASP D 266 -13.29 -40.70 33.23
CA ASP D 266 -14.11 -41.78 32.68
C ASP D 266 -13.28 -43.01 32.37
N ILE D 267 -12.11 -42.82 31.74
CA ILE D 267 -11.31 -43.98 31.34
C ILE D 267 -10.76 -44.70 32.57
N ARG D 268 -10.44 -43.95 33.62
CA ARG D 268 -10.06 -44.59 34.88
C ARG D 268 -11.24 -45.35 35.47
N ASP D 269 -12.43 -44.75 35.41
CA ASP D 269 -13.63 -45.41 35.91
C ASP D 269 -13.94 -46.67 35.12
N SER D 270 -13.84 -46.60 33.80
CA SER D 270 -14.18 -47.73 32.95
C SER D 270 -13.06 -48.76 32.97
N THR D 271 -13.39 -49.99 33.32
CA THR D 271 -12.43 -51.10 33.35
C THR D 271 -12.98 -52.25 32.53
N THR D 272 -12.20 -52.71 31.56
CA THR D 272 -10.90 -52.11 31.26
C THR D 272 -10.97 -51.34 29.94
N SER D 273 -10.60 -50.07 29.98
CA SER D 273 -10.63 -49.21 28.80
C SER D 273 -9.20 -48.85 28.42
N GLN D 274 -8.81 -49.22 27.20
CA GLN D 274 -7.50 -48.88 26.65
C GLN D 274 -7.57 -47.68 25.72
N GLU D 275 -8.72 -47.02 25.61
CA GLU D 275 -8.90 -45.89 24.71
C GLU D 275 -8.21 -44.66 25.28
N GLU D 276 -6.87 -44.71 25.25
CA GLU D 276 -6.04 -43.61 25.75
C GLU D 276 -6.16 -42.45 24.77
N LEU D 277 -6.73 -41.35 25.25
CA LEU D 277 -7.00 -40.21 24.38
C LEU D 277 -5.72 -39.51 23.97
N VAL D 278 -5.73 -38.94 22.77
CA VAL D 278 -4.57 -38.28 22.17
C VAL D 278 -4.91 -36.83 21.92
N TYR D 279 -4.07 -35.93 22.40
CA TYR D 279 -4.26 -34.49 22.21
C TYR D 279 -3.36 -34.04 21.07
N LEU D 280 -3.93 -33.37 20.09
CA LEU D 280 -3.21 -33.05 18.87
C LEU D 280 -3.14 -31.51 18.78
N ASP D 281 -2.16 -30.93 19.44
CA ASP D 281 -1.99 -29.49 19.49
C ASP D 281 -1.53 -29.00 18.13
N LEU D 282 -2.40 -28.23 17.47
CA LEU D 282 -2.12 -27.59 16.18
C LEU D 282 -2.09 -26.07 16.30
N ASP D 283 -1.86 -25.55 17.50
CA ASP D 283 -1.95 -24.12 17.76
C ASP D 283 -0.60 -23.58 18.19
N PRO D 284 0.25 -23.11 17.27
CA PRO D 284 1.50 -22.47 17.69
C PRO D 284 1.28 -21.15 18.42
N GLY D 285 0.10 -20.55 18.27
CA GLY D 285 -0.16 -19.27 18.93
C GLY D 285 -0.20 -19.38 20.44
N GLN D 286 -0.91 -20.39 20.96
CA GLN D 286 -0.98 -20.67 22.39
C GLN D 286 -0.69 -22.14 22.64
N PRO D 287 0.59 -22.51 22.74
CA PRO D 287 0.93 -23.90 23.01
C PRO D 287 0.17 -24.44 24.22
N GLU D 288 -0.32 -25.67 24.07
CA GLU D 288 -0.78 -26.49 25.17
C GLU D 288 -0.36 -27.91 24.88
N TYR D 289 0.46 -28.48 25.75
CA TYR D 289 1.07 -29.81 25.61
C TYR D 289 2.18 -29.85 24.57
N SER D 290 2.79 -28.72 24.23
CA SER D 290 3.76 -28.68 23.14
C SER D 290 4.86 -27.68 23.44
N LEU D 291 5.98 -27.83 22.73
CA LEU D 291 7.13 -26.94 22.80
C LEU D 291 6.80 -25.60 22.17
N PRO D 292 7.52 -24.53 22.51
CA PRO D 292 7.19 -23.20 21.95
C PRO D 292 7.29 -23.18 20.44
N ASP D 293 6.34 -22.47 19.81
CA ASP D 293 6.27 -22.35 18.36
C ASP D 293 6.34 -23.71 17.69
N SER D 294 5.62 -24.69 18.22
CA SER D 294 5.69 -26.05 17.73
C SER D 294 4.29 -26.65 17.67
N ILE D 295 4.20 -27.77 16.97
CA ILE D 295 2.97 -28.52 16.74
C ILE D 295 3.21 -29.93 17.23
N SER D 296 2.27 -30.50 17.98
CA SER D 296 2.58 -31.75 18.66
C SER D 296 1.38 -32.67 18.76
N LEU D 297 1.55 -33.92 18.31
CA LEU D 297 0.60 -34.98 18.62
C LEU D 297 1.11 -35.72 19.85
N ASN D 298 0.32 -35.74 20.92
CA ASN D 298 0.77 -36.13 22.24
C ASN D 298 -0.18 -37.15 22.83
N LYS D 299 0.39 -38.13 23.53
CA LYS D 299 -0.40 -39.10 24.27
C LYS D 299 -0.71 -38.56 25.65
N ILE D 300 -1.96 -38.69 26.07
CA ILE D 300 -2.39 -38.17 27.36
C ILE D 300 -2.64 -39.33 28.32
N LEU D 301 -1.81 -39.43 29.35
CA LEU D 301 -1.95 -40.50 30.33
C LEU D 301 -2.21 -39.94 31.72
N SER D 303 -3.35 -41.17 34.89
CA SER D 303 -2.53 -41.25 36.09
C SER D 303 -1.07 -40.90 35.79
N PRO D 304 -0.50 -39.99 36.59
CA PRO D 304 -1.11 -39.31 37.74
C PRO D 304 -2.06 -38.19 37.33
N ILE D 305 -2.84 -37.69 38.29
CA ILE D 305 -3.85 -36.68 38.00
C ILE D 305 -3.16 -35.33 37.85
N SER D 306 -3.46 -34.63 36.77
CA SER D 306 -2.95 -33.28 36.55
C SER D 306 -4.03 -32.44 35.90
N LEU D 307 -4.21 -31.21 36.40
CA LEU D 307 -5.29 -30.35 35.96
C LEU D 307 -5.12 -28.97 36.60
N GLY D 308 -5.53 -27.94 35.87
CA GLY D 308 -5.97 -28.05 34.49
C GLY D 308 -5.08 -27.37 33.48
N GLN D 309 -4.51 -26.23 33.87
CA GLN D 309 -3.67 -25.42 33.01
C GLN D 309 -2.29 -25.33 33.63
N HIS D 310 -1.33 -26.03 33.05
CA HIS D 310 0.02 -26.10 33.60
C HIS D 310 1.06 -25.38 32.77
N LEU D 311 0.66 -24.64 31.74
CA LEU D 311 1.59 -23.87 30.91
C LEU D 311 2.67 -24.76 30.30
N CYS D 312 2.26 -25.94 29.82
CA CYS D 312 3.09 -26.93 29.15
C CYS D 312 4.11 -27.58 30.08
N GLN D 313 4.08 -27.29 31.38
CA GLN D 313 5.03 -27.83 32.34
C GLN D 313 4.48 -29.04 33.08
N GLY D 314 3.32 -29.55 32.70
CA GLY D 314 2.61 -30.52 33.53
C GLY D 314 3.32 -31.84 33.66
N SER D 315 3.91 -32.32 32.57
CA SER D 315 4.51 -33.66 32.51
C SER D 315 3.46 -34.74 32.77
N ASN D 316 2.22 -34.46 32.38
CA ASN D 316 1.15 -35.45 32.39
C ASN D 316 0.94 -36.08 31.02
N PHE D 317 1.79 -35.74 30.05
CA PHE D 317 1.63 -36.19 28.68
C PHE D 317 2.95 -36.69 28.13
N GLN D 318 2.87 -37.61 27.18
CA GLN D 318 4.03 -38.12 26.46
C GLN D 318 3.90 -37.73 25.00
N THR D 319 4.90 -37.02 24.48
CA THR D 319 4.85 -36.47 23.13
C THR D 319 5.13 -37.57 22.12
N LEU D 320 4.11 -37.92 21.34
CA LEU D 320 4.28 -38.97 20.33
C LEU D 320 5.05 -38.45 19.12
N LEU D 321 4.75 -37.24 18.67
CA LEU D 321 5.43 -36.66 17.53
C LEU D 321 5.31 -35.15 17.59
N GLN D 322 6.28 -34.45 17.02
CA GLN D 322 6.24 -33.00 17.02
C GLN D 322 6.93 -32.46 15.77
N PHE D 323 6.55 -31.24 15.42
CA PHE D 323 7.10 -30.52 14.28
C PHE D 323 7.30 -29.08 14.71
N TYR D 324 8.23 -28.40 14.05
CA TYR D 324 8.61 -27.05 14.44
C TYR D 324 8.09 -26.07 13.40
N ALA D 325 6.94 -25.45 13.69
CA ALA D 325 6.43 -24.41 12.81
C ALA D 325 7.32 -23.18 12.83
N GLY D 326 7.95 -22.90 13.97
CA GLY D 326 8.90 -21.83 14.07
C GLY D 326 8.34 -20.44 14.17
N SER D 327 7.04 -20.29 14.39
CA SER D 327 6.43 -18.99 14.53
C SER D 327 5.16 -19.13 15.36
N SER D 328 4.71 -18.01 15.92
CA SER D 328 3.51 -17.97 16.74
C SER D 328 2.25 -17.77 15.92
N SER D 329 2.37 -17.77 14.59
CA SER D 329 1.23 -17.59 13.72
C SER D 329 1.42 -18.41 12.45
N PRO D 330 0.49 -19.31 12.14
CA PRO D 330 0.56 -20.01 10.86
C PRO D 330 0.49 -19.10 9.64
N GLN D 331 0.09 -17.83 9.82
CA GLN D 331 -0.05 -16.93 8.69
C GLN D 331 1.26 -16.77 7.91
N ASP D 332 2.39 -16.83 8.62
CA ASP D 332 3.67 -16.64 7.95
C ASP D 332 3.94 -17.73 6.93
N GLU D 333 3.67 -18.98 7.28
CA GLU D 333 3.87 -20.14 6.40
C GLU D 333 2.59 -20.96 6.38
N PRO D 334 1.59 -20.55 5.61
CA PRO D 334 0.30 -21.25 5.65
C PRO D 334 0.36 -22.69 5.18
N THR D 335 0.88 -22.96 3.97
CA THR D 335 0.85 -24.33 3.48
C THR D 335 1.89 -25.19 4.18
N SER D 336 2.97 -24.58 4.65
CA SER D 336 3.94 -25.32 5.46
C SER D 336 3.31 -25.81 6.75
N TYR D 337 2.55 -24.93 7.42
CA TYR D 337 1.82 -25.36 8.61
C TYR D 337 0.76 -26.39 8.25
N LEU D 338 0.08 -26.21 7.12
CA LEU D 338 -0.90 -27.20 6.67
C LEU D 338 -0.23 -28.52 6.32
N ASN D 339 0.95 -28.46 5.70
CA ASN D 339 1.69 -29.70 5.41
C ASN D 339 2.08 -30.42 6.71
N CYS D 340 2.54 -29.66 7.70
CA CYS D 340 2.88 -30.26 8.99
C CYS D 340 1.67 -30.86 9.67
N ALA D 341 0.53 -30.17 9.60
CA ALA D 341 -0.70 -30.70 10.18
C ALA D 341 -1.14 -31.97 9.48
N ASP D 342 -1.01 -32.00 8.13
CA ASP D 342 -1.34 -33.21 7.39
C ASP D 342 -0.44 -34.36 7.79
N LYS D 343 0.86 -34.09 7.94
CA LYS D 343 1.78 -35.14 8.37
C LYS D 343 1.44 -35.63 9.77
N LEU D 344 1.04 -34.72 10.66
CA LEU D 344 0.74 -35.11 12.03
C LEU D 344 -0.54 -35.94 12.11
N ILE D 345 -1.60 -35.51 11.40
CA ILE D 345 -2.86 -36.24 11.44
C ILE D 345 -2.69 -37.63 10.83
N ASP D 346 -1.93 -37.73 9.74
CA ASP D 346 -1.68 -39.04 9.14
C ASP D 346 -0.96 -39.99 10.08
N HIS D 347 -0.20 -39.47 11.05
CA HIS D 347 0.43 -40.33 12.04
C HIS D 347 -0.61 -41.04 12.90
N LEU D 348 -1.80 -40.42 13.03
CA LEU D 348 -2.86 -41.06 13.81
C LEU D 348 -3.35 -42.34 13.13
N GLU D 349 -3.57 -42.30 11.82
CA GLU D 349 -3.93 -43.50 11.09
C GLU D 349 -2.74 -44.44 10.90
N GLU D 350 -1.51 -43.90 10.92
CA GLU D 350 -0.33 -44.76 10.83
C GLU D 350 -0.26 -45.73 11.99
N GLN D 351 -0.56 -45.25 13.20
CA GLN D 351 -0.58 -46.11 14.37
C GLN D 351 -1.91 -46.84 14.54
N ALA D 352 -2.89 -46.54 13.70
CA ALA D 352 -4.20 -47.20 13.71
C ALA D 352 -4.87 -47.07 15.08
N PHE D 353 -4.71 -45.90 15.69
CA PHE D 353 -5.33 -45.65 16.98
C PHE D 353 -6.85 -45.55 16.84
N PHE D 354 -7.54 -46.11 17.84
CA PHE D 354 -9.00 -46.05 17.89
C PHE D 354 -9.40 -45.66 19.30
N GLY D 355 -10.14 -44.57 19.43
CA GLY D 355 -10.55 -44.06 20.72
C GLY D 355 -10.70 -42.56 20.66
N THR D 356 -10.80 -41.96 21.83
CA THR D 356 -10.95 -40.51 21.93
C THR D 356 -9.68 -39.82 21.43
N SER D 357 -9.85 -38.69 20.75
CA SER D 357 -8.73 -37.86 20.34
C SER D 357 -9.23 -36.44 20.12
N LEU D 358 -8.43 -35.48 20.55
CA LEU D 358 -8.81 -34.08 20.53
C LEU D 358 -7.78 -33.28 19.74
N LEU D 359 -8.19 -32.09 19.31
CA LEU D 359 -7.23 -31.14 18.75
C LEU D 359 -7.85 -29.75 18.74
N ASN D 360 -7.01 -28.75 18.97
CA ASN D 360 -7.41 -27.35 18.90
C ASN D 360 -6.72 -26.68 17.72
N LEU D 361 -7.51 -26.15 16.81
CA LEU D 361 -6.98 -25.39 15.71
C LEU D 361 -6.76 -23.94 16.15
N PRO D 362 -5.83 -23.24 15.50
CA PRO D 362 -5.66 -21.81 15.80
C PRO D 362 -6.95 -21.07 15.49
N GLY D 363 -7.25 -20.05 16.30
CA GLY D 363 -8.55 -19.40 16.27
C GLY D 363 -9.02 -19.01 14.89
N TRP D 364 -8.38 -18.00 14.29
CA TRP D 364 -8.63 -17.61 12.92
C TRP D 364 -10.11 -17.37 12.66
N ILE D 365 -10.77 -16.70 13.61
CA ILE D 365 -12.19 -16.38 13.45
C ILE D 365 -12.39 -15.41 12.30
N LYS D 366 -11.53 -14.39 12.20
CA LYS D 366 -11.59 -13.43 11.11
C LYS D 366 -10.21 -13.32 10.48
N GLY D 367 -10.16 -13.46 9.16
CA GLY D 367 -8.91 -13.51 8.43
C GLY D 367 -8.89 -14.68 7.48
N PHE D 368 -7.70 -15.15 7.10
CA PHE D 368 -7.59 -16.29 6.21
C PHE D 368 -8.11 -17.57 6.83
N GLY D 369 -8.65 -17.51 8.04
CA GLY D 369 -9.10 -18.71 8.72
C GLY D 369 -10.18 -19.47 7.98
N MET D 370 -11.06 -18.74 7.28
CA MET D 370 -12.06 -19.37 6.44
C MET D 370 -11.41 -20.37 5.49
N GLN D 371 -10.30 -19.97 4.86
CA GLN D 371 -9.63 -20.85 3.91
C GLN D 371 -8.75 -21.87 4.63
N ILE D 372 -8.19 -21.50 5.78
CA ILE D 372 -7.23 -22.38 6.45
C ILE D 372 -7.93 -23.57 7.08
N LEU D 373 -9.19 -23.39 7.51
CA LEU D 373 -9.89 -24.47 8.19
C LEU D 373 -10.57 -25.44 7.23
N ASN D 374 -10.79 -25.03 5.98
CA ASN D 374 -11.49 -25.87 5.02
C ASN D 374 -10.71 -27.11 4.62
N HIS D 375 -9.40 -27.14 4.84
CA HIS D 375 -8.57 -28.29 4.51
C HIS D 375 -8.34 -29.22 5.68
N ILE D 376 -8.18 -28.68 6.89
CA ILE D 376 -7.95 -29.51 8.06
C ILE D 376 -9.24 -30.17 8.57
N ILE D 377 -10.39 -29.49 8.42
CA ILE D 377 -11.66 -30.14 8.72
C ILE D 377 -11.90 -31.29 7.73
N ARG D 378 -11.55 -31.07 6.47
CA ARG D 378 -11.66 -32.13 5.47
C ARG D 378 -10.78 -33.31 5.79
N LYS D 379 -9.61 -33.07 6.39
CA LYS D 379 -8.59 -34.10 6.56
C LYS D 379 -8.77 -34.92 7.83
N TYR D 380 -9.07 -34.26 8.96
CA TYR D 380 -9.08 -34.97 10.24
C TYR D 380 -10.36 -35.75 10.48
N LYS D 381 -11.41 -35.54 9.68
CA LYS D 381 -12.69 -36.22 9.83
C LYS D 381 -13.24 -36.02 11.25
N PRO D 382 -13.63 -34.79 11.62
CA PRO D 382 -14.07 -34.54 13.00
C PRO D 382 -15.48 -35.02 13.28
N THR D 383 -15.64 -35.82 14.33
CA THR D 383 -16.97 -36.25 14.73
C THR D 383 -17.76 -35.15 15.43
N HIS D 384 -17.11 -34.18 16.06
CA HIS D 384 -17.81 -33.12 16.75
C HIS D 384 -17.12 -31.79 16.46
N LEU D 385 -17.76 -30.93 15.69
CA LEU D 385 -17.31 -29.56 15.59
C LEU D 385 -17.91 -28.72 16.72
N LEU D 386 -17.19 -27.69 17.12
CA LEU D 386 -17.60 -26.83 18.21
C LEU D 386 -17.15 -25.40 17.93
N PHE D 387 -18.06 -24.45 18.09
CA PHE D 387 -17.81 -23.05 17.78
C PHE D 387 -18.17 -22.19 18.99
N LEU D 388 -17.40 -21.12 19.20
CA LEU D 388 -17.57 -20.26 20.36
C LEU D 388 -17.60 -18.77 20.01
N GLU D 389 -17.83 -18.41 18.76
CA GLU D 389 -17.72 -17.00 18.36
C GLU D 389 -18.79 -16.15 19.01
N THR D 390 -20.06 -16.57 18.92
CA THR D 390 -21.24 -15.87 19.43
C THR D 390 -21.11 -14.38 19.10
N ALA D 391 -21.01 -13.48 20.08
CA ALA D 391 -20.99 -12.04 19.85
C ALA D 391 -19.59 -11.52 19.50
N ASN D 392 -18.76 -12.38 18.92
CA ASN D 392 -17.40 -11.99 18.54
C ASN D 392 -17.36 -10.77 17.61
N SER D 393 -18.14 -10.73 16.52
CA SER D 393 -19.26 -11.62 16.19
C SER D 393 -18.89 -12.80 15.31
N LYS D 394 -19.93 -13.58 14.97
CA LYS D 394 -19.80 -14.84 14.27
C LYS D 394 -19.92 -14.66 12.75
N ARG D 395 -20.17 -13.43 12.29
CA ARG D 395 -20.48 -13.19 10.89
C ARG D 395 -19.37 -13.66 9.96
N HIS D 396 -18.11 -13.52 10.38
CA HIS D 396 -17.00 -13.91 9.50
C HIS D 396 -16.95 -15.41 9.30
N LEU D 397 -17.01 -16.19 10.38
CA LEU D 397 -16.76 -17.62 10.32
C LEU D 397 -18.09 -18.37 10.19
N ASP D 398 -18.69 -18.26 9.00
CA ASP D 398 -20.00 -18.84 8.74
C ASP D 398 -19.99 -19.84 7.58
N GLU D 399 -19.28 -19.54 6.49
CA GLU D 399 -19.36 -20.38 5.30
C GLU D 399 -18.63 -21.70 5.51
N LEU D 400 -17.75 -21.78 6.51
CA LEU D 400 -16.91 -22.96 6.68
C LEU D 400 -17.75 -24.19 6.99
N THR D 401 -18.81 -24.03 7.79
CA THR D 401 -19.59 -25.20 8.22
C THR D 401 -20.32 -25.83 7.05
N ILE D 402 -20.81 -25.03 6.12
CA ILE D 402 -21.53 -25.55 4.94
C ILE D 402 -20.54 -26.01 3.89
N PRO D 403 -19.55 -25.19 3.53
CA PRO D 403 -18.66 -25.56 2.42
C PRO D 403 -17.65 -26.64 2.77
N GLN D 404 -17.02 -26.55 3.95
CA GLN D 404 -15.92 -27.44 4.31
C GLN D 404 -16.38 -28.75 4.93
N SER D 405 -17.66 -28.90 5.26
CA SER D 405 -18.12 -30.13 5.90
C SER D 405 -17.90 -31.33 4.98
N PHE D 406 -18.25 -31.20 3.70
CA PHE D 406 -18.08 -32.26 2.72
C PHE D 406 -18.68 -33.57 3.19
N SER D 407 -19.90 -33.51 3.74
CA SER D 407 -20.59 -34.67 4.30
C SER D 407 -19.69 -35.22 5.40
N THR D 408 -19.39 -36.52 5.41
CA THR D 408 -18.48 -37.11 6.40
C THR D 408 -17.27 -37.67 5.67
N SER D 409 -16.09 -37.15 6.01
CA SER D 409 -14.87 -37.60 5.36
C SER D 409 -14.58 -39.06 5.67
N LEU D 410 -14.73 -39.46 6.94
CA LEU D 410 -14.43 -40.82 7.34
C LEU D 410 -15.44 -41.80 6.74
N ARG D 411 -14.94 -42.94 6.26
CA ARG D 411 -15.82 -43.97 5.73
C ARG D 411 -16.57 -44.69 6.85
N ASP D 412 -15.95 -44.81 8.02
CA ASP D 412 -16.53 -45.56 9.12
C ASP D 412 -17.38 -44.69 10.04
N ALA D 413 -16.94 -43.48 10.34
CA ALA D 413 -17.70 -42.60 11.23
C ALA D 413 -19.02 -42.21 10.60
N TYR D 414 -18.98 -41.69 9.37
CA TYR D 414 -20.17 -41.32 8.61
C TYR D 414 -21.07 -40.37 9.41
N ALA D 415 -20.45 -39.43 10.12
CA ALA D 415 -21.17 -38.53 10.99
C ALA D 415 -20.48 -37.18 11.03
N PRO D 416 -21.25 -36.16 11.46
CA PRO D 416 -20.74 -34.83 11.67
C PRO D 416 -21.59 -34.13 12.72
N GLU D 417 -21.06 -33.05 13.28
CA GLU D 417 -21.79 -32.27 14.27
C GLU D 417 -21.50 -30.80 14.03
N VAL D 418 -22.53 -29.97 14.19
CA VAL D 418 -22.42 -28.53 14.00
C VAL D 418 -23.23 -27.87 15.11
N VAL D 419 -22.53 -27.32 16.12
CA VAL D 419 -23.19 -26.69 17.26
C VAL D 419 -22.51 -25.36 17.54
N ARG D 420 -23.28 -24.45 18.13
CA ARG D 420 -22.78 -23.14 18.51
C ARG D 420 -23.09 -22.91 19.98
N VAL D 421 -22.12 -22.34 20.70
CA VAL D 421 -22.28 -22.03 22.12
C VAL D 421 -21.86 -20.59 22.33
N PRO D 422 -22.39 -19.96 23.38
CA PRO D 422 -22.06 -18.59 23.73
C PRO D 422 -21.19 -18.61 24.98
N ALA D 423 -19.94 -18.18 24.83
CA ALA D 423 -19.00 -18.19 25.94
C ALA D 423 -17.91 -17.17 25.69
N HIS D 424 -17.77 -16.24 26.63
CA HIS D 424 -16.70 -15.26 26.63
C HIS D 424 -15.95 -15.39 27.95
N SER D 425 -14.92 -16.22 27.97
CA SER D 425 -14.14 -16.46 29.16
C SER D 425 -12.72 -15.95 28.95
N LEU D 426 -12.20 -15.21 29.93
CA LEU D 426 -12.92 -14.96 31.19
C LEU D 426 -13.89 -13.78 31.09
N ASN D 427 -14.76 -13.66 32.09
CA ASN D 427 -15.73 -12.56 32.11
C ASN D 427 -15.03 -11.21 32.16
N HIS D 428 -13.95 -11.11 32.92
CA HIS D 428 -13.16 -9.90 32.96
C HIS D 428 -12.25 -9.83 31.75
N THR D 429 -11.27 -8.93 31.80
CA THR D 429 -10.32 -8.76 30.71
C THR D 429 -9.60 -10.06 30.42
N LEU D 430 -9.38 -10.33 29.12
CA LEU D 430 -8.74 -11.57 28.72
C LEU D 430 -7.31 -11.66 29.25
N SER D 431 -6.58 -10.54 29.22
CA SER D 431 -5.19 -10.56 29.66
C SER D 431 -5.06 -10.94 31.13
N SER D 432 -5.91 -10.37 31.99
CA SER D 432 -5.81 -10.58 33.44
C SER D 432 -4.40 -10.27 33.93
N ARG D 433 -3.82 -9.17 33.42
CA ARG D 433 -2.44 -8.78 33.67
C ARG D 433 -1.46 -9.87 33.21
N PHE D 434 -1.84 -10.60 32.16
CA PHE D 434 -0.97 -11.61 31.55
C PHE D 434 -1.29 -11.68 30.07
N HIS D 435 -0.55 -10.93 29.27
CA HIS D 435 -0.75 -10.93 27.83
C HIS D 435 -0.33 -12.27 27.23
N ALA D 436 -0.88 -12.60 26.07
CA ALA D 436 -0.50 -13.84 25.41
C ALA D 436 0.98 -13.83 25.04
N SER D 437 1.47 -12.70 24.52
CA SER D 437 2.89 -12.59 24.21
C SER D 437 3.75 -12.60 25.47
N GLN D 438 3.24 -11.99 26.55
CA GLN D 438 3.97 -12.02 27.81
C GLN D 438 4.05 -13.44 28.37
N LEU D 439 2.98 -14.21 28.22
CA LEU D 439 2.98 -15.58 28.73
C LEU D 439 3.80 -16.51 27.84
N ARG D 440 3.87 -16.19 26.53
CA ARG D 440 4.65 -17.01 25.61
C ARG D 440 6.13 -17.00 25.94
N THR D 441 6.64 -15.86 26.41
CA THR D 441 8.05 -15.79 26.81
C THR D 441 8.35 -16.69 28.00
N PHE D 442 7.40 -16.80 28.92
CA PHE D 442 7.61 -17.64 30.10
C PHE D 442 7.83 -19.10 29.72
N LYS D 443 7.08 -19.58 28.71
CA LYS D 443 7.21 -20.98 28.33
C LYS D 443 8.59 -21.28 27.76
N ILE D 444 9.12 -20.39 26.91
CA ILE D 444 10.48 -20.56 26.41
C ILE D 444 11.48 -20.52 27.56
N LEU D 445 11.30 -19.55 28.46
CA LEU D 445 12.25 -19.37 29.55
C LEU D 445 12.26 -20.59 30.47
N ALA D 446 11.09 -21.14 30.76
CA ALA D 446 11.00 -22.32 31.61
C ALA D 446 11.53 -23.55 30.89
N LEU D 447 11.35 -23.64 29.57
CA LEU D 447 11.92 -24.75 28.83
C LEU D 447 13.44 -24.74 28.92
N PHE D 448 14.06 -23.57 28.76
CA PHE D 448 15.51 -23.52 28.78
C PHE D 448 16.11 -23.67 30.17
N HIS D 449 15.28 -23.69 31.21
CA HIS D 449 15.76 -23.75 32.59
C HIS D 449 15.26 -24.96 33.34
N LYS D 450 14.81 -26.02 32.66
CA LYS D 450 14.27 -27.18 33.34
C LYS D 450 15.31 -28.29 33.34
N ILE D 451 15.74 -28.71 34.54
CA ILE D 451 16.65 -29.84 34.66
C ILE D 451 15.91 -31.13 34.33
N THR D 452 14.69 -31.29 34.84
CA THR D 452 13.85 -32.44 34.53
C THR D 452 12.41 -32.00 34.68
N GLN D 453 11.50 -32.98 34.65
CA GLN D 453 10.07 -32.66 34.74
C GLN D 453 9.73 -32.00 36.07
N PHE D 454 10.29 -32.51 37.16
CA PHE D 454 9.93 -32.03 38.49
C PHE D 454 10.98 -31.09 39.09
N ASP D 455 12.02 -30.74 38.36
CA ASP D 455 13.07 -29.85 38.88
C ASP D 455 13.23 -28.66 37.94
N TYR D 456 13.44 -27.49 38.53
CA TYR D 456 13.64 -26.25 37.79
C TYR D 456 14.79 -25.48 38.42
N ASP D 457 15.62 -24.87 37.58
CA ASP D 457 16.73 -24.03 38.05
C ASP D 457 16.78 -22.79 37.18
N PHE D 458 16.32 -21.66 37.73
CA PHE D 458 16.11 -20.46 36.94
C PHE D 458 17.27 -19.48 37.03
N ALA D 459 18.48 -19.96 37.30
CA ALA D 459 19.66 -19.12 37.14
C ALA D 459 19.91 -18.89 35.66
N PRO D 460 20.45 -17.73 35.27
CA PRO D 460 20.66 -17.45 33.84
C PRO D 460 21.57 -18.49 33.21
N LEU D 461 21.27 -18.85 31.95
CA LEU D 461 22.09 -19.83 31.26
C LEU D 461 23.48 -19.32 30.97
N LEU D 462 23.71 -18.01 31.07
CA LEU D 462 25.06 -17.50 30.89
C LEU D 462 26.01 -18.11 31.92
N LYS D 463 25.51 -18.32 33.14
CA LYS D 463 26.27 -19.08 34.13
C LYS D 463 26.45 -20.53 33.70
N SER D 464 25.40 -21.14 33.16
CA SER D 464 25.45 -22.55 32.78
C SER D 464 26.35 -22.76 31.58
N ALA D 465 27.01 -23.91 31.57
CA ALA D 465 27.85 -24.28 30.44
C ALA D 465 27.01 -24.53 29.20
N PRO D 466 27.47 -24.03 28.05
CA PRO D 466 26.80 -24.22 26.78
C PRO D 466 27.41 -25.42 26.06
N LEU D 467 26.66 -26.51 25.99
CA LEU D 467 27.18 -27.73 25.37
C LEU D 467 27.30 -27.56 23.86
N GLN D 468 28.45 -27.93 23.34
CA GLN D 468 28.89 -27.55 22.00
C GLN D 468 28.71 -28.70 21.02
N ILE D 469 28.61 -28.36 19.73
CA ILE D 469 28.52 -29.34 18.66
C ILE D 469 29.40 -28.88 17.50
N SER D 470 30.07 -29.81 16.84
CA SER D 470 30.99 -29.50 15.76
C SER D 470 30.27 -29.69 14.42
N TYR D 471 30.15 -28.62 13.65
CA TYR D 471 29.61 -28.73 12.30
C TYR D 471 30.74 -28.73 11.29
N GLY D 472 30.73 -29.72 10.40
CA GLY D 472 31.83 -29.97 9.48
C GLY D 472 31.37 -30.04 8.04
N LYS D 473 32.31 -30.34 7.14
CA LYS D 473 31.97 -30.50 5.73
C LYS D 473 31.68 -31.96 5.39
N GLY D 474 31.88 -32.86 6.36
CA GLY D 474 31.66 -34.28 6.11
C GLY D 474 30.22 -34.62 5.77
N LYS D 475 29.32 -34.50 6.74
CA LYS D 475 29.63 -33.99 8.06
C LYS D 475 29.29 -34.96 9.19
N SER D 476 30.00 -34.82 10.30
CA SER D 476 29.67 -35.51 11.54
C SER D 476 29.04 -34.51 12.49
N GLY D 477 27.86 -34.85 13.00
CA GLY D 477 27.09 -33.88 13.75
C GLY D 477 26.23 -33.07 12.80
N ILE D 478 26.49 -31.77 12.70
CA ILE D 478 25.64 -30.90 11.91
C ILE D 478 26.08 -30.92 10.46
N LYS D 479 25.17 -31.36 9.58
CA LYS D 479 25.42 -31.46 8.15
C LYS D 479 24.74 -30.36 7.36
N GLY D 480 23.72 -29.72 7.93
CA GLY D 480 23.02 -28.65 7.22
C GLY D 480 22.42 -27.64 8.17
N ILE D 481 22.31 -26.41 7.68
CA ILE D 481 21.63 -25.32 8.39
C ILE D 481 20.56 -24.78 7.45
N GLN D 482 19.33 -24.67 7.97
CA GLN D 482 18.20 -24.22 7.17
C GLN D 482 17.76 -22.84 7.61
N PHE D 483 17.38 -22.01 6.65
CA PHE D 483 16.85 -20.69 6.87
C PHE D 483 15.49 -20.60 6.19
N PRO D 484 14.62 -19.69 6.61
CA PRO D 484 13.38 -19.47 5.88
C PRO D 484 13.67 -19.00 4.46
N MET D 485 12.71 -19.27 3.57
CA MET D 485 12.97 -19.19 2.14
C MET D 485 13.42 -17.79 1.72
N GLU D 486 12.74 -16.75 2.22
CA GLU D 486 13.07 -15.39 1.77
C GLU D 486 14.49 -14.99 2.16
N PHE D 487 15.02 -15.55 3.25
CA PHE D 487 16.45 -15.40 3.56
C PHE D 487 17.26 -16.57 3.03
N GLN D 488 17.08 -16.87 1.74
CA GLN D 488 17.87 -17.90 1.09
C GLN D 488 19.06 -17.35 0.32
N ASP D 489 19.07 -16.05 0.01
CA ASP D 489 20.22 -15.40 -0.61
C ASP D 489 20.82 -14.47 0.43
N LEU D 490 21.84 -14.95 1.14
CA LEU D 490 22.42 -14.22 2.26
C LEU D 490 23.93 -14.27 2.15
N ASN D 491 24.57 -13.20 2.59
CA ASN D 491 26.02 -13.11 2.49
C ASN D 491 26.66 -14.12 3.44
N PRO D 492 27.66 -14.88 2.99
CA PRO D 492 28.34 -15.81 3.91
C PRO D 492 28.96 -15.13 5.12
N GLN D 493 29.39 -13.87 4.98
CA GLN D 493 30.07 -13.20 6.09
C GLN D 493 29.11 -12.91 7.24
N ASP D 494 27.85 -12.60 6.92
CA ASP D 494 26.89 -12.20 7.94
C ASP D 494 26.29 -13.39 8.69
N ILE D 495 26.41 -14.60 8.18
CA ILE D 495 25.76 -15.76 8.78
C ILE D 495 26.19 -15.91 10.24
N LYS D 496 27.48 -15.77 10.50
CA LYS D 496 27.99 -15.91 11.86
C LYS D 496 27.29 -14.95 12.82
N SER D 497 26.98 -13.74 12.35
CA SER D 497 26.32 -12.77 13.21
C SER D 497 24.83 -13.03 13.31
N ALA D 498 24.25 -13.71 12.31
CA ALA D 498 22.81 -13.93 12.30
C ALA D 498 22.41 -15.01 13.29
N LEU D 499 23.22 -16.07 13.41
CA LEU D 499 22.81 -17.21 14.22
C LEU D 499 22.92 -16.93 15.71
N GLU D 500 23.98 -16.23 16.14
CA GLU D 500 24.26 -16.12 17.56
C GLU D 500 23.14 -15.39 18.28
N GLY D 501 22.74 -15.92 19.44
CA GLY D 501 21.65 -15.39 20.23
C GLY D 501 20.29 -15.54 19.59
N THR D 502 20.03 -16.69 18.96
CA THR D 502 18.75 -16.94 18.32
C THR D 502 18.26 -18.33 18.68
N VAL D 503 16.95 -18.45 18.90
CA VAL D 503 16.36 -19.75 19.19
C VAL D 503 16.18 -20.52 17.89
N ILE D 504 16.62 -21.78 17.90
CA ILE D 504 16.66 -22.63 16.71
C ILE D 504 16.06 -23.98 17.05
N GLY D 505 15.77 -24.75 16.01
CA GLY D 505 15.30 -26.11 16.18
C GLY D 505 16.30 -27.13 15.70
N ILE D 506 16.66 -28.07 16.57
CA ILE D 506 17.56 -29.15 16.19
C ILE D 506 16.77 -30.27 15.53
N TYR D 507 17.32 -30.82 14.46
CA TYR D 507 16.63 -31.81 13.66
C TYR D 507 17.57 -32.98 13.39
N THR D 508 16.97 -34.14 13.15
CA THR D 508 17.69 -35.32 12.68
C THR D 508 17.20 -35.68 11.29
N TYR D 509 18.13 -36.11 10.44
CA TYR D 509 17.81 -36.39 9.04
C TYR D 509 16.79 -37.51 8.91
N SER D 510 16.76 -38.44 9.86
CA SER D 510 15.84 -39.58 9.86
C SER D 510 16.14 -40.45 8.64
N GLY D 511 15.27 -40.52 7.65
CA GLY D 511 15.51 -41.44 6.54
C GLY D 511 16.77 -41.10 5.78
N GLU D 512 17.48 -42.14 5.35
CA GLU D 512 18.74 -41.95 4.64
C GLU D 512 18.49 -41.44 3.23
N ASP D 513 19.18 -40.36 2.88
CA ASP D 513 19.09 -39.74 1.56
C ASP D 513 20.36 -38.95 1.32
N SER D 514 20.40 -38.28 0.16
CA SER D 514 21.51 -37.38 -0.13
C SER D 514 21.48 -36.18 0.81
N LEU D 515 22.66 -35.73 1.22
CA LEU D 515 22.75 -34.61 2.14
C LEU D 515 22.21 -33.33 1.52
N GLU D 516 22.66 -33.00 0.31
CA GLU D 516 22.15 -31.86 -0.46
C GLU D 516 22.28 -30.55 0.32
N VAL D 517 23.52 -30.14 0.56
CA VAL D 517 23.81 -28.95 1.36
C VAL D 517 24.82 -28.09 0.63
N LYS D 518 24.65 -26.77 0.71
CA LYS D 518 25.60 -25.84 0.13
C LYS D 518 26.48 -25.22 1.21
N SER D 519 27.73 -24.92 0.85
CA SER D 519 28.72 -24.44 1.79
C SER D 519 28.96 -22.95 1.58
N LEU D 520 28.79 -22.17 2.64
CA LEU D 520 28.99 -20.72 2.60
C LEU D 520 29.82 -20.32 3.82
N ASN D 521 31.08 -19.96 3.59
CA ASN D 521 31.99 -19.56 4.68
C ASN D 521 32.05 -20.63 5.77
N THR D 522 32.15 -21.90 5.34
CA THR D 522 32.16 -23.09 6.19
C THR D 522 30.85 -23.28 6.94
N PHE D 523 29.80 -22.54 6.60
CA PHE D 523 28.48 -22.80 7.16
C PHE D 523 27.67 -23.60 6.18
N PRO D 524 27.36 -24.85 6.48
CA PRO D 524 26.64 -25.69 5.52
C PRO D 524 25.18 -25.29 5.41
N ILE D 525 24.90 -24.25 4.64
CA ILE D 525 23.51 -23.80 4.48
C ILE D 525 22.75 -24.80 3.62
N LEU D 526 21.60 -25.23 4.14
CA LEU D 526 20.77 -26.17 3.40
C LEU D 526 20.12 -25.45 2.21
N GLN D 527 20.28 -26.04 1.03
CA GLN D 527 19.88 -25.42 -0.22
C GLN D 527 18.58 -26.04 -0.71
N SER D 528 17.73 -25.23 -1.32
CA SER D 528 16.43 -25.58 -1.91
C SER D 528 15.43 -26.03 -0.84
N CYS D 529 15.77 -25.95 0.44
CA CYS D 529 14.87 -26.32 1.54
C CYS D 529 14.46 -27.77 1.35
N THR D 530 13.18 -28.06 1.11
CA THR D 530 12.65 -29.43 0.94
C THR D 530 12.97 -30.21 2.21
N SER D 531 13.58 -31.40 2.12
CA SER D 531 13.85 -32.24 3.29
C SER D 531 12.58 -32.46 4.10
N SER D 532 11.59 -33.10 3.46
CA SER D 532 10.32 -33.33 4.13
C SER D 532 10.47 -34.27 5.32
N SER D 533 11.31 -35.30 5.19
CA SER D 533 11.48 -36.30 6.23
C SER D 533 12.57 -35.83 7.20
N LYS D 534 12.14 -35.31 8.35
CA LYS D 534 13.03 -34.86 9.41
C LYS D 534 12.39 -35.15 10.75
N ASN D 535 13.21 -35.23 11.79
CA ASN D 535 12.72 -35.40 13.16
C ASN D 535 13.10 -34.17 13.97
N PHE D 536 12.10 -33.52 14.55
CA PHE D 536 12.32 -32.36 15.41
C PHE D 536 12.50 -32.84 16.84
N ILE D 537 13.65 -32.51 17.44
CA ILE D 537 13.98 -32.96 18.78
C ILE D 537 13.69 -31.90 19.83
N THR D 538 14.34 -30.74 19.73
CA THR D 538 14.21 -29.74 20.78
C THR D 538 14.55 -28.37 20.22
N LEU D 539 14.26 -27.35 21.03
CA LEU D 539 14.72 -26.01 20.72
C LEU D 539 16.17 -25.83 21.15
N GLY D 540 16.83 -24.85 20.57
CA GLY D 540 18.20 -24.54 20.92
C GLY D 540 18.45 -23.05 20.82
N LEU D 541 19.30 -22.56 21.73
CA LEU D 541 19.71 -21.17 21.75
C LEU D 541 21.20 -21.09 21.46
N ILE D 542 21.56 -20.50 20.33
CA ILE D 542 22.95 -20.49 19.87
C ILE D 542 23.70 -19.41 20.64
N HIS D 543 24.77 -19.81 21.32
CA HIS D 543 25.57 -18.84 22.07
C HIS D 543 26.67 -18.24 21.20
N SER D 544 27.50 -19.08 20.58
CA SER D 544 28.64 -18.58 19.83
C SER D 544 29.02 -19.60 18.77
N ILE D 545 29.76 -19.14 17.78
CA ILE D 545 30.23 -19.96 16.67
C ILE D 545 31.73 -19.74 16.52
N ASP D 546 32.49 -20.84 16.45
CA ASP D 546 33.93 -20.78 16.21
C ASP D 546 34.20 -21.37 14.83
N THR D 547 34.48 -20.50 13.86
CA THR D 547 34.70 -20.96 12.49
C THR D 547 36.00 -21.75 12.38
N SER D 548 37.04 -21.31 13.08
CA SER D 548 38.31 -22.03 13.03
C SER D 548 38.18 -23.44 13.59
N GLN D 549 37.51 -23.59 14.73
CA GLN D 549 37.32 -24.92 15.30
C GLN D 549 36.14 -25.63 14.66
N GLN D 550 35.36 -24.93 13.85
CA GLN D 550 34.16 -25.42 13.19
C GLN D 550 33.10 -25.84 14.20
N ILE D 551 33.03 -25.21 15.37
CA ILE D 551 32.09 -25.65 16.38
C ILE D 551 31.06 -24.54 16.68
N MET D 552 30.04 -24.92 17.43
CA MET D 552 29.02 -23.97 17.90
C MET D 552 28.74 -24.30 19.36
N ASN D 553 28.95 -23.29 20.22
CA ASN D 553 28.49 -23.33 21.59
C ASN D 553 27.02 -22.93 21.60
N ILE D 554 26.16 -23.86 22.04
CA ILE D 554 24.72 -23.75 21.83
C ILE D 554 24.02 -24.24 23.08
N TYR D 555 22.92 -23.60 23.44
CA TYR D 555 22.16 -23.97 24.62
C TYR D 555 20.96 -24.83 24.23
N VAL D 556 20.82 -25.97 24.91
CA VAL D 556 19.62 -26.79 24.76
C VAL D 556 19.05 -27.00 26.16
N PRO D 557 17.75 -27.23 26.30
CA PRO D 557 17.18 -27.47 27.62
C PRO D 557 17.79 -28.72 28.26
N PRO D 558 18.18 -28.63 29.52
CA PRO D 558 18.78 -29.80 30.19
C PRO D 558 17.84 -30.98 30.32
N CYS D 559 16.52 -30.77 30.16
CA CYS D 559 15.57 -31.86 30.28
C CYS D 559 15.81 -32.92 29.21
N HIS D 560 16.07 -32.47 27.97
CA HIS D 560 16.25 -33.42 26.88
C HIS D 560 17.52 -34.25 27.05
N THR D 561 18.63 -33.64 27.43
CA THR D 561 19.83 -34.40 27.76
C THR D 561 19.49 -35.49 28.77
N GLN D 562 19.76 -36.74 28.42
CA GLN D 562 20.65 -37.08 27.31
C GLN D 562 19.95 -37.68 26.08
N ILE D 563 18.78 -37.15 25.70
CA ILE D 563 18.15 -37.61 24.46
C ILE D 563 19.07 -37.34 23.28
N LEU D 564 19.73 -36.19 23.29
CA LEU D 564 20.72 -35.90 22.25
C LEU D 564 21.88 -36.89 22.29
N ASP D 565 22.36 -37.22 23.49
CA ASP D 565 23.44 -38.20 23.60
C ASP D 565 22.95 -39.61 23.30
N LYS D 566 21.74 -39.95 23.72
CA LYS D 566 21.17 -41.27 23.45
C LYS D 566 20.60 -41.28 22.03
N GLN D 567 21.53 -41.24 21.07
CA GLN D 567 21.20 -41.12 19.65
C GLN D 567 22.40 -41.60 18.86
N PRO D 568 22.17 -42.28 17.73
CA PRO D 568 23.29 -42.87 16.99
C PRO D 568 24.32 -41.82 16.56
N GLU D 569 25.59 -42.24 16.60
CA GLU D 569 26.69 -41.33 16.29
C GLU D 569 26.65 -40.85 14.85
N ASP D 570 26.25 -41.72 13.93
CA ASP D 570 26.33 -41.39 12.50
C ASP D 570 25.11 -40.59 12.05
N ALA D 571 24.20 -40.28 12.97
CA ALA D 571 23.01 -39.53 12.62
C ALA D 571 23.36 -38.13 12.14
N GLN D 572 22.74 -37.70 11.04
CA GLN D 572 22.92 -36.35 10.55
C GLN D 572 22.00 -35.39 11.30
N TRP D 573 22.50 -34.18 11.54
CA TRP D 573 21.86 -33.20 12.40
C TRP D 573 21.73 -31.88 11.65
N ILE D 574 20.57 -31.25 11.78
CA ILE D 574 20.20 -30.07 11.01
C ILE D 574 19.80 -28.98 11.99
N ILE D 575 20.03 -27.73 11.60
CA ILE D 575 19.62 -26.57 12.38
C ILE D 575 18.62 -25.77 11.55
N VAL D 576 17.44 -25.52 12.10
CA VAL D 576 16.43 -24.73 11.44
C VAL D 576 16.18 -23.48 12.26
N ARG D 577 16.56 -22.32 11.72
CA ARG D 577 16.37 -21.07 12.45
C ARG D 577 15.21 -20.30 11.84
N ASN D 578 14.02 -20.59 12.36
CA ASN D 578 12.84 -19.81 12.01
C ASN D 578 12.59 -18.76 13.08
N LYS D 579 11.62 -17.88 12.83
CA LYS D 579 11.42 -16.69 13.65
C LYS D 579 10.81 -17.06 15.01
N THR D 580 11.68 -17.49 15.91
CA THR D 580 11.34 -17.69 17.31
C THR D 580 12.08 -16.66 18.15
N GLU D 581 11.36 -15.99 19.05
CA GLU D 581 11.91 -14.85 19.77
C GLU D 581 12.58 -15.29 21.05
N THR D 582 13.87 -15.00 21.17
CA THR D 582 14.59 -15.29 22.41
C THR D 582 14.18 -14.31 23.50
N PRO D 583 14.06 -14.79 24.73
CA PRO D 583 13.68 -13.89 25.84
C PRO D 583 14.76 -12.88 26.16
N PHE D 584 14.34 -11.63 26.33
CA PHE D 584 15.29 -10.54 26.56
C PHE D 584 16.05 -10.72 27.88
N CYS D 585 15.35 -11.06 28.96
CA CYS D 585 16.01 -11.21 30.25
C CYS D 585 17.03 -12.34 30.22
N ASP D 586 16.92 -13.22 29.21
CA ASP D 586 17.84 -14.33 29.09
C ASP D 586 18.99 -14.01 28.13
N PHE D 587 18.72 -13.18 27.13
CA PHE D 587 19.76 -12.83 26.16
C PHE D 587 20.90 -12.09 26.83
N LEU D 588 20.58 -11.09 27.65
CA LEU D 588 21.58 -10.37 28.43
C LEU D 588 21.09 -10.30 29.86
N PRO D 589 21.82 -10.83 30.83
CA PRO D 589 21.40 -10.69 32.22
C PRO D 589 21.71 -9.31 32.76
N SER D 590 21.30 -9.03 33.98
CA SER D 590 21.47 -7.74 34.60
C SER D 590 22.34 -7.86 35.85
N PRO D 591 22.79 -6.73 36.40
CA PRO D 591 23.37 -6.76 37.75
C PRO D 591 22.37 -7.35 38.74
N ARG D 592 22.90 -7.83 39.86
CA ARG D 592 22.23 -8.60 40.92
C ARG D 592 21.96 -10.01 40.44
N THR D 593 22.24 -10.29 39.16
CA THR D 593 22.23 -11.65 38.67
C THR D 593 23.63 -12.09 38.28
N ILE D 594 24.27 -11.33 37.39
CA ILE D 594 25.66 -11.58 37.01
C ILE D 594 26.40 -10.25 37.06
N THR D 595 27.56 -10.25 37.72
CA THR D 595 28.42 -9.08 37.80
C THR D 595 29.20 -8.83 36.50
N TRP D 596 29.35 -9.85 35.68
CA TRP D 596 30.07 -9.81 34.40
C TRP D 596 31.51 -9.38 34.67
N ASP D 597 32.16 -8.72 33.72
CA ASP D 597 33.51 -8.18 33.89
C ASP D 597 33.57 -6.82 33.21
N ASP D 598 34.39 -5.93 33.78
CA ASP D 598 34.48 -4.57 33.24
C ASP D 598 35.08 -4.56 31.85
N ASN D 599 36.11 -5.38 31.62
CA ASN D 599 36.79 -5.38 30.33
C ASN D 599 35.93 -5.99 29.23
N ILE D 600 35.09 -6.97 29.59
CA ILE D 600 34.32 -7.69 28.58
C ILE D 600 33.26 -6.78 27.98
N GLN D 601 33.23 -6.74 26.64
CA GLN D 601 32.26 -5.95 25.89
C GLN D 601 31.19 -6.87 25.34
N ILE D 602 29.93 -6.59 25.66
CA ILE D 602 28.81 -7.45 25.30
C ILE D 602 28.38 -7.10 23.87
N PRO D 603 28.29 -8.07 22.96
CA PRO D 603 27.82 -7.78 21.62
C PRO D 603 26.30 -7.89 21.50
N PHE D 604 25.80 -7.36 20.39
CA PHE D 604 24.38 -7.33 20.03
C PHE D 604 23.54 -6.50 21.00
N ALA D 605 24.16 -5.82 21.95
CA ALA D 605 23.45 -4.99 22.91
C ALA D 605 24.15 -3.65 23.00
N THR D 606 23.37 -2.58 23.00
CA THR D 606 23.90 -1.22 23.08
C THR D 606 23.27 -0.50 24.26
N PHE D 607 24.06 0.36 24.89
CA PHE D 607 23.63 1.06 26.10
C PHE D 607 23.40 2.54 25.87
N GLU D 608 23.87 3.09 24.75
CA GLU D 608 23.63 4.50 24.43
C GLU D 608 22.15 4.73 24.18
N ARG D 609 21.68 5.91 24.58
CA ARG D 609 20.29 6.27 24.34
C ARG D 609 19.99 6.29 22.85
N ARG D 610 18.84 5.75 22.48
CA ARG D 610 18.50 5.62 21.06
C ARG D 610 18.36 6.99 20.41
N LYS D 611 18.92 7.13 19.21
CA LYS D 611 18.75 8.37 18.47
C LYS D 611 17.31 8.55 18.06
N LYS D 612 16.91 9.80 17.83
CA LYS D 612 15.56 10.08 17.36
C LYS D 612 15.32 9.34 16.04
N LEU D 613 14.12 8.79 15.90
CA LEU D 613 13.62 8.04 14.75
C LEU D 613 14.13 6.60 14.71
N GLU D 614 14.85 6.13 15.74
CA GLU D 614 15.18 4.71 15.83
C GLU D 614 14.06 3.87 16.40
N HIS D 615 12.83 4.36 16.39
CA HIS D 615 11.71 3.56 16.90
C HIS D 615 11.49 2.35 16.02
N VAL D 616 11.25 1.20 16.65
CA VAL D 616 10.90 0.01 15.90
C VAL D 616 9.42 0.06 15.54
N TRP D 617 9.11 -0.28 14.29
CA TRP D 617 7.72 -0.34 13.85
C TRP D 617 6.98 -1.39 14.65
N LYS D 618 5.79 -1.04 15.11
CA LYS D 618 4.95 -1.97 15.85
C LYS D 618 3.49 -1.83 15.45
#